data_3CBN
# 
_entry.id   3CBN 
# 
_audit_conform.dict_name       mmcif_pdbx.dic 
_audit_conform.dict_version    5.398 
_audit_conform.dict_location   http://mmcif.pdb.org/dictionaries/ascii/mmcif_pdbx.dic 
# 
loop_
_database_2.database_id 
_database_2.database_code 
_database_2.pdbx_database_accession 
_database_2.pdbx_DOI 
PDB   3CBN         pdb_00003cbn 10.2210/pdb3cbn/pdb 
RCSB  RCSB046580   ?            ?                   
WWPDB D_1000046580 ?            ?                   
# 
loop_
_pdbx_audit_revision_history.ordinal 
_pdbx_audit_revision_history.data_content_type 
_pdbx_audit_revision_history.major_revision 
_pdbx_audit_revision_history.minor_revision 
_pdbx_audit_revision_history.revision_date 
1 'Structure model' 1 0 2008-03-04 
2 'Structure model' 1 1 2011-07-13 
3 'Structure model' 1 2 2021-02-03 
4 'Structure model' 1 3 2024-11-13 
# 
_pdbx_audit_revision_details.ordinal             1 
_pdbx_audit_revision_details.revision_ordinal    1 
_pdbx_audit_revision_details.data_content_type   'Structure model' 
_pdbx_audit_revision_details.provider            repository 
_pdbx_audit_revision_details.type                'Initial release' 
_pdbx_audit_revision_details.description         ? 
_pdbx_audit_revision_details.details             ? 
# 
loop_
_pdbx_audit_revision_group.ordinal 
_pdbx_audit_revision_group.revision_ordinal 
_pdbx_audit_revision_group.data_content_type 
_pdbx_audit_revision_group.group 
1 2 'Structure model' 'Source and taxonomy'       
2 2 'Structure model' 'Version format compliance' 
3 3 'Structure model' 'Database references'       
4 3 'Structure model' 'Derived calculations'      
5 3 'Structure model' 'Structure summary'         
6 4 'Structure model' 'Data collection'           
7 4 'Structure model' 'Database references'       
8 4 'Structure model' 'Structure summary'         
# 
loop_
_pdbx_audit_revision_category.ordinal 
_pdbx_audit_revision_category.revision_ordinal 
_pdbx_audit_revision_category.data_content_type 
_pdbx_audit_revision_category.category 
1 3 'Structure model' audit_author              
2 3 'Structure model' citation_author           
3 3 'Structure model' struct_conn               
4 3 'Structure model' struct_ref_seq_dif        
5 4 'Structure model' chem_comp_atom            
6 4 'Structure model' chem_comp_bond            
7 4 'Structure model' database_2                
8 4 'Structure model' pdbx_entry_details        
9 4 'Structure model' pdbx_modification_feature 
# 
loop_
_pdbx_audit_revision_item.ordinal 
_pdbx_audit_revision_item.revision_ordinal 
_pdbx_audit_revision_item.data_content_type 
_pdbx_audit_revision_item.item 
1 3 'Structure model' '_audit_author.identifier_ORCID'      
2 3 'Structure model' '_citation_author.identifier_ORCID'   
3 3 'Structure model' '_struct_conn.pdbx_leaving_atom_flag' 
4 3 'Structure model' '_struct_ref_seq_dif.details'         
5 4 'Structure model' '_database_2.pdbx_DOI'                
6 4 'Structure model' '_database_2.pdbx_database_accession' 
# 
_pdbx_database_status.status_code                     REL 
_pdbx_database_status.entry_id                        3CBN 
_pdbx_database_status.recvd_initial_deposition_date   2008-02-22 
_pdbx_database_status.deposit_site                    RCSB 
_pdbx_database_status.process_site                    RCSB 
_pdbx_database_status.status_code_sf                  REL 
_pdbx_database_status.status_code_mr                  ? 
_pdbx_database_status.SG_entry                        Y 
_pdbx_database_status.pdb_format_compatible           Y 
_pdbx_database_status.status_code_cs                  ? 
_pdbx_database_status.status_code_nmr_data            ? 
_pdbx_database_status.methods_development_category    ? 
# 
_pdbx_database_related.db_name        TargetDB 
_pdbx_database_related.db_id          NYSGXRC-10241d 
_pdbx_database_related.details        . 
_pdbx_database_related.content_type   unspecified 
# 
loop_
_audit_author.name 
_audit_author.pdbx_ordinal 
_audit_author.identifier_ORCID 
'Satyanarayana, L.'                                              1 ?                   
'Eswaramoorthy, S.'                                              2 ?                   
'Burley, S.K.'                                                   3 0000-0002-2487-9713 
'Swaminathan, S.'                                                4 ?                   
'New York SGX Research Center for Structural Genomics (NYSGXRC)' 5 ?                   
# 
_citation.id                        primary 
_citation.title                     'Crystal structure of a conserved protein (MTH639) from Methanobacterium thermoautotrophicum.' 
_citation.journal_abbrev            'To be Published' 
_citation.journal_volume            ? 
_citation.page_first                ? 
_citation.page_last                 ? 
_citation.year                      ? 
_citation.journal_id_ASTM           ? 
_citation.country                   ? 
_citation.journal_id_ISSN           ? 
_citation.journal_id_CSD            0353 
_citation.book_publisher            ? 
_citation.pdbx_database_id_PubMed   ? 
_citation.pdbx_database_id_DOI      ? 
# 
loop_
_citation_author.citation_id 
_citation_author.name 
_citation_author.ordinal 
_citation_author.identifier_ORCID 
primary 'Satyanarayana, L.' 1 ?                   
primary 'Eswaramoorthy, S.' 2 ?                   
primary 'Burley, S.K.'      3 0000-0002-2487-9713 
primary 'Swaminathan, S.'   4 ?                   
# 
loop_
_entity.id 
_entity.type 
_entity.src_method 
_entity.pdbx_description 
_entity.formula_weight 
_entity.pdbx_number_of_molecules 
_entity.pdbx_ec 
_entity.pdbx_mutation 
_entity.pdbx_fragment 
_entity.details 
1 polymer man 'Conserved protein MTH639' 17286.068 1   ? ? 'Residues 22-161' ? 
2 water   nat water                      18.015    126 ? ? ?                 ? 
# 
_entity_poly.entity_id                      1 
_entity_poly.type                           'polypeptide(L)' 
_entity_poly.nstd_linkage                   no 
_entity_poly.nstd_monomer                   yes 
_entity_poly.pdbx_seq_one_letter_code       
;(MSE)SLGVLRYTLRARGHPNVTAGHRTTFEVTVDPEIGETADCIIGVSSSDSISTLPDE(MSE)KRAIARESSLVRVIL
RTENGYDEIRGYGHPELTLDHPTDIVCRKSDYICSRTL(MSE)IRADKAAFDLDENLVRDLRKGRELKVEIIVEYEGHHH
HHH
;
_entity_poly.pdbx_seq_one_letter_code_can   
;MSLGVLRYTLRARGHPNVTAGHRTTFEVTVDPEIGETADCIIGVSSSDSISTLPDEMKRAIARESSLVRVILRTENGYDE
IRGYGHPELTLDHPTDIVCRKSDYICSRTLMIRADKAAFDLDENLVRDLRKGRELKVEIIVEYEGHHHHHH
;
_entity_poly.pdbx_strand_id                 A 
_entity_poly.pdbx_target_identifier         NYSGXRC-10241d 
# 
_pdbx_entity_nonpoly.entity_id   2 
_pdbx_entity_nonpoly.name        water 
_pdbx_entity_nonpoly.comp_id     HOH 
# 
loop_
_entity_poly_seq.entity_id 
_entity_poly_seq.num 
_entity_poly_seq.mon_id 
_entity_poly_seq.hetero 
1 1   MSE n 
1 2   SER n 
1 3   LEU n 
1 4   GLY n 
1 5   VAL n 
1 6   LEU n 
1 7   ARG n 
1 8   TYR n 
1 9   THR n 
1 10  LEU n 
1 11  ARG n 
1 12  ALA n 
1 13  ARG n 
1 14  GLY n 
1 15  HIS n 
1 16  PRO n 
1 17  ASN n 
1 18  VAL n 
1 19  THR n 
1 20  ALA n 
1 21  GLY n 
1 22  HIS n 
1 23  ARG n 
1 24  THR n 
1 25  THR n 
1 26  PHE n 
1 27  GLU n 
1 28  VAL n 
1 29  THR n 
1 30  VAL n 
1 31  ASP n 
1 32  PRO n 
1 33  GLU n 
1 34  ILE n 
1 35  GLY n 
1 36  GLU n 
1 37  THR n 
1 38  ALA n 
1 39  ASP n 
1 40  CYS n 
1 41  ILE n 
1 42  ILE n 
1 43  GLY n 
1 44  VAL n 
1 45  SER n 
1 46  SER n 
1 47  SER n 
1 48  ASP n 
1 49  SER n 
1 50  ILE n 
1 51  SER n 
1 52  THR n 
1 53  LEU n 
1 54  PRO n 
1 55  ASP n 
1 56  GLU n 
1 57  MSE n 
1 58  LYS n 
1 59  ARG n 
1 60  ALA n 
1 61  ILE n 
1 62  ALA n 
1 63  ARG n 
1 64  GLU n 
1 65  SER n 
1 66  SER n 
1 67  LEU n 
1 68  VAL n 
1 69  ARG n 
1 70  VAL n 
1 71  ILE n 
1 72  LEU n 
1 73  ARG n 
1 74  THR n 
1 75  GLU n 
1 76  ASN n 
1 77  GLY n 
1 78  TYR n 
1 79  ASP n 
1 80  GLU n 
1 81  ILE n 
1 82  ARG n 
1 83  GLY n 
1 84  TYR n 
1 85  GLY n 
1 86  HIS n 
1 87  PRO n 
1 88  GLU n 
1 89  LEU n 
1 90  THR n 
1 91  LEU n 
1 92  ASP n 
1 93  HIS n 
1 94  PRO n 
1 95  THR n 
1 96  ASP n 
1 97  ILE n 
1 98  VAL n 
1 99  CYS n 
1 100 ARG n 
1 101 LYS n 
1 102 SER n 
1 103 ASP n 
1 104 TYR n 
1 105 ILE n 
1 106 CYS n 
1 107 SER n 
1 108 ARG n 
1 109 THR n 
1 110 LEU n 
1 111 MSE n 
1 112 ILE n 
1 113 ARG n 
1 114 ALA n 
1 115 ASP n 
1 116 LYS n 
1 117 ALA n 
1 118 ALA n 
1 119 PHE n 
1 120 ASP n 
1 121 LEU n 
1 122 ASP n 
1 123 GLU n 
1 124 ASN n 
1 125 LEU n 
1 126 VAL n 
1 127 ARG n 
1 128 ASP n 
1 129 LEU n 
1 130 ARG n 
1 131 LYS n 
1 132 GLY n 
1 133 ARG n 
1 134 GLU n 
1 135 LEU n 
1 136 LYS n 
1 137 VAL n 
1 138 GLU n 
1 139 ILE n 
1 140 ILE n 
1 141 VAL n 
1 142 GLU n 
1 143 TYR n 
1 144 GLU n 
1 145 GLY n 
1 146 HIS n 
1 147 HIS n 
1 148 HIS n 
1 149 HIS n 
1 150 HIS n 
1 151 HIS n 
# 
_entity_src_gen.entity_id                          1 
_entity_src_gen.pdbx_src_id                        1 
_entity_src_gen.pdbx_alt_source_flag               sample 
_entity_src_gen.pdbx_seq_type                      ? 
_entity_src_gen.pdbx_beg_seq_num                   ? 
_entity_src_gen.pdbx_end_seq_num                   ? 
_entity_src_gen.gene_src_common_name               ? 
_entity_src_gen.gene_src_genus                     Methanothermobacter 
_entity_src_gen.pdbx_gene_src_gene                 MTH639 
_entity_src_gen.gene_src_species                   'Methanothermobacter thermautotrophicus' 
_entity_src_gen.gene_src_strain                    'Delta H' 
_entity_src_gen.gene_src_tissue                    ? 
_entity_src_gen.gene_src_tissue_fraction           ? 
_entity_src_gen.gene_src_details                   ? 
_entity_src_gen.pdbx_gene_src_fragment             ? 
_entity_src_gen.pdbx_gene_src_scientific_name      'Methanothermobacter thermautotrophicus' 
_entity_src_gen.pdbx_gene_src_ncbi_taxonomy_id     187420 
_entity_src_gen.pdbx_gene_src_variant              ? 
_entity_src_gen.pdbx_gene_src_cell_line            ? 
_entity_src_gen.pdbx_gene_src_atcc                 ? 
_entity_src_gen.pdbx_gene_src_organ                ? 
_entity_src_gen.pdbx_gene_src_organelle            ? 
_entity_src_gen.pdbx_gene_src_cell                 ? 
_entity_src_gen.pdbx_gene_src_cellular_location    ? 
_entity_src_gen.host_org_common_name               ? 
_entity_src_gen.pdbx_host_org_scientific_name      'Escherichia coli' 
_entity_src_gen.pdbx_host_org_ncbi_taxonomy_id     562 
_entity_src_gen.host_org_genus                     Escherichia 
_entity_src_gen.pdbx_host_org_gene                 ? 
_entity_src_gen.pdbx_host_org_organ                ? 
_entity_src_gen.host_org_species                   ? 
_entity_src_gen.pdbx_host_org_tissue               ? 
_entity_src_gen.pdbx_host_org_tissue_fraction      ? 
_entity_src_gen.pdbx_host_org_strain               'BL21(DE3)-codon+RIL' 
_entity_src_gen.pdbx_host_org_variant              ? 
_entity_src_gen.pdbx_host_org_cell_line            ? 
_entity_src_gen.pdbx_host_org_atcc                 ? 
_entity_src_gen.pdbx_host_org_culture_collection   ? 
_entity_src_gen.pdbx_host_org_cell                 ? 
_entity_src_gen.pdbx_host_org_organelle            ? 
_entity_src_gen.pdbx_host_org_cellular_location    ? 
_entity_src_gen.pdbx_host_org_vector_type          Plasmid 
_entity_src_gen.pdbx_host_org_vector               ? 
_entity_src_gen.host_org_details                   ? 
_entity_src_gen.expression_system_id               ? 
_entity_src_gen.plasmid_name                       'BC-pSGX3(BC)' 
_entity_src_gen.plasmid_details                    ? 
_entity_src_gen.pdbx_description                   ? 
# 
loop_
_chem_comp.id 
_chem_comp.type 
_chem_comp.mon_nstd_flag 
_chem_comp.name 
_chem_comp.pdbx_synonyms 
_chem_comp.formula 
_chem_comp.formula_weight 
ALA 'L-peptide linking' y ALANINE          ? 'C3 H7 N O2'     89.093  
ARG 'L-peptide linking' y ARGININE         ? 'C6 H15 N4 O2 1' 175.209 
ASN 'L-peptide linking' y ASPARAGINE       ? 'C4 H8 N2 O3'    132.118 
ASP 'L-peptide linking' y 'ASPARTIC ACID'  ? 'C4 H7 N O4'     133.103 
CYS 'L-peptide linking' y CYSTEINE         ? 'C3 H7 N O2 S'   121.158 
GLU 'L-peptide linking' y 'GLUTAMIC ACID'  ? 'C5 H9 N O4'     147.129 
GLY 'peptide linking'   y GLYCINE          ? 'C2 H5 N O2'     75.067  
HIS 'L-peptide linking' y HISTIDINE        ? 'C6 H10 N3 O2 1' 156.162 
HOH non-polymer         . WATER            ? 'H2 O'           18.015  
ILE 'L-peptide linking' y ISOLEUCINE       ? 'C6 H13 N O2'    131.173 
LEU 'L-peptide linking' y LEUCINE          ? 'C6 H13 N O2'    131.173 
LYS 'L-peptide linking' y LYSINE           ? 'C6 H15 N2 O2 1' 147.195 
MSE 'L-peptide linking' n SELENOMETHIONINE ? 'C5 H11 N O2 Se' 196.106 
PHE 'L-peptide linking' y PHENYLALANINE    ? 'C9 H11 N O2'    165.189 
PRO 'L-peptide linking' y PROLINE          ? 'C5 H9 N O2'     115.130 
SER 'L-peptide linking' y SERINE           ? 'C3 H7 N O3'     105.093 
THR 'L-peptide linking' y THREONINE        ? 'C4 H9 N O3'     119.119 
TYR 'L-peptide linking' y TYROSINE         ? 'C9 H11 N O3'    181.189 
VAL 'L-peptide linking' y VALINE           ? 'C5 H11 N O2'    117.146 
# 
loop_
_pdbx_poly_seq_scheme.asym_id 
_pdbx_poly_seq_scheme.entity_id 
_pdbx_poly_seq_scheme.seq_id 
_pdbx_poly_seq_scheme.mon_id 
_pdbx_poly_seq_scheme.ndb_seq_num 
_pdbx_poly_seq_scheme.pdb_seq_num 
_pdbx_poly_seq_scheme.auth_seq_num 
_pdbx_poly_seq_scheme.pdb_mon_id 
_pdbx_poly_seq_scheme.auth_mon_id 
_pdbx_poly_seq_scheme.pdb_strand_id 
_pdbx_poly_seq_scheme.pdb_ins_code 
_pdbx_poly_seq_scheme.hetero 
A 1 1   MSE 1   19  ?   ?   ?   A . n 
A 1 2   SER 2   20  ?   ?   ?   A . n 
A 1 3   LEU 3   21  21  LEU LEU A . n 
A 1 4   GLY 4   22  22  GLY GLY A . n 
A 1 5   VAL 5   23  23  VAL VAL A . n 
A 1 6   LEU 6   24  24  LEU LEU A . n 
A 1 7   ARG 7   25  25  ARG ARG A . n 
A 1 8   TYR 8   26  26  TYR TYR A . n 
A 1 9   THR 9   27  27  THR THR A . n 
A 1 10  LEU 10  28  28  LEU LEU A . n 
A 1 11  ARG 11  29  29  ARG ARG A . n 
A 1 12  ALA 12  30  30  ALA ALA A . n 
A 1 13  ARG 13  31  31  ARG ARG A . n 
A 1 14  GLY 14  32  32  GLY GLY A . n 
A 1 15  HIS 15  33  33  HIS HIS A . n 
A 1 16  PRO 16  34  34  PRO PRO A . n 
A 1 17  ASN 17  35  35  ASN ASN A . n 
A 1 18  VAL 18  36  36  VAL VAL A . n 
A 1 19  THR 19  37  37  THR THR A . n 
A 1 20  ALA 20  38  38  ALA ALA A . n 
A 1 21  GLY 21  39  39  GLY GLY A . n 
A 1 22  HIS 22  40  40  HIS HIS A . n 
A 1 23  ARG 23  41  41  ARG ARG A . n 
A 1 24  THR 24  42  42  THR THR A . n 
A 1 25  THR 25  43  43  THR THR A . n 
A 1 26  PHE 26  44  44  PHE PHE A . n 
A 1 27  GLU 27  45  45  GLU GLU A . n 
A 1 28  VAL 28  46  46  VAL VAL A . n 
A 1 29  THR 29  47  47  THR THR A . n 
A 1 30  VAL 30  48  48  VAL VAL A . n 
A 1 31  ASP 31  49  49  ASP ASP A . n 
A 1 32  PRO 32  50  50  PRO PRO A . n 
A 1 33  GLU 33  51  51  GLU GLU A . n 
A 1 34  ILE 34  52  52  ILE ILE A . n 
A 1 35  GLY 35  53  53  GLY GLY A . n 
A 1 36  GLU 36  54  54  GLU ALA A . n 
A 1 37  THR 37  55  55  THR THR A . n 
A 1 38  ALA 38  56  56  ALA ALA A . n 
A 1 39  ASP 39  57  57  ASP ASP A . n 
A 1 40  CYS 40  58  58  CYS CYS A . n 
A 1 41  ILE 41  59  59  ILE ILE A . n 
A 1 42  ILE 42  60  60  ILE ILE A . n 
A 1 43  GLY 43  61  61  GLY GLY A . n 
A 1 44  VAL 44  62  62  VAL VAL A . n 
A 1 45  SER 45  63  63  SER SER A . n 
A 1 46  SER 46  64  64  SER SER A . n 
A 1 47  SER 47  65  65  SER SER A . n 
A 1 48  ASP 48  66  66  ASP ASP A . n 
A 1 49  SER 49  67  67  SER SER A . n 
A 1 50  ILE 50  68  68  ILE ILE A . n 
A 1 51  SER 51  69  69  SER SER A . n 
A 1 52  THR 52  70  70  THR THR A . n 
A 1 53  LEU 53  71  71  LEU LEU A . n 
A 1 54  PRO 54  72  72  PRO PRO A . n 
A 1 55  ASP 55  73  73  ASP ASP A . n 
A 1 56  GLU 56  74  74  GLU GLU A . n 
A 1 57  MSE 57  75  75  MSE MSE A . n 
A 1 58  LYS 58  76  76  LYS LYS A . n 
A 1 59  ARG 59  77  77  ARG ARG A . n 
A 1 60  ALA 60  78  78  ALA ALA A . n 
A 1 61  ILE 61  79  79  ILE ILE A . n 
A 1 62  ALA 62  80  80  ALA ALA A . n 
A 1 63  ARG 63  81  81  ARG ARG A . n 
A 1 64  GLU 64  82  82  GLU GLU A . n 
A 1 65  SER 65  83  ?   ?   ?   A . n 
A 1 66  SER 66  84  84  SER SER A . n 
A 1 67  LEU 67  85  85  LEU LEU A . n 
A 1 68  VAL 68  86  86  VAL VAL A . n 
A 1 69  ARG 69  87  87  ARG ARG A . n 
A 1 70  VAL 70  88  88  VAL VAL A . n 
A 1 71  ILE 71  89  89  ILE ILE A . n 
A 1 72  LEU 72  90  90  LEU LEU A . n 
A 1 73  ARG 73  91  91  ARG ARG A . n 
A 1 74  THR 74  92  92  THR THR A . n 
A 1 75  GLU 75  93  93  GLU GLU A . n 
A 1 76  ASN 76  94  94  ASN ASN A . n 
A 1 77  GLY 77  95  95  GLY GLY A . n 
A 1 78  TYR 78  96  96  TYR TYR A . n 
A 1 79  ASP 79  97  97  ASP ASP A . n 
A 1 80  GLU 80  98  98  GLU GLU A . n 
A 1 81  ILE 81  99  99  ILE ILE A . n 
A 1 82  ARG 82  100 100 ARG ARG A . n 
A 1 83  GLY 83  101 101 GLY GLY A . n 
A 1 84  TYR 84  102 102 TYR TYR A . n 
A 1 85  GLY 85  103 103 GLY GLY A . n 
A 1 86  HIS 86  104 104 HIS HIS A . n 
A 1 87  PRO 87  105 105 PRO PRO A . n 
A 1 88  GLU 88  106 106 GLU GLU A . n 
A 1 89  LEU 89  107 107 LEU LEU A . n 
A 1 90  THR 90  108 108 THR THR A . n 
A 1 91  LEU 91  109 109 LEU LEU A . n 
A 1 92  ASP 92  110 110 ASP ASP A . n 
A 1 93  HIS 93  111 111 HIS HIS A . n 
A 1 94  PRO 94  112 112 PRO PRO A . n 
A 1 95  THR 95  113 113 THR THR A . n 
A 1 96  ASP 96  114 114 ASP ASP A . n 
A 1 97  ILE 97  115 115 ILE ILE A . n 
A 1 98  VAL 98  116 116 VAL VAL A . n 
A 1 99  CYS 99  117 117 CYS CYS A . n 
A 1 100 ARG 100 118 118 ARG ARG A . n 
A 1 101 LYS 101 119 119 LYS LYS A . n 
A 1 102 SER 102 120 120 SER SER A . n 
A 1 103 ASP 103 121 121 ASP ASP A . n 
A 1 104 TYR 104 122 122 TYR TYR A . n 
A 1 105 ILE 105 123 123 ILE ILE A . n 
A 1 106 CYS 106 124 124 CYS CYS A . n 
A 1 107 SER 107 125 125 SER SER A . n 
A 1 108 ARG 108 126 126 ARG ARG A . n 
A 1 109 THR 109 127 127 THR THR A . n 
A 1 110 LEU 110 128 128 LEU LEU A . n 
A 1 111 MSE 111 129 129 MSE MSE A . n 
A 1 112 ILE 112 130 130 ILE ILE A . n 
A 1 113 ARG 113 131 131 ARG ARG A . n 
A 1 114 ALA 114 132 132 ALA ALA A . n 
A 1 115 ASP 115 133 133 ASP ASP A . n 
A 1 116 LYS 116 134 134 LYS LYS A . n 
A 1 117 ALA 117 135 135 ALA ALA A . n 
A 1 118 ALA 118 136 136 ALA ALA A . n 
A 1 119 PHE 119 137 137 PHE PHE A . n 
A 1 120 ASP 120 138 138 ASP ASP A . n 
A 1 121 LEU 121 139 139 LEU LEU A . n 
A 1 122 ASP 122 140 140 ASP ASP A . n 
A 1 123 GLU 123 141 141 GLU GLU A . n 
A 1 124 ASN 124 142 142 ASN ASN A . n 
A 1 125 LEU 125 143 143 LEU LEU A . n 
A 1 126 VAL 126 144 144 VAL VAL A . n 
A 1 127 ARG 127 145 145 ARG ARG A . n 
A 1 128 ASP 128 146 146 ASP ASP A . n 
A 1 129 LEU 129 147 147 LEU LEU A . n 
A 1 130 ARG 130 148 148 ARG ARG A . n 
A 1 131 LYS 131 149 149 LYS LYS A . n 
A 1 132 GLY 132 150 150 GLY GLY A . n 
A 1 133 ARG 133 151 151 ARG ARG A . n 
A 1 134 GLU 134 152 152 GLU GLU A . n 
A 1 135 LEU 135 153 153 LEU LEU A . n 
A 1 136 LYS 136 154 154 LYS LYS A . n 
A 1 137 VAL 137 155 155 VAL VAL A . n 
A 1 138 GLU 138 156 156 GLU GLU A . n 
A 1 139 ILE 139 157 157 ILE ILE A . n 
A 1 140 ILE 140 158 158 ILE ILE A . n 
A 1 141 VAL 141 159 159 VAL VAL A . n 
A 1 142 GLU 142 160 160 GLU GLU A . n 
A 1 143 TYR 143 161 161 TYR TYR A . n 
A 1 144 GLU 144 162 162 GLU GLU A . n 
A 1 145 GLY 145 163 163 GLY GLY A . n 
A 1 146 HIS 146 164 164 HIS HIS A . n 
A 1 147 HIS 147 165 165 HIS HIS A . n 
A 1 148 HIS 148 166 ?   ?   ?   A . n 
A 1 149 HIS 149 167 ?   ?   ?   A . n 
A 1 150 HIS 150 168 ?   ?   ?   A . n 
A 1 151 HIS 151 169 ?   ?   ?   A . n 
# 
loop_
_pdbx_nonpoly_scheme.asym_id 
_pdbx_nonpoly_scheme.entity_id 
_pdbx_nonpoly_scheme.mon_id 
_pdbx_nonpoly_scheme.ndb_seq_num 
_pdbx_nonpoly_scheme.pdb_seq_num 
_pdbx_nonpoly_scheme.auth_seq_num 
_pdbx_nonpoly_scheme.pdb_mon_id 
_pdbx_nonpoly_scheme.auth_mon_id 
_pdbx_nonpoly_scheme.pdb_strand_id 
_pdbx_nonpoly_scheme.pdb_ins_code 
B 2 HOH 1   170 1   HOH HOH A . 
B 2 HOH 2   171 2   HOH HOH A . 
B 2 HOH 3   172 3   HOH HOH A . 
B 2 HOH 4   173 4   HOH HOH A . 
B 2 HOH 5   174 5   HOH HOH A . 
B 2 HOH 6   175 6   HOH HOH A . 
B 2 HOH 7   176 7   HOH HOH A . 
B 2 HOH 8   177 8   HOH HOH A . 
B 2 HOH 9   178 9   HOH HOH A . 
B 2 HOH 10  179 10  HOH HOH A . 
B 2 HOH 11  180 11  HOH HOH A . 
B 2 HOH 12  181 12  HOH HOH A . 
B 2 HOH 13  182 13  HOH HOH A . 
B 2 HOH 14  183 14  HOH HOH A . 
B 2 HOH 15  184 15  HOH HOH A . 
B 2 HOH 16  185 16  HOH HOH A . 
B 2 HOH 17  186 17  HOH HOH A . 
B 2 HOH 18  187 18  HOH HOH A . 
B 2 HOH 19  188 19  HOH HOH A . 
B 2 HOH 20  189 20  HOH HOH A . 
B 2 HOH 21  190 21  HOH HOH A . 
B 2 HOH 22  191 22  HOH HOH A . 
B 2 HOH 23  192 23  HOH HOH A . 
B 2 HOH 24  193 24  HOH HOH A . 
B 2 HOH 25  194 25  HOH HOH A . 
B 2 HOH 26  195 26  HOH HOH A . 
B 2 HOH 27  196 27  HOH HOH A . 
B 2 HOH 28  197 28  HOH HOH A . 
B 2 HOH 29  198 29  HOH HOH A . 
B 2 HOH 30  199 30  HOH HOH A . 
B 2 HOH 31  200 31  HOH HOH A . 
B 2 HOH 32  201 32  HOH HOH A . 
B 2 HOH 33  202 33  HOH HOH A . 
B 2 HOH 34  203 34  HOH HOH A . 
B 2 HOH 35  204 35  HOH HOH A . 
B 2 HOH 36  205 36  HOH HOH A . 
B 2 HOH 37  206 37  HOH HOH A . 
B 2 HOH 38  207 38  HOH HOH A . 
B 2 HOH 39  208 39  HOH HOH A . 
B 2 HOH 40  209 40  HOH HOH A . 
B 2 HOH 41  210 41  HOH HOH A . 
B 2 HOH 42  211 42  HOH HOH A . 
B 2 HOH 43  212 43  HOH HOH A . 
B 2 HOH 44  213 44  HOH HOH A . 
B 2 HOH 45  214 45  HOH HOH A . 
B 2 HOH 46  215 46  HOH HOH A . 
B 2 HOH 47  216 47  HOH HOH A . 
B 2 HOH 48  217 48  HOH HOH A . 
B 2 HOH 49  218 49  HOH HOH A . 
B 2 HOH 50  219 50  HOH HOH A . 
B 2 HOH 51  220 51  HOH HOH A . 
B 2 HOH 52  221 52  HOH HOH A . 
B 2 HOH 53  222 53  HOH HOH A . 
B 2 HOH 54  223 54  HOH HOH A . 
B 2 HOH 55  224 55  HOH HOH A . 
B 2 HOH 56  225 56  HOH HOH A . 
B 2 HOH 57  226 57  HOH HOH A . 
B 2 HOH 58  227 58  HOH HOH A . 
B 2 HOH 59  228 59  HOH HOH A . 
B 2 HOH 60  229 60  HOH HOH A . 
B 2 HOH 61  230 61  HOH HOH A . 
B 2 HOH 62  231 62  HOH HOH A . 
B 2 HOH 63  232 63  HOH HOH A . 
B 2 HOH 64  233 64  HOH HOH A . 
B 2 HOH 65  234 65  HOH HOH A . 
B 2 HOH 66  235 66  HOH HOH A . 
B 2 HOH 67  236 67  HOH HOH A . 
B 2 HOH 68  237 68  HOH HOH A . 
B 2 HOH 69  238 69  HOH HOH A . 
B 2 HOH 70  239 70  HOH HOH A . 
B 2 HOH 71  240 71  HOH HOH A . 
B 2 HOH 72  241 72  HOH HOH A . 
B 2 HOH 73  242 73  HOH HOH A . 
B 2 HOH 74  243 74  HOH HOH A . 
B 2 HOH 75  244 77  HOH HOH A . 
B 2 HOH 76  245 78  HOH HOH A . 
B 2 HOH 77  246 79  HOH HOH A . 
B 2 HOH 78  247 80  HOH HOH A . 
B 2 HOH 79  248 81  HOH HOH A . 
B 2 HOH 80  249 82  HOH HOH A . 
B 2 HOH 81  250 83  HOH HOH A . 
B 2 HOH 82  251 84  HOH HOH A . 
B 2 HOH 83  252 85  HOH HOH A . 
B 2 HOH 84  253 86  HOH HOH A . 
B 2 HOH 85  254 87  HOH HOH A . 
B 2 HOH 86  255 88  HOH HOH A . 
B 2 HOH 87  256 89  HOH HOH A . 
B 2 HOH 88  257 90  HOH HOH A . 
B 2 HOH 89  258 91  HOH HOH A . 
B 2 HOH 90  259 92  HOH HOH A . 
B 2 HOH 91  260 93  HOH HOH A . 
B 2 HOH 92  261 94  HOH HOH A . 
B 2 HOH 93  262 95  HOH HOH A . 
B 2 HOH 94  263 96  HOH HOH A . 
B 2 HOH 95  264 97  HOH HOH A . 
B 2 HOH 96  265 98  HOH HOH A . 
B 2 HOH 97  266 99  HOH HOH A . 
B 2 HOH 98  267 100 HOH HOH A . 
B 2 HOH 99  268 101 HOH HOH A . 
B 2 HOH 100 269 102 HOH HOH A . 
B 2 HOH 101 270 103 HOH HOH A . 
B 2 HOH 102 271 104 HOH HOH A . 
B 2 HOH 103 272 105 HOH HOH A . 
B 2 HOH 104 273 106 HOH HOH A . 
B 2 HOH 105 274 107 HOH HOH A . 
B 2 HOH 106 275 108 HOH HOH A . 
B 2 HOH 107 276 109 HOH HOH A . 
B 2 HOH 108 277 110 HOH HOH A . 
B 2 HOH 109 278 111 HOH HOH A . 
B 2 HOH 110 279 112 HOH HOH A . 
B 2 HOH 111 280 114 HOH HOH A . 
B 2 HOH 112 281 115 HOH HOH A . 
B 2 HOH 113 282 116 HOH HOH A . 
B 2 HOH 114 283 117 HOH HOH A . 
B 2 HOH 115 284 118 HOH HOH A . 
B 2 HOH 116 285 119 HOH HOH A . 
B 2 HOH 117 286 120 HOH HOH A . 
B 2 HOH 118 287 121 HOH HOH A . 
B 2 HOH 119 288 122 HOH HOH A . 
B 2 HOH 120 289 124 HOH HOH A . 
B 2 HOH 121 290 125 HOH HOH A . 
B 2 HOH 122 291 126 HOH HOH A . 
B 2 HOH 123 292 127 HOH HOH A . 
B 2 HOH 124 293 128 HOH HOH A . 
B 2 HOH 125 294 129 HOH HOH A . 
B 2 HOH 126 295 130 HOH HOH A . 
# 
loop_
_pdbx_unobs_or_zero_occ_atoms.id 
_pdbx_unobs_or_zero_occ_atoms.PDB_model_num 
_pdbx_unobs_or_zero_occ_atoms.polymer_flag 
_pdbx_unobs_or_zero_occ_atoms.occupancy_flag 
_pdbx_unobs_or_zero_occ_atoms.auth_asym_id 
_pdbx_unobs_or_zero_occ_atoms.auth_comp_id 
_pdbx_unobs_or_zero_occ_atoms.auth_seq_id 
_pdbx_unobs_or_zero_occ_atoms.PDB_ins_code 
_pdbx_unobs_or_zero_occ_atoms.auth_atom_id 
_pdbx_unobs_or_zero_occ_atoms.label_alt_id 
_pdbx_unobs_or_zero_occ_atoms.label_asym_id 
_pdbx_unobs_or_zero_occ_atoms.label_comp_id 
_pdbx_unobs_or_zero_occ_atoms.label_seq_id 
_pdbx_unobs_or_zero_occ_atoms.label_atom_id 
1 1 Y 1 A GLU 54 ? CG  ? A GLU 36 CG  
2 1 Y 1 A GLU 54 ? CD  ? A GLU 36 CD  
3 1 Y 1 A GLU 54 ? OE1 ? A GLU 36 OE1 
4 1 Y 1 A GLU 54 ? OE2 ? A GLU 36 OE2 
# 
loop_
_software.name 
_software.classification 
_software.version 
_software.citation_id 
_software.pdbx_ordinal 
CBASS    'data collection' .   ? 1 
SHELXD   phasing           .   ? 2 
SHARP    phasing           .   ? 3 
ARP/wARP 'model building'  .   ? 4 
CNS      refinement        1.1 ? 5 
DENZO    'data reduction'  .   ? 6 
HKL-2000 'data scaling'    .   ? 7 
# 
_cell.entry_id           3CBN 
_cell.length_a           31.559 
_cell.length_b           63.162 
_cell.length_c           32.182 
_cell.angle_alpha        90.00 
_cell.angle_beta         112.33 
_cell.angle_gamma        90.00 
_cell.Z_PDB              2 
_cell.pdbx_unique_axis   ? 
_cell.length_a_esd       ? 
_cell.length_b_esd       ? 
_cell.length_c_esd       ? 
_cell.angle_alpha_esd    ? 
_cell.angle_beta_esd     ? 
_cell.angle_gamma_esd    ? 
# 
_symmetry.entry_id                         3CBN 
_symmetry.space_group_name_H-M             'P 1 21 1' 
_symmetry.pdbx_full_space_group_name_H-M   ? 
_symmetry.cell_setting                     ? 
_symmetry.Int_Tables_number                4 
_symmetry.space_group_name_Hall            ? 
# 
_exptl.entry_id          3CBN 
_exptl.method            'X-RAY DIFFRACTION' 
_exptl.crystals_number   1 
# 
_exptl_crystal.id                    1 
_exptl_crystal.density_meas          ? 
_exptl_crystal.density_Matthews      1.72 
_exptl_crystal.density_percent_sol   28.3 
_exptl_crystal.description           ? 
_exptl_crystal.F_000                 ? 
_exptl_crystal.preparation           ? 
# 
_exptl_crystal_grow.crystal_id      1 
_exptl_crystal_grow.method          'VAPOR DIFFUSION, SITTING DROP' 
_exptl_crystal_grow.temp            293 
_exptl_crystal_grow.temp_details    ? 
_exptl_crystal_grow.pH              5.5 
_exptl_crystal_grow.pdbx_details    
'20%(w/v) PEG 3350, 0.1M Bis-Tris buffer pH 5.5. 3%(w/v) 6-Aminohexanoic acid, VAPOR DIFFUSION, SITTING DROP, temperature 293K' 
_exptl_crystal_grow.pdbx_pH_range   . 
# 
_diffrn.id                     1 
_diffrn.ambient_temp           100 
_diffrn.ambient_temp_details   ? 
_diffrn.crystal_id             1 
# 
_diffrn_detector.diffrn_id              1 
_diffrn_detector.detector               CCD 
_diffrn_detector.type                   'ADSC QUANTUM 210' 
_diffrn_detector.pdbx_collection_date   2008-02-15 
_diffrn_detector.details                ? 
# 
_diffrn_radiation.diffrn_id                        1 
_diffrn_radiation.wavelength_id                    1 
_diffrn_radiation.pdbx_monochromatic_or_laue_m_l   M 
_diffrn_radiation.monochromator                    'Si 111 CHANNEL' 
_diffrn_radiation.pdbx_diffrn_protocol             'SINGLE WAVELENGTH' 
_diffrn_radiation.pdbx_scattering_type             x-ray 
# 
_diffrn_radiation_wavelength.id           1 
_diffrn_radiation_wavelength.wavelength   0.9790 
_diffrn_radiation_wavelength.wt           1.0 
# 
_diffrn_source.diffrn_id                   1 
_diffrn_source.source                      SYNCHROTRON 
_diffrn_source.type                        'NSLS BEAMLINE X12C' 
_diffrn_source.pdbx_synchrotron_site       NSLS 
_diffrn_source.pdbx_synchrotron_beamline   X12C 
_diffrn_source.pdbx_wavelength             ? 
_diffrn_source.pdbx_wavelength_list        0.9790 
# 
_reflns.entry_id                     3CBN 
_reflns.observed_criterion_sigma_F   0.0 
_reflns.observed_criterion_sigma_I   0.0 
_reflns.d_resolution_high            1.63 
_reflns.d_resolution_low             50.0 
_reflns.number_all                   14179 
_reflns.number_obs                   14179 
_reflns.percent_possible_obs         96.5 
_reflns.pdbx_Rmerge_I_obs            0.037 
_reflns.pdbx_Rsym_value              ? 
_reflns.pdbx_netI_over_sigmaI        34.4 
_reflns.B_iso_Wilson_estimate        15.2 
_reflns.pdbx_redundancy              7.6 
_reflns.R_free_details               ? 
_reflns.limit_h_max                  ? 
_reflns.limit_h_min                  ? 
_reflns.limit_k_max                  ? 
_reflns.limit_k_min                  ? 
_reflns.limit_l_max                  ? 
_reflns.limit_l_min                  ? 
_reflns.observed_criterion_F_max     ? 
_reflns.observed_criterion_F_min     ? 
_reflns.pdbx_chi_squared             ? 
_reflns.pdbx_scaling_rejects         ? 
_reflns.pdbx_ordinal                 1 
_reflns.pdbx_diffrn_id               1 
# 
_reflns_shell.d_res_high             1.63 
_reflns_shell.d_res_low              1.69 
_reflns_shell.percent_possible_all   94.3 
_reflns_shell.Rmerge_I_obs           0.107 
_reflns_shell.pdbx_Rsym_value        ? 
_reflns_shell.meanI_over_sigI_obs    ? 
_reflns_shell.pdbx_redundancy        6.9 
_reflns_shell.percent_possible_obs   ? 
_reflns_shell.number_unique_all      1389 
_reflns_shell.number_measured_all    ? 
_reflns_shell.number_measured_obs    ? 
_reflns_shell.number_unique_obs      ? 
_reflns_shell.pdbx_chi_squared       ? 
_reflns_shell.pdbx_ordinal           1 
_reflns_shell.pdbx_diffrn_id         1 
# 
_refine.entry_id                                 3CBN 
_refine.ls_d_res_high                            1.63 
_refine.ls_d_res_low                             29.8 
_refine.pdbx_ls_sigma_F                          ? 
_refine.pdbx_ls_sigma_I                          ? 
_refine.ls_number_reflns_all                     14179 
_refine.ls_number_reflns_obs                     14122 
_refine.ls_number_reflns_R_free                  574 
_refine.ls_percent_reflns_obs                    96.5 
_refine.ls_R_factor_all                          0.219 
_refine.ls_R_factor_obs                          0.213 
_refine.ls_R_factor_R_work                       0.213 
_refine.ls_R_factor_R_free                       0.244 
_refine.ls_redundancy_reflns_obs                 ? 
_refine.pdbx_data_cutoff_high_absF               ? 
_refine.pdbx_data_cutoff_low_absF                ? 
_refine.ls_number_parameters                     ? 
_refine.ls_number_restraints                     ? 
_refine.ls_percent_reflns_R_free                 ? 
_refine.ls_R_factor_R_free_error                 ? 
_refine.ls_R_factor_R_free_error_details         ? 
_refine.pdbx_method_to_determine_struct          SAD 
_refine.pdbx_starting_model                      ? 
_refine.pdbx_ls_cross_valid_method               THROUGHOUT 
_refine.pdbx_R_Free_selection_details            RANDOM 
_refine.pdbx_stereochem_target_val_spec_case     ? 
_refine.pdbx_stereochemistry_target_values       'Engh & Huber' 
_refine.solvent_model_details                    ? 
_refine.solvent_model_param_bsol                 ? 
_refine.solvent_model_param_ksol                 ? 
_refine.occupancy_max                            ? 
_refine.occupancy_min                            ? 
_refine.pdbx_isotropic_thermal_model             Isotropic 
_refine.B_iso_mean                               14.2 
_refine.aniso_B[1][1]                            -0.113 
_refine.aniso_B[1][2]                            0.0 
_refine.aniso_B[1][3]                            2.415 
_refine.aniso_B[2][2]                            -0.940 
_refine.aniso_B[2][3]                            0.0 
_refine.aniso_B[3][3]                            1.052 
_refine.details                                  
;Residues listed as missing in Remark 465 are due to lack of electron density. Residues with missing atoms listed in Remark 470 are due to lack of electron density for side chains and modeled as alanines.
;
_refine.B_iso_min                                ? 
_refine.B_iso_max                                ? 
_refine.correlation_coeff_Fo_to_Fc               ? 
_refine.correlation_coeff_Fo_to_Fc_free          ? 
_refine.pdbx_solvent_vdw_probe_radii             ? 
_refine.pdbx_solvent_ion_probe_radii             ? 
_refine.pdbx_solvent_shrinkage_radii             ? 
_refine.overall_SU_R_Cruickshank_DPI             ? 
_refine.overall_SU_R_free                        ? 
_refine.overall_SU_ML                            ? 
_refine.overall_SU_B                             ? 
_refine.pdbx_overall_ESU_R_Free                  ? 
_refine.pdbx_data_cutoff_high_rms_absF           ? 
_refine.pdbx_overall_ESU_R                       ? 
_refine.ls_wR_factor_R_free                      ? 
_refine.ls_wR_factor_R_work                      ? 
_refine.overall_FOM_free_R_set                   ? 
_refine.overall_FOM_work_R_set                   ? 
_refine.pdbx_overall_phase_error                 ? 
_refine.pdbx_refine_id                           'X-RAY DIFFRACTION' 
_refine.pdbx_diffrn_id                           1 
_refine.pdbx_TLS_residual_ADP_flag               ? 
_refine.pdbx_overall_SU_R_free_Cruickshank_DPI   ? 
_refine.pdbx_overall_SU_R_Blow_DPI               ? 
_refine.pdbx_overall_SU_R_free_Blow_DPI          ? 
# 
_refine_analyze.entry_id                        3CBN 
_refine_analyze.Luzzati_coordinate_error_obs    0.20 
_refine_analyze.Luzzati_sigma_a_obs             0.11 
_refine_analyze.Luzzati_d_res_low_obs           5.0 
_refine_analyze.Luzzati_coordinate_error_free   0.25 
_refine_analyze.Luzzati_sigma_a_free            0.13 
_refine_analyze.Luzzati_d_res_low_free          ? 
_refine_analyze.number_disordered_residues      ? 
_refine_analyze.occupancy_sum_non_hydrogen      ? 
_refine_analyze.occupancy_sum_hydrogen          ? 
_refine_analyze.pdbx_Luzzati_d_res_high_obs     ? 
_refine_analyze.pdbx_refine_id                  'X-RAY DIFFRACTION' 
# 
_refine_hist.pdbx_refine_id                   'X-RAY DIFFRACTION' 
_refine_hist.cycle_id                         LAST 
_refine_hist.pdbx_number_atoms_protein        1136 
_refine_hist.pdbx_number_atoms_nucleic_acid   0 
_refine_hist.pdbx_number_atoms_ligand         0 
_refine_hist.number_atoms_solvent             126 
_refine_hist.number_atoms_total               1262 
_refine_hist.d_res_high                       1.63 
_refine_hist.d_res_low                        29.8 
# 
loop_
_refine_ls_restr.type 
_refine_ls_restr.dev_ideal 
_refine_ls_restr.dev_ideal_target 
_refine_ls_restr.weight 
_refine_ls_restr.number 
_refine_ls_restr.pdbx_refine_id 
_refine_ls_restr.pdbx_restraint_function 
c_bond_d           1.4   ? ? ? 'X-RAY DIFFRACTION' ? 
c_angle_deg        0.005 ? ? ? 'X-RAY DIFFRACTION' ? 
c_dihedral_angle_d 25.4  ? ? ? 'X-RAY DIFFRACTION' ? 
c_improper_angle_d 0.76  ? ? ? 'X-RAY DIFFRACTION' ? 
# 
_refine_ls_shell.pdbx_total_number_of_bins_used   10 
_refine_ls_shell.d_res_high                       1.63 
_refine_ls_shell.d_res_low                        1.73 
_refine_ls_shell.number_reflns_R_work             ? 
_refine_ls_shell.R_factor_R_work                  0.244 
_refine_ls_shell.percent_reflns_obs               92.5 
_refine_ls_shell.R_factor_R_free                  0.277 
_refine_ls_shell.R_factor_R_free_error            0.029 
_refine_ls_shell.percent_reflns_R_free            ? 
_refine_ls_shell.number_reflns_R_free             91 
_refine_ls_shell.number_reflns_all                ? 
_refine_ls_shell.R_factor_all                     ? 
_refine_ls_shell.number_reflns_obs                2153 
_refine_ls_shell.redundancy_reflns_obs            ? 
_refine_ls_shell.pdbx_refine_id                   'X-RAY DIFFRACTION' 
# 
_struct.entry_id                  3CBN 
_struct.title                     'Crystal structure of a conserved protein (MTH639) from Methanobacterium thermoautotrophicum' 
_struct.pdbx_model_details        ? 
_struct.pdbx_CASP_flag            ? 
_struct.pdbx_model_type_details   ? 
# 
_struct_keywords.entry_id        3CBN 
_struct_keywords.pdbx_keywords   'STRUCTURAL GENOMICS, UNKNOWN FUNCTION' 
_struct_keywords.text            
;RP-A, 10241d, PSI-II, NYSGXRC, Structural Genomics, Protein Structure Initiative, New York SGX Research Center for Structural Genomics, UNKNOWN FUNCTION
;
# 
loop_
_struct_asym.id 
_struct_asym.pdbx_blank_PDB_chainid_flag 
_struct_asym.pdbx_modified 
_struct_asym.entity_id 
_struct_asym.details 
A N N 1 ? 
B N N 2 ? 
# 
_struct_ref.id                         1 
_struct_ref.db_name                    UNP 
_struct_ref.db_code                    O26735_METTH 
_struct_ref.pdbx_db_accession          O26735 
_struct_ref.entity_id                  1 
_struct_ref.pdbx_seq_one_letter_code   
;GVLRYTLRARGHPNVTAGHRTTFEVTVDPEIGETADCIIGVSSSDSISTLPDEMKRAIARESSLVRVILRTENGYDEIRG
YGHPELTLDHPTDIVCRKSDYICSRTLMIRADKAAFDLDENLVRDLRKGRELKVEIIVEY
;
_struct_ref.pdbx_align_begin           22 
_struct_ref.pdbx_db_isoform            ? 
# 
_struct_ref_seq.align_id                      1 
_struct_ref_seq.ref_id                        1 
_struct_ref_seq.pdbx_PDB_id_code              3CBN 
_struct_ref_seq.pdbx_strand_id                A 
_struct_ref_seq.seq_align_beg                 4 
_struct_ref_seq.pdbx_seq_align_beg_ins_code   ? 
_struct_ref_seq.seq_align_end                 143 
_struct_ref_seq.pdbx_seq_align_end_ins_code   ? 
_struct_ref_seq.pdbx_db_accession             O26735 
_struct_ref_seq.db_align_beg                  22 
_struct_ref_seq.pdbx_db_align_beg_ins_code    ? 
_struct_ref_seq.db_align_end                  161 
_struct_ref_seq.pdbx_db_align_end_ins_code    ? 
_struct_ref_seq.pdbx_auth_seq_align_beg       22 
_struct_ref_seq.pdbx_auth_seq_align_end       161 
# 
loop_
_struct_ref_seq_dif.align_id 
_struct_ref_seq_dif.pdbx_pdb_id_code 
_struct_ref_seq_dif.mon_id 
_struct_ref_seq_dif.pdbx_pdb_strand_id 
_struct_ref_seq_dif.seq_num 
_struct_ref_seq_dif.pdbx_pdb_ins_code 
_struct_ref_seq_dif.pdbx_seq_db_name 
_struct_ref_seq_dif.pdbx_seq_db_accession_code 
_struct_ref_seq_dif.db_mon_id 
_struct_ref_seq_dif.pdbx_seq_db_seq_num 
_struct_ref_seq_dif.details 
_struct_ref_seq_dif.pdbx_auth_seq_num 
_struct_ref_seq_dif.pdbx_ordinal 
1 3CBN MSE A 1   ? UNP O26735 ? ? 'expression tag' 19  1  
1 3CBN SER A 2   ? UNP O26735 ? ? 'expression tag' 20  2  
1 3CBN LEU A 3   ? UNP O26735 ? ? 'expression tag' 21  3  
1 3CBN GLU A 144 ? UNP O26735 ? ? 'expression tag' 162 4  
1 3CBN GLY A 145 ? UNP O26735 ? ? 'expression tag' 163 5  
1 3CBN HIS A 146 ? UNP O26735 ? ? 'expression tag' 164 6  
1 3CBN HIS A 147 ? UNP O26735 ? ? 'expression tag' 165 7  
1 3CBN HIS A 148 ? UNP O26735 ? ? 'expression tag' 166 8  
1 3CBN HIS A 149 ? UNP O26735 ? ? 'expression tag' 167 9  
1 3CBN HIS A 150 ? UNP O26735 ? ? 'expression tag' 168 10 
1 3CBN HIS A 151 ? UNP O26735 ? ? 'expression tag' 169 11 
# 
_pdbx_struct_assembly.id                   1 
_pdbx_struct_assembly.details              author_and_software_defined_assembly 
_pdbx_struct_assembly.method_details       PISA 
_pdbx_struct_assembly.oligomeric_details   monomeric 
_pdbx_struct_assembly.oligomeric_count     1 
# 
_pdbx_struct_assembly_gen.assembly_id       1 
_pdbx_struct_assembly_gen.oper_expression   1 
_pdbx_struct_assembly_gen.asym_id_list      A,B 
# 
_pdbx_struct_oper_list.id                   1 
_pdbx_struct_oper_list.type                 'identity operation' 
_pdbx_struct_oper_list.name                 1_555 
_pdbx_struct_oper_list.symmetry_operation   x,y,z 
_pdbx_struct_oper_list.matrix[1][1]         1.0000000000 
_pdbx_struct_oper_list.matrix[1][2]         0.0000000000 
_pdbx_struct_oper_list.matrix[1][3]         0.0000000000 
_pdbx_struct_oper_list.vector[1]            0.0000000000 
_pdbx_struct_oper_list.matrix[2][1]         0.0000000000 
_pdbx_struct_oper_list.matrix[2][2]         1.0000000000 
_pdbx_struct_oper_list.matrix[2][3]         0.0000000000 
_pdbx_struct_oper_list.vector[2]            0.0000000000 
_pdbx_struct_oper_list.matrix[3][1]         0.0000000000 
_pdbx_struct_oper_list.matrix[3][2]         0.0000000000 
_pdbx_struct_oper_list.matrix[3][3]         1.0000000000 
_pdbx_struct_oper_list.vector[3]            0.0000000000 
# 
_struct_biol.id        1 
_struct_biol.details   ? 
# 
loop_
_struct_conf.conf_type_id 
_struct_conf.id 
_struct_conf.pdbx_PDB_helix_id 
_struct_conf.beg_label_comp_id 
_struct_conf.beg_label_asym_id 
_struct_conf.beg_label_seq_id 
_struct_conf.pdbx_beg_PDB_ins_code 
_struct_conf.end_label_comp_id 
_struct_conf.end_label_asym_id 
_struct_conf.end_label_seq_id 
_struct_conf.pdbx_end_PDB_ins_code 
_struct_conf.beg_auth_comp_id 
_struct_conf.beg_auth_asym_id 
_struct_conf.beg_auth_seq_id 
_struct_conf.end_auth_comp_id 
_struct_conf.end_auth_asym_id 
_struct_conf.end_auth_seq_id 
_struct_conf.pdbx_PDB_helix_class 
_struct_conf.details 
_struct_conf.pdbx_PDB_helix_length 
HELX_P HELX_P1 1 SER A 49  ? LEU A 53  ? SER A 67  LEU A 71  5 ? 5  
HELX_P HELX_P2 2 PRO A 54  ? ALA A 62  ? PRO A 72  ALA A 80  1 ? 9  
HELX_P HELX_P3 3 ALA A 117 ? LEU A 121 ? ALA A 135 LEU A 139 5 ? 5  
HELX_P HELX_P4 4 ASP A 122 ? LYS A 131 ? ASP A 140 LYS A 149 1 ? 10 
# 
_struct_conf_type.id          HELX_P 
_struct_conf_type.criteria    ? 
_struct_conf_type.reference   ? 
# 
loop_
_struct_conn.id 
_struct_conn.conn_type_id 
_struct_conn.pdbx_leaving_atom_flag 
_struct_conn.pdbx_PDB_id 
_struct_conn.ptnr1_label_asym_id 
_struct_conn.ptnr1_label_comp_id 
_struct_conn.ptnr1_label_seq_id 
_struct_conn.ptnr1_label_atom_id 
_struct_conn.pdbx_ptnr1_label_alt_id 
_struct_conn.pdbx_ptnr1_PDB_ins_code 
_struct_conn.pdbx_ptnr1_standard_comp_id 
_struct_conn.ptnr1_symmetry 
_struct_conn.ptnr2_label_asym_id 
_struct_conn.ptnr2_label_comp_id 
_struct_conn.ptnr2_label_seq_id 
_struct_conn.ptnr2_label_atom_id 
_struct_conn.pdbx_ptnr2_label_alt_id 
_struct_conn.pdbx_ptnr2_PDB_ins_code 
_struct_conn.ptnr1_auth_asym_id 
_struct_conn.ptnr1_auth_comp_id 
_struct_conn.ptnr1_auth_seq_id 
_struct_conn.ptnr2_auth_asym_id 
_struct_conn.ptnr2_auth_comp_id 
_struct_conn.ptnr2_auth_seq_id 
_struct_conn.ptnr2_symmetry 
_struct_conn.pdbx_ptnr3_label_atom_id 
_struct_conn.pdbx_ptnr3_label_seq_id 
_struct_conn.pdbx_ptnr3_label_comp_id 
_struct_conn.pdbx_ptnr3_label_asym_id 
_struct_conn.pdbx_ptnr3_label_alt_id 
_struct_conn.pdbx_ptnr3_PDB_ins_code 
_struct_conn.details 
_struct_conn.pdbx_dist_value 
_struct_conn.pdbx_value_order 
_struct_conn.pdbx_role 
covale1 covale both ? A GLU 56  C ? ? ? 1_555 A MSE 57  N ? ? A GLU 74  A MSE 75  1_555 ? ? ? ? ? ? ? 1.332 ? ? 
covale2 covale both ? A MSE 57  C ? ? ? 1_555 A LYS 58  N ? ? A MSE 75  A LYS 76  1_555 ? ? ? ? ? ? ? 1.333 ? ? 
covale3 covale both ? A LEU 110 C ? ? ? 1_555 A MSE 111 N ? ? A LEU 128 A MSE 129 1_555 ? ? ? ? ? ? ? 1.331 ? ? 
covale4 covale both ? A MSE 111 C ? ? ? 1_555 A ILE 112 N ? ? A MSE 129 A ILE 130 1_555 ? ? ? ? ? ? ? 1.332 ? ? 
# 
_struct_conn_type.id          covale 
_struct_conn_type.criteria    ? 
_struct_conn_type.reference   ? 
# 
loop_
_pdbx_modification_feature.ordinal 
_pdbx_modification_feature.label_comp_id 
_pdbx_modification_feature.label_asym_id 
_pdbx_modification_feature.label_seq_id 
_pdbx_modification_feature.label_alt_id 
_pdbx_modification_feature.modified_residue_label_comp_id 
_pdbx_modification_feature.modified_residue_label_asym_id 
_pdbx_modification_feature.modified_residue_label_seq_id 
_pdbx_modification_feature.modified_residue_label_alt_id 
_pdbx_modification_feature.auth_comp_id 
_pdbx_modification_feature.auth_asym_id 
_pdbx_modification_feature.auth_seq_id 
_pdbx_modification_feature.PDB_ins_code 
_pdbx_modification_feature.symmetry 
_pdbx_modification_feature.modified_residue_auth_comp_id 
_pdbx_modification_feature.modified_residue_auth_asym_id 
_pdbx_modification_feature.modified_residue_auth_seq_id 
_pdbx_modification_feature.modified_residue_PDB_ins_code 
_pdbx_modification_feature.modified_residue_symmetry 
_pdbx_modification_feature.comp_id_linking_atom 
_pdbx_modification_feature.modified_residue_id_linking_atom 
_pdbx_modification_feature.modified_residue_id 
_pdbx_modification_feature.ref_pcm_id 
_pdbx_modification_feature.ref_comp_id 
_pdbx_modification_feature.type 
_pdbx_modification_feature.category 
1 MSE A 57  ? . . . . MSE A 75  ? 1_555 . . . . . . . MET 1 MSE Selenomethionine 'Named protein modification' 
2 MSE A 111 ? . . . . MSE A 129 ? 1_555 . . . . . . . MET 1 MSE Selenomethionine 'Named protein modification' 
# 
loop_
_struct_sheet.id 
_struct_sheet.type 
_struct_sheet.number_strands 
_struct_sheet.details 
A ? 4 ? 
B ? 4 ? 
# 
loop_
_struct_sheet_order.sheet_id 
_struct_sheet_order.range_id_1 
_struct_sheet_order.range_id_2 
_struct_sheet_order.offset 
_struct_sheet_order.sense 
A 1 2 ? anti-parallel 
A 2 3 ? anti-parallel 
A 3 4 ? anti-parallel 
B 1 2 ? parallel      
B 2 3 ? anti-parallel 
B 3 4 ? parallel      
# 
loop_
_struct_sheet_range.sheet_id 
_struct_sheet_range.id 
_struct_sheet_range.beg_label_comp_id 
_struct_sheet_range.beg_label_asym_id 
_struct_sheet_range.beg_label_seq_id 
_struct_sheet_range.pdbx_beg_PDB_ins_code 
_struct_sheet_range.end_label_comp_id 
_struct_sheet_range.end_label_asym_id 
_struct_sheet_range.end_label_seq_id 
_struct_sheet_range.pdbx_end_PDB_ins_code 
_struct_sheet_range.beg_auth_comp_id 
_struct_sheet_range.beg_auth_asym_id 
_struct_sheet_range.beg_auth_seq_id 
_struct_sheet_range.end_auth_comp_id 
_struct_sheet_range.end_auth_asym_id 
_struct_sheet_range.end_auth_seq_id 
A 1 GLY A 4   ? ARG A 13  ? GLY A 22  ARG A 31  
A 2 GLU A 134 ? TYR A 143 ? GLU A 152 TYR A 161 
A 3 LEU A 67  ? ARG A 73  ? LEU A 85  ARG A 91  
A 4 TYR A 78  ? TYR A 84  ? TYR A 96  TYR A 102 
B 1 ILE A 41  ? GLY A 43  ? ILE A 59  GLY A 61  
B 2 THR A 25  ? THR A 29  ? THR A 43  THR A 47  
B 3 ASP A 96  ? ARG A 100 ? ASP A 114 ARG A 118 
B 4 THR A 109 ? MSE A 111 ? THR A 127 MSE A 129 
# 
loop_
_pdbx_struct_sheet_hbond.sheet_id 
_pdbx_struct_sheet_hbond.range_id_1 
_pdbx_struct_sheet_hbond.range_id_2 
_pdbx_struct_sheet_hbond.range_1_label_atom_id 
_pdbx_struct_sheet_hbond.range_1_label_comp_id 
_pdbx_struct_sheet_hbond.range_1_label_asym_id 
_pdbx_struct_sheet_hbond.range_1_label_seq_id 
_pdbx_struct_sheet_hbond.range_1_PDB_ins_code 
_pdbx_struct_sheet_hbond.range_1_auth_atom_id 
_pdbx_struct_sheet_hbond.range_1_auth_comp_id 
_pdbx_struct_sheet_hbond.range_1_auth_asym_id 
_pdbx_struct_sheet_hbond.range_1_auth_seq_id 
_pdbx_struct_sheet_hbond.range_2_label_atom_id 
_pdbx_struct_sheet_hbond.range_2_label_comp_id 
_pdbx_struct_sheet_hbond.range_2_label_asym_id 
_pdbx_struct_sheet_hbond.range_2_label_seq_id 
_pdbx_struct_sheet_hbond.range_2_PDB_ins_code 
_pdbx_struct_sheet_hbond.range_2_auth_atom_id 
_pdbx_struct_sheet_hbond.range_2_auth_comp_id 
_pdbx_struct_sheet_hbond.range_2_auth_asym_id 
_pdbx_struct_sheet_hbond.range_2_auth_seq_id 
A 1 2 N ALA A 12  ? N ALA A 30  O LEU A 135 ? O LEU A 153 
A 2 3 O ILE A 140 ? O ILE A 158 N ARG A 69  ? N ARG A 87  
A 3 4 N VAL A 68  ? N VAL A 86  O GLY A 83  ? O GLY A 101 
B 1 2 O ILE A 42  ? O ILE A 60  N GLU A 27  ? N GLU A 45  
B 2 3 N PHE A 26  ? N PHE A 44  O CYS A 99  ? O CYS A 117 
B 3 4 N VAL A 98  ? N VAL A 116 O LEU A 110 ? O LEU A 128 
# 
_pdbx_entry_details.entry_id                   3CBN 
_pdbx_entry_details.compound_details           ? 
_pdbx_entry_details.source_details             ? 
_pdbx_entry_details.nonpolymer_details         ? 
_pdbx_entry_details.sequence_details           ? 
_pdbx_entry_details.has_ligand_of_interest     ? 
_pdbx_entry_details.has_protein_modification   Y 
# 
loop_
_pdbx_validate_torsion.id 
_pdbx_validate_torsion.PDB_model_num 
_pdbx_validate_torsion.auth_comp_id 
_pdbx_validate_torsion.auth_asym_id 
_pdbx_validate_torsion.auth_seq_id 
_pdbx_validate_torsion.PDB_ins_code 
_pdbx_validate_torsion.label_alt_id 
_pdbx_validate_torsion.phi 
_pdbx_validate_torsion.psi 
1 1 ASP A 57  ? ? -69.43 1.51  
2 1 LEU A 109 ? ? 39.36  56.17 
# 
_pdbx_SG_project.id                    1 
_pdbx_SG_project.project_name          'PSI, Protein Structure Initiative' 
_pdbx_SG_project.full_name_of_center   'New York SGX Research Center for Structural Genomics' 
_pdbx_SG_project.initial_of_center     NYSGXRC 
# 
loop_
_pdbx_struct_mod_residue.id 
_pdbx_struct_mod_residue.label_asym_id 
_pdbx_struct_mod_residue.label_comp_id 
_pdbx_struct_mod_residue.label_seq_id 
_pdbx_struct_mod_residue.auth_asym_id 
_pdbx_struct_mod_residue.auth_comp_id 
_pdbx_struct_mod_residue.auth_seq_id 
_pdbx_struct_mod_residue.PDB_ins_code 
_pdbx_struct_mod_residue.parent_comp_id 
_pdbx_struct_mod_residue.details 
1 A MSE 57  A MSE 75  ? MET SELENOMETHIONINE 
2 A MSE 111 A MSE 129 ? MET SELENOMETHIONINE 
# 
loop_
_pdbx_unobs_or_zero_occ_residues.id 
_pdbx_unobs_or_zero_occ_residues.PDB_model_num 
_pdbx_unobs_or_zero_occ_residues.polymer_flag 
_pdbx_unobs_or_zero_occ_residues.occupancy_flag 
_pdbx_unobs_or_zero_occ_residues.auth_asym_id 
_pdbx_unobs_or_zero_occ_residues.auth_comp_id 
_pdbx_unobs_or_zero_occ_residues.auth_seq_id 
_pdbx_unobs_or_zero_occ_residues.PDB_ins_code 
_pdbx_unobs_or_zero_occ_residues.label_asym_id 
_pdbx_unobs_or_zero_occ_residues.label_comp_id 
_pdbx_unobs_or_zero_occ_residues.label_seq_id 
1 1 Y 1 A MSE 19  ? A MSE 1   
2 1 Y 1 A SER 20  ? A SER 2   
3 1 Y 1 A SER 83  ? A SER 65  
4 1 Y 1 A HIS 166 ? A HIS 148 
5 1 Y 1 A HIS 167 ? A HIS 149 
6 1 Y 1 A HIS 168 ? A HIS 150 
7 1 Y 1 A HIS 169 ? A HIS 151 
# 
loop_
_chem_comp_atom.comp_id 
_chem_comp_atom.atom_id 
_chem_comp_atom.type_symbol 
_chem_comp_atom.pdbx_aromatic_flag 
_chem_comp_atom.pdbx_stereo_config 
_chem_comp_atom.pdbx_ordinal 
ALA N    N  N N 1   
ALA CA   C  N S 2   
ALA C    C  N N 3   
ALA O    O  N N 4   
ALA CB   C  N N 5   
ALA OXT  O  N N 6   
ALA H    H  N N 7   
ALA H2   H  N N 8   
ALA HA   H  N N 9   
ALA HB1  H  N N 10  
ALA HB2  H  N N 11  
ALA HB3  H  N N 12  
ALA HXT  H  N N 13  
ARG N    N  N N 14  
ARG CA   C  N S 15  
ARG C    C  N N 16  
ARG O    O  N N 17  
ARG CB   C  N N 18  
ARG CG   C  N N 19  
ARG CD   C  N N 20  
ARG NE   N  N N 21  
ARG CZ   C  N N 22  
ARG NH1  N  N N 23  
ARG NH2  N  N N 24  
ARG OXT  O  N N 25  
ARG H    H  N N 26  
ARG H2   H  N N 27  
ARG HA   H  N N 28  
ARG HB2  H  N N 29  
ARG HB3  H  N N 30  
ARG HG2  H  N N 31  
ARG HG3  H  N N 32  
ARG HD2  H  N N 33  
ARG HD3  H  N N 34  
ARG HE   H  N N 35  
ARG HH11 H  N N 36  
ARG HH12 H  N N 37  
ARG HH21 H  N N 38  
ARG HH22 H  N N 39  
ARG HXT  H  N N 40  
ASN N    N  N N 41  
ASN CA   C  N S 42  
ASN C    C  N N 43  
ASN O    O  N N 44  
ASN CB   C  N N 45  
ASN CG   C  N N 46  
ASN OD1  O  N N 47  
ASN ND2  N  N N 48  
ASN OXT  O  N N 49  
ASN H    H  N N 50  
ASN H2   H  N N 51  
ASN HA   H  N N 52  
ASN HB2  H  N N 53  
ASN HB3  H  N N 54  
ASN HD21 H  N N 55  
ASN HD22 H  N N 56  
ASN HXT  H  N N 57  
ASP N    N  N N 58  
ASP CA   C  N S 59  
ASP C    C  N N 60  
ASP O    O  N N 61  
ASP CB   C  N N 62  
ASP CG   C  N N 63  
ASP OD1  O  N N 64  
ASP OD2  O  N N 65  
ASP OXT  O  N N 66  
ASP H    H  N N 67  
ASP H2   H  N N 68  
ASP HA   H  N N 69  
ASP HB2  H  N N 70  
ASP HB3  H  N N 71  
ASP HD2  H  N N 72  
ASP HXT  H  N N 73  
CYS N    N  N N 74  
CYS CA   C  N R 75  
CYS C    C  N N 76  
CYS O    O  N N 77  
CYS CB   C  N N 78  
CYS SG   S  N N 79  
CYS OXT  O  N N 80  
CYS H    H  N N 81  
CYS H2   H  N N 82  
CYS HA   H  N N 83  
CYS HB2  H  N N 84  
CYS HB3  H  N N 85  
CYS HG   H  N N 86  
CYS HXT  H  N N 87  
GLU N    N  N N 88  
GLU CA   C  N S 89  
GLU C    C  N N 90  
GLU O    O  N N 91  
GLU CB   C  N N 92  
GLU CG   C  N N 93  
GLU CD   C  N N 94  
GLU OE1  O  N N 95  
GLU OE2  O  N N 96  
GLU OXT  O  N N 97  
GLU H    H  N N 98  
GLU H2   H  N N 99  
GLU HA   H  N N 100 
GLU HB2  H  N N 101 
GLU HB3  H  N N 102 
GLU HG2  H  N N 103 
GLU HG3  H  N N 104 
GLU HE2  H  N N 105 
GLU HXT  H  N N 106 
GLY N    N  N N 107 
GLY CA   C  N N 108 
GLY C    C  N N 109 
GLY O    O  N N 110 
GLY OXT  O  N N 111 
GLY H    H  N N 112 
GLY H2   H  N N 113 
GLY HA2  H  N N 114 
GLY HA3  H  N N 115 
GLY HXT  H  N N 116 
HIS N    N  N N 117 
HIS CA   C  N S 118 
HIS C    C  N N 119 
HIS O    O  N N 120 
HIS CB   C  N N 121 
HIS CG   C  Y N 122 
HIS ND1  N  Y N 123 
HIS CD2  C  Y N 124 
HIS CE1  C  Y N 125 
HIS NE2  N  Y N 126 
HIS OXT  O  N N 127 
HIS H    H  N N 128 
HIS H2   H  N N 129 
HIS HA   H  N N 130 
HIS HB2  H  N N 131 
HIS HB3  H  N N 132 
HIS HD1  H  N N 133 
HIS HD2  H  N N 134 
HIS HE1  H  N N 135 
HIS HE2  H  N N 136 
HIS HXT  H  N N 137 
HOH O    O  N N 138 
HOH H1   H  N N 139 
HOH H2   H  N N 140 
ILE N    N  N N 141 
ILE CA   C  N S 142 
ILE C    C  N N 143 
ILE O    O  N N 144 
ILE CB   C  N S 145 
ILE CG1  C  N N 146 
ILE CG2  C  N N 147 
ILE CD1  C  N N 148 
ILE OXT  O  N N 149 
ILE H    H  N N 150 
ILE H2   H  N N 151 
ILE HA   H  N N 152 
ILE HB   H  N N 153 
ILE HG12 H  N N 154 
ILE HG13 H  N N 155 
ILE HG21 H  N N 156 
ILE HG22 H  N N 157 
ILE HG23 H  N N 158 
ILE HD11 H  N N 159 
ILE HD12 H  N N 160 
ILE HD13 H  N N 161 
ILE HXT  H  N N 162 
LEU N    N  N N 163 
LEU CA   C  N S 164 
LEU C    C  N N 165 
LEU O    O  N N 166 
LEU CB   C  N N 167 
LEU CG   C  N N 168 
LEU CD1  C  N N 169 
LEU CD2  C  N N 170 
LEU OXT  O  N N 171 
LEU H    H  N N 172 
LEU H2   H  N N 173 
LEU HA   H  N N 174 
LEU HB2  H  N N 175 
LEU HB3  H  N N 176 
LEU HG   H  N N 177 
LEU HD11 H  N N 178 
LEU HD12 H  N N 179 
LEU HD13 H  N N 180 
LEU HD21 H  N N 181 
LEU HD22 H  N N 182 
LEU HD23 H  N N 183 
LEU HXT  H  N N 184 
LYS N    N  N N 185 
LYS CA   C  N S 186 
LYS C    C  N N 187 
LYS O    O  N N 188 
LYS CB   C  N N 189 
LYS CG   C  N N 190 
LYS CD   C  N N 191 
LYS CE   C  N N 192 
LYS NZ   N  N N 193 
LYS OXT  O  N N 194 
LYS H    H  N N 195 
LYS H2   H  N N 196 
LYS HA   H  N N 197 
LYS HB2  H  N N 198 
LYS HB3  H  N N 199 
LYS HG2  H  N N 200 
LYS HG3  H  N N 201 
LYS HD2  H  N N 202 
LYS HD3  H  N N 203 
LYS HE2  H  N N 204 
LYS HE3  H  N N 205 
LYS HZ1  H  N N 206 
LYS HZ2  H  N N 207 
LYS HZ3  H  N N 208 
LYS HXT  H  N N 209 
MSE N    N  N N 210 
MSE CA   C  N S 211 
MSE C    C  N N 212 
MSE O    O  N N 213 
MSE OXT  O  N N 214 
MSE CB   C  N N 215 
MSE CG   C  N N 216 
MSE SE   SE N N 217 
MSE CE   C  N N 218 
MSE H    H  N N 219 
MSE H2   H  N N 220 
MSE HA   H  N N 221 
MSE HXT  H  N N 222 
MSE HB2  H  N N 223 
MSE HB3  H  N N 224 
MSE HG2  H  N N 225 
MSE HG3  H  N N 226 
MSE HE1  H  N N 227 
MSE HE2  H  N N 228 
MSE HE3  H  N N 229 
PHE N    N  N N 230 
PHE CA   C  N S 231 
PHE C    C  N N 232 
PHE O    O  N N 233 
PHE CB   C  N N 234 
PHE CG   C  Y N 235 
PHE CD1  C  Y N 236 
PHE CD2  C  Y N 237 
PHE CE1  C  Y N 238 
PHE CE2  C  Y N 239 
PHE CZ   C  Y N 240 
PHE OXT  O  N N 241 
PHE H    H  N N 242 
PHE H2   H  N N 243 
PHE HA   H  N N 244 
PHE HB2  H  N N 245 
PHE HB3  H  N N 246 
PHE HD1  H  N N 247 
PHE HD2  H  N N 248 
PHE HE1  H  N N 249 
PHE HE2  H  N N 250 
PHE HZ   H  N N 251 
PHE HXT  H  N N 252 
PRO N    N  N N 253 
PRO CA   C  N S 254 
PRO C    C  N N 255 
PRO O    O  N N 256 
PRO CB   C  N N 257 
PRO CG   C  N N 258 
PRO CD   C  N N 259 
PRO OXT  O  N N 260 
PRO H    H  N N 261 
PRO HA   H  N N 262 
PRO HB2  H  N N 263 
PRO HB3  H  N N 264 
PRO HG2  H  N N 265 
PRO HG3  H  N N 266 
PRO HD2  H  N N 267 
PRO HD3  H  N N 268 
PRO HXT  H  N N 269 
SER N    N  N N 270 
SER CA   C  N S 271 
SER C    C  N N 272 
SER O    O  N N 273 
SER CB   C  N N 274 
SER OG   O  N N 275 
SER OXT  O  N N 276 
SER H    H  N N 277 
SER H2   H  N N 278 
SER HA   H  N N 279 
SER HB2  H  N N 280 
SER HB3  H  N N 281 
SER HG   H  N N 282 
SER HXT  H  N N 283 
THR N    N  N N 284 
THR CA   C  N S 285 
THR C    C  N N 286 
THR O    O  N N 287 
THR CB   C  N R 288 
THR OG1  O  N N 289 
THR CG2  C  N N 290 
THR OXT  O  N N 291 
THR H    H  N N 292 
THR H2   H  N N 293 
THR HA   H  N N 294 
THR HB   H  N N 295 
THR HG1  H  N N 296 
THR HG21 H  N N 297 
THR HG22 H  N N 298 
THR HG23 H  N N 299 
THR HXT  H  N N 300 
TYR N    N  N N 301 
TYR CA   C  N S 302 
TYR C    C  N N 303 
TYR O    O  N N 304 
TYR CB   C  N N 305 
TYR CG   C  Y N 306 
TYR CD1  C  Y N 307 
TYR CD2  C  Y N 308 
TYR CE1  C  Y N 309 
TYR CE2  C  Y N 310 
TYR CZ   C  Y N 311 
TYR OH   O  N N 312 
TYR OXT  O  N N 313 
TYR H    H  N N 314 
TYR H2   H  N N 315 
TYR HA   H  N N 316 
TYR HB2  H  N N 317 
TYR HB3  H  N N 318 
TYR HD1  H  N N 319 
TYR HD2  H  N N 320 
TYR HE1  H  N N 321 
TYR HE2  H  N N 322 
TYR HH   H  N N 323 
TYR HXT  H  N N 324 
VAL N    N  N N 325 
VAL CA   C  N S 326 
VAL C    C  N N 327 
VAL O    O  N N 328 
VAL CB   C  N N 329 
VAL CG1  C  N N 330 
VAL CG2  C  N N 331 
VAL OXT  O  N N 332 
VAL H    H  N N 333 
VAL H2   H  N N 334 
VAL HA   H  N N 335 
VAL HB   H  N N 336 
VAL HG11 H  N N 337 
VAL HG12 H  N N 338 
VAL HG13 H  N N 339 
VAL HG21 H  N N 340 
VAL HG22 H  N N 341 
VAL HG23 H  N N 342 
VAL HXT  H  N N 343 
# 
loop_
_chem_comp_bond.comp_id 
_chem_comp_bond.atom_id_1 
_chem_comp_bond.atom_id_2 
_chem_comp_bond.value_order 
_chem_comp_bond.pdbx_aromatic_flag 
_chem_comp_bond.pdbx_stereo_config 
_chem_comp_bond.pdbx_ordinal 
ALA N   CA   sing N N 1   
ALA N   H    sing N N 2   
ALA N   H2   sing N N 3   
ALA CA  C    sing N N 4   
ALA CA  CB   sing N N 5   
ALA CA  HA   sing N N 6   
ALA C   O    doub N N 7   
ALA C   OXT  sing N N 8   
ALA CB  HB1  sing N N 9   
ALA CB  HB2  sing N N 10  
ALA CB  HB3  sing N N 11  
ALA OXT HXT  sing N N 12  
ARG N   CA   sing N N 13  
ARG N   H    sing N N 14  
ARG N   H2   sing N N 15  
ARG CA  C    sing N N 16  
ARG CA  CB   sing N N 17  
ARG CA  HA   sing N N 18  
ARG C   O    doub N N 19  
ARG C   OXT  sing N N 20  
ARG CB  CG   sing N N 21  
ARG CB  HB2  sing N N 22  
ARG CB  HB3  sing N N 23  
ARG CG  CD   sing N N 24  
ARG CG  HG2  sing N N 25  
ARG CG  HG3  sing N N 26  
ARG CD  NE   sing N N 27  
ARG CD  HD2  sing N N 28  
ARG CD  HD3  sing N N 29  
ARG NE  CZ   sing N N 30  
ARG NE  HE   sing N N 31  
ARG CZ  NH1  sing N N 32  
ARG CZ  NH2  doub N N 33  
ARG NH1 HH11 sing N N 34  
ARG NH1 HH12 sing N N 35  
ARG NH2 HH21 sing N N 36  
ARG NH2 HH22 sing N N 37  
ARG OXT HXT  sing N N 38  
ASN N   CA   sing N N 39  
ASN N   H    sing N N 40  
ASN N   H2   sing N N 41  
ASN CA  C    sing N N 42  
ASN CA  CB   sing N N 43  
ASN CA  HA   sing N N 44  
ASN C   O    doub N N 45  
ASN C   OXT  sing N N 46  
ASN CB  CG   sing N N 47  
ASN CB  HB2  sing N N 48  
ASN CB  HB3  sing N N 49  
ASN CG  OD1  doub N N 50  
ASN CG  ND2  sing N N 51  
ASN ND2 HD21 sing N N 52  
ASN ND2 HD22 sing N N 53  
ASN OXT HXT  sing N N 54  
ASP N   CA   sing N N 55  
ASP N   H    sing N N 56  
ASP N   H2   sing N N 57  
ASP CA  C    sing N N 58  
ASP CA  CB   sing N N 59  
ASP CA  HA   sing N N 60  
ASP C   O    doub N N 61  
ASP C   OXT  sing N N 62  
ASP CB  CG   sing N N 63  
ASP CB  HB2  sing N N 64  
ASP CB  HB3  sing N N 65  
ASP CG  OD1  doub N N 66  
ASP CG  OD2  sing N N 67  
ASP OD2 HD2  sing N N 68  
ASP OXT HXT  sing N N 69  
CYS N   CA   sing N N 70  
CYS N   H    sing N N 71  
CYS N   H2   sing N N 72  
CYS CA  C    sing N N 73  
CYS CA  CB   sing N N 74  
CYS CA  HA   sing N N 75  
CYS C   O    doub N N 76  
CYS C   OXT  sing N N 77  
CYS CB  SG   sing N N 78  
CYS CB  HB2  sing N N 79  
CYS CB  HB3  sing N N 80  
CYS SG  HG   sing N N 81  
CYS OXT HXT  sing N N 82  
GLU N   CA   sing N N 83  
GLU N   H    sing N N 84  
GLU N   H2   sing N N 85  
GLU CA  C    sing N N 86  
GLU CA  CB   sing N N 87  
GLU CA  HA   sing N N 88  
GLU C   O    doub N N 89  
GLU C   OXT  sing N N 90  
GLU CB  CG   sing N N 91  
GLU CB  HB2  sing N N 92  
GLU CB  HB3  sing N N 93  
GLU CG  CD   sing N N 94  
GLU CG  HG2  sing N N 95  
GLU CG  HG3  sing N N 96  
GLU CD  OE1  doub N N 97  
GLU CD  OE2  sing N N 98  
GLU OE2 HE2  sing N N 99  
GLU OXT HXT  sing N N 100 
GLY N   CA   sing N N 101 
GLY N   H    sing N N 102 
GLY N   H2   sing N N 103 
GLY CA  C    sing N N 104 
GLY CA  HA2  sing N N 105 
GLY CA  HA3  sing N N 106 
GLY C   O    doub N N 107 
GLY C   OXT  sing N N 108 
GLY OXT HXT  sing N N 109 
HIS N   CA   sing N N 110 
HIS N   H    sing N N 111 
HIS N   H2   sing N N 112 
HIS CA  C    sing N N 113 
HIS CA  CB   sing N N 114 
HIS CA  HA   sing N N 115 
HIS C   O    doub N N 116 
HIS C   OXT  sing N N 117 
HIS CB  CG   sing N N 118 
HIS CB  HB2  sing N N 119 
HIS CB  HB3  sing N N 120 
HIS CG  ND1  sing Y N 121 
HIS CG  CD2  doub Y N 122 
HIS ND1 CE1  doub Y N 123 
HIS ND1 HD1  sing N N 124 
HIS CD2 NE2  sing Y N 125 
HIS CD2 HD2  sing N N 126 
HIS CE1 NE2  sing Y N 127 
HIS CE1 HE1  sing N N 128 
HIS NE2 HE2  sing N N 129 
HIS OXT HXT  sing N N 130 
HOH O   H1   sing N N 131 
HOH O   H2   sing N N 132 
ILE N   CA   sing N N 133 
ILE N   H    sing N N 134 
ILE N   H2   sing N N 135 
ILE CA  C    sing N N 136 
ILE CA  CB   sing N N 137 
ILE CA  HA   sing N N 138 
ILE C   O    doub N N 139 
ILE C   OXT  sing N N 140 
ILE CB  CG1  sing N N 141 
ILE CB  CG2  sing N N 142 
ILE CB  HB   sing N N 143 
ILE CG1 CD1  sing N N 144 
ILE CG1 HG12 sing N N 145 
ILE CG1 HG13 sing N N 146 
ILE CG2 HG21 sing N N 147 
ILE CG2 HG22 sing N N 148 
ILE CG2 HG23 sing N N 149 
ILE CD1 HD11 sing N N 150 
ILE CD1 HD12 sing N N 151 
ILE CD1 HD13 sing N N 152 
ILE OXT HXT  sing N N 153 
LEU N   CA   sing N N 154 
LEU N   H    sing N N 155 
LEU N   H2   sing N N 156 
LEU CA  C    sing N N 157 
LEU CA  CB   sing N N 158 
LEU CA  HA   sing N N 159 
LEU C   O    doub N N 160 
LEU C   OXT  sing N N 161 
LEU CB  CG   sing N N 162 
LEU CB  HB2  sing N N 163 
LEU CB  HB3  sing N N 164 
LEU CG  CD1  sing N N 165 
LEU CG  CD2  sing N N 166 
LEU CG  HG   sing N N 167 
LEU CD1 HD11 sing N N 168 
LEU CD1 HD12 sing N N 169 
LEU CD1 HD13 sing N N 170 
LEU CD2 HD21 sing N N 171 
LEU CD2 HD22 sing N N 172 
LEU CD2 HD23 sing N N 173 
LEU OXT HXT  sing N N 174 
LYS N   CA   sing N N 175 
LYS N   H    sing N N 176 
LYS N   H2   sing N N 177 
LYS CA  C    sing N N 178 
LYS CA  CB   sing N N 179 
LYS CA  HA   sing N N 180 
LYS C   O    doub N N 181 
LYS C   OXT  sing N N 182 
LYS CB  CG   sing N N 183 
LYS CB  HB2  sing N N 184 
LYS CB  HB3  sing N N 185 
LYS CG  CD   sing N N 186 
LYS CG  HG2  sing N N 187 
LYS CG  HG3  sing N N 188 
LYS CD  CE   sing N N 189 
LYS CD  HD2  sing N N 190 
LYS CD  HD3  sing N N 191 
LYS CE  NZ   sing N N 192 
LYS CE  HE2  sing N N 193 
LYS CE  HE3  sing N N 194 
LYS NZ  HZ1  sing N N 195 
LYS NZ  HZ2  sing N N 196 
LYS NZ  HZ3  sing N N 197 
LYS OXT HXT  sing N N 198 
MSE N   CA   sing N N 199 
MSE N   H    sing N N 200 
MSE N   H2   sing N N 201 
MSE CA  C    sing N N 202 
MSE CA  CB   sing N N 203 
MSE CA  HA   sing N N 204 
MSE C   O    doub N N 205 
MSE C   OXT  sing N N 206 
MSE OXT HXT  sing N N 207 
MSE CB  CG   sing N N 208 
MSE CB  HB2  sing N N 209 
MSE CB  HB3  sing N N 210 
MSE CG  SE   sing N N 211 
MSE CG  HG2  sing N N 212 
MSE CG  HG3  sing N N 213 
MSE SE  CE   sing N N 214 
MSE CE  HE1  sing N N 215 
MSE CE  HE2  sing N N 216 
MSE CE  HE3  sing N N 217 
PHE N   CA   sing N N 218 
PHE N   H    sing N N 219 
PHE N   H2   sing N N 220 
PHE CA  C    sing N N 221 
PHE CA  CB   sing N N 222 
PHE CA  HA   sing N N 223 
PHE C   O    doub N N 224 
PHE C   OXT  sing N N 225 
PHE CB  CG   sing N N 226 
PHE CB  HB2  sing N N 227 
PHE CB  HB3  sing N N 228 
PHE CG  CD1  doub Y N 229 
PHE CG  CD2  sing Y N 230 
PHE CD1 CE1  sing Y N 231 
PHE CD1 HD1  sing N N 232 
PHE CD2 CE2  doub Y N 233 
PHE CD2 HD2  sing N N 234 
PHE CE1 CZ   doub Y N 235 
PHE CE1 HE1  sing N N 236 
PHE CE2 CZ   sing Y N 237 
PHE CE2 HE2  sing N N 238 
PHE CZ  HZ   sing N N 239 
PHE OXT HXT  sing N N 240 
PRO N   CA   sing N N 241 
PRO N   CD   sing N N 242 
PRO N   H    sing N N 243 
PRO CA  C    sing N N 244 
PRO CA  CB   sing N N 245 
PRO CA  HA   sing N N 246 
PRO C   O    doub N N 247 
PRO C   OXT  sing N N 248 
PRO CB  CG   sing N N 249 
PRO CB  HB2  sing N N 250 
PRO CB  HB3  sing N N 251 
PRO CG  CD   sing N N 252 
PRO CG  HG2  sing N N 253 
PRO CG  HG3  sing N N 254 
PRO CD  HD2  sing N N 255 
PRO CD  HD3  sing N N 256 
PRO OXT HXT  sing N N 257 
SER N   CA   sing N N 258 
SER N   H    sing N N 259 
SER N   H2   sing N N 260 
SER CA  C    sing N N 261 
SER CA  CB   sing N N 262 
SER CA  HA   sing N N 263 
SER C   O    doub N N 264 
SER C   OXT  sing N N 265 
SER CB  OG   sing N N 266 
SER CB  HB2  sing N N 267 
SER CB  HB3  sing N N 268 
SER OG  HG   sing N N 269 
SER OXT HXT  sing N N 270 
THR N   CA   sing N N 271 
THR N   H    sing N N 272 
THR N   H2   sing N N 273 
THR CA  C    sing N N 274 
THR CA  CB   sing N N 275 
THR CA  HA   sing N N 276 
THR C   O    doub N N 277 
THR C   OXT  sing N N 278 
THR CB  OG1  sing N N 279 
THR CB  CG2  sing N N 280 
THR CB  HB   sing N N 281 
THR OG1 HG1  sing N N 282 
THR CG2 HG21 sing N N 283 
THR CG2 HG22 sing N N 284 
THR CG2 HG23 sing N N 285 
THR OXT HXT  sing N N 286 
TYR N   CA   sing N N 287 
TYR N   H    sing N N 288 
TYR N   H2   sing N N 289 
TYR CA  C    sing N N 290 
TYR CA  CB   sing N N 291 
TYR CA  HA   sing N N 292 
TYR C   O    doub N N 293 
TYR C   OXT  sing N N 294 
TYR CB  CG   sing N N 295 
TYR CB  HB2  sing N N 296 
TYR CB  HB3  sing N N 297 
TYR CG  CD1  doub Y N 298 
TYR CG  CD2  sing Y N 299 
TYR CD1 CE1  sing Y N 300 
TYR CD1 HD1  sing N N 301 
TYR CD2 CE2  doub Y N 302 
TYR CD2 HD2  sing N N 303 
TYR CE1 CZ   doub Y N 304 
TYR CE1 HE1  sing N N 305 
TYR CE2 CZ   sing Y N 306 
TYR CE2 HE2  sing N N 307 
TYR CZ  OH   sing N N 308 
TYR OH  HH   sing N N 309 
TYR OXT HXT  sing N N 310 
VAL N   CA   sing N N 311 
VAL N   H    sing N N 312 
VAL N   H2   sing N N 313 
VAL CA  C    sing N N 314 
VAL CA  CB   sing N N 315 
VAL CA  HA   sing N N 316 
VAL C   O    doub N N 317 
VAL C   OXT  sing N N 318 
VAL CB  CG1  sing N N 319 
VAL CB  CG2  sing N N 320 
VAL CB  HB   sing N N 321 
VAL CG1 HG11 sing N N 322 
VAL CG1 HG12 sing N N 323 
VAL CG1 HG13 sing N N 324 
VAL CG2 HG21 sing N N 325 
VAL CG2 HG22 sing N N 326 
VAL CG2 HG23 sing N N 327 
VAL OXT HXT  sing N N 328 
# 
_atom_sites.entry_id                    3CBN 
_atom_sites.fract_transf_matrix[1][1]   -0.01394072 
_atom_sites.fract_transf_matrix[1][2]   0.02393441 
_atom_sites.fract_transf_matrix[1][3]   -0.02015581 
_atom_sites.fract_transf_matrix[2][1]   -0.01092617 
_atom_sites.fract_transf_matrix[2][2]   -0.01040440 
_atom_sites.fract_transf_matrix[2][3]   -0.00479785 
_atom_sites.fract_transf_matrix[3][1]   -0.02378854 
_atom_sites.fract_transf_matrix[3][2]   0.01770294 
_atom_sites.fract_transf_matrix[3][3]   0.01578398 
_atom_sites.fract_transf_vector[1]      0.678499 
_atom_sites.fract_transf_vector[2]      0.161692 
_atom_sites.fract_transf_vector[3]      0.805339 
# 
loop_
_atom_type.symbol 
C  
N  
O  
S  
SE 
# 
loop_
_atom_site.group_PDB 
_atom_site.id 
_atom_site.type_symbol 
_atom_site.label_atom_id 
_atom_site.label_alt_id 
_atom_site.label_comp_id 
_atom_site.label_asym_id 
_atom_site.label_entity_id 
_atom_site.label_seq_id 
_atom_site.pdbx_PDB_ins_code 
_atom_site.Cartn_x 
_atom_site.Cartn_y 
_atom_site.Cartn_z 
_atom_site.occupancy 
_atom_site.B_iso_or_equiv 
_atom_site.pdbx_formal_charge 
_atom_site.auth_seq_id 
_atom_site.auth_comp_id 
_atom_site.auth_asym_id 
_atom_site.auth_atom_id 
_atom_site.pdbx_PDB_model_num 
ATOM   1    N  N   . LEU A 1 3   ? 8.628   -18.453 -12.370 1.00 19.78 ? 21  LEU A N   1 
ATOM   2    C  CA  . LEU A 1 3   ? 8.126   -17.166 -11.805 1.00 17.43 ? 21  LEU A CA  1 
ATOM   3    C  C   . LEU A 1 3   ? 6.950   -16.586 -12.585 1.00 16.20 ? 21  LEU A C   1 
ATOM   4    O  O   . LEU A 1 3   ? 6.899   -16.644 -13.818 1.00 16.09 ? 21  LEU A O   1 
ATOM   5    C  CB  . LEU A 1 3   ? 9.246   -16.126 -11.767 1.00 19.61 ? 21  LEU A CB  1 
ATOM   6    C  CG  . LEU A 1 3   ? 10.407  -16.347 -10.798 1.00 21.56 ? 21  LEU A CG  1 
ATOM   7    C  CD1 . LEU A 1 3   ? 11.484  -15.296 -11.041 1.00 21.38 ? 21  LEU A CD1 1 
ATOM   8    C  CD2 . LEU A 1 3   ? 9.899   -16.275 -9.368  1.00 24.14 ? 21  LEU A CD2 1 
ATOM   9    N  N   . GLY A 1 4   ? 6.000   -16.030 -11.846 1.00 12.99 ? 22  GLY A N   1 
ATOM   10   C  CA  . GLY A 1 4   ? 4.853   -15.413 -12.470 1.00 11.53 ? 22  GLY A CA  1 
ATOM   11   C  C   . GLY A 1 4   ? 4.875   -13.964 -12.035 1.00 10.38 ? 22  GLY A C   1 
ATOM   12   O  O   . GLY A 1 4   ? 5.579   -13.610 -11.090 1.00 9.09  ? 22  GLY A O   1 
ATOM   13   N  N   . VAL A 1 5   ? 4.128   -13.121 -12.738 1.00 9.26  ? 23  VAL A N   1 
ATOM   14   C  CA  . VAL A 1 5   ? 4.055   -11.706 -12.400 1.00 9.59  ? 23  VAL A CA  1 
ATOM   15   C  C   . VAL A 1 5   ? 2.603   -11.268 -12.517 1.00 10.09 ? 23  VAL A C   1 
ATOM   16   O  O   . VAL A 1 5   ? 1.953   -11.530 -13.528 1.00 11.68 ? 23  VAL A O   1 
ATOM   17   C  CB  . VAL A 1 5   ? 4.918   -10.844 -13.361 1.00 9.20  ? 23  VAL A CB  1 
ATOM   18   C  CG1 . VAL A 1 5   ? 4.829   -9.379  -12.967 1.00 10.57 ? 23  VAL A CG1 1 
ATOM   19   C  CG2 . VAL A 1 5   ? 6.367   -11.303 -13.312 1.00 11.37 ? 23  VAL A CG2 1 
ATOM   20   N  N   . LEU A 1 6   ? 2.089   -10.626 -11.472 1.00 8.44  ? 24  LEU A N   1 
ATOM   21   C  CA  . LEU A 1 6   ? 0.716   -10.146 -11.478 1.00 9.09  ? 24  LEU A CA  1 
ATOM   22   C  C   . LEU A 1 6   ? 0.663   -8.664  -11.134 1.00 7.97  ? 24  LEU A C   1 
ATOM   23   O  O   . LEU A 1 6   ? 1.378   -8.196  -10.255 1.00 8.85  ? 24  LEU A O   1 
ATOM   24   C  CB  . LEU A 1 6   ? -0.125  -10.936 -10.473 1.00 7.54  ? 24  LEU A CB  1 
ATOM   25   C  CG  . LEU A 1 6   ? -0.503  -12.361 -10.882 1.00 9.22  ? 24  LEU A CG  1 
ATOM   26   C  CD1 . LEU A 1 6   ? -1.009  -13.123 -9.671  1.00 7.22  ? 24  LEU A CD1 1 
ATOM   27   C  CD2 . LEU A 1 6   ? -1.559  -12.311 -11.969 1.00 9.14  ? 24  LEU A CD2 1 
ATOM   28   N  N   . ARG A 1 7   ? -0.182  -7.925  -11.843 1.00 10.69 ? 25  ARG A N   1 
ATOM   29   C  CA  . ARG A 1 7   ? -0.329  -6.499  -11.597 1.00 10.69 ? 25  ARG A CA  1 
ATOM   30   C  C   . ARG A 1 7   ? -1.768  -6.144  -11.293 1.00 10.86 ? 25  ARG A C   1 
ATOM   31   O  O   . ARG A 1 7   ? -2.694  -6.818  -11.741 1.00 11.22 ? 25  ARG A O   1 
ATOM   32   C  CB  . ARG A 1 7   ? 0.130   -5.686  -12.809 1.00 12.25 ? 25  ARG A CB  1 
ATOM   33   C  CG  . ARG A 1 7   ? 1.629   -5.607  -13.006 1.00 16.71 ? 25  ARG A CG  1 
ATOM   34   C  CD  . ARG A 1 7   ? 1.966   -4.810  -14.264 1.00 20.55 ? 25  ARG A CD  1 
ATOM   35   N  NE  . ARG A 1 7   ? 3.407   -4.751  -14.501 1.00 24.49 ? 25  ARG A NE  1 
ATOM   36   C  CZ  . ARG A 1 7   ? 4.197   -3.759  -14.106 1.00 26.20 ? 25  ARG A CZ  1 
ATOM   37   N  NH1 . ARG A 1 7   ? 3.692   -2.721  -13.453 1.00 26.43 ? 25  ARG A NH1 1 
ATOM   38   N  NH2 . ARG A 1 7   ? 5.498   -3.812  -14.351 1.00 26.23 ? 25  ARG A NH2 1 
ATOM   39   N  N   . TYR A 1 8   ? -1.949  -5.076  -10.527 1.00 9.87  ? 26  TYR A N   1 
ATOM   40   C  CA  . TYR A 1 8   ? -3.277  -4.602  -10.183 1.00 10.83 ? 26  TYR A CA  1 
ATOM   41   C  C   . TYR A 1 8   ? -3.183  -3.145  -9.756  1.00 9.89  ? 26  TYR A C   1 
ATOM   42   O  O   . TYR A 1 8   ? -2.273  -2.766  -9.024  1.00 9.34  ? 26  TYR A O   1 
ATOM   43   C  CB  . TYR A 1 8   ? -3.863  -5.428  -9.042  1.00 9.75  ? 26  TYR A CB  1 
ATOM   44   C  CG  . TYR A 1 8   ? -5.292  -5.071  -8.713  1.00 12.91 ? 26  TYR A CG  1 
ATOM   45   C  CD1 . TYR A 1 8   ? -6.330  -5.440  -9.564  1.00 13.06 ? 26  TYR A CD1 1 
ATOM   46   C  CD2 . TYR A 1 8   ? -5.609  -4.369  -7.549  1.00 13.17 ? 26  TYR A CD2 1 
ATOM   47   C  CE1 . TYR A 1 8   ? -7.646  -5.124  -9.267  1.00 16.14 ? 26  TYR A CE1 1 
ATOM   48   C  CE2 . TYR A 1 8   ? -6.923  -4.048  -7.242  1.00 14.72 ? 26  TYR A CE2 1 
ATOM   49   C  CZ  . TYR A 1 8   ? -7.936  -4.430  -8.104  1.00 16.20 ? 26  TYR A CZ  1 
ATOM   50   O  OH  . TYR A 1 8   ? -9.247  -4.132  -7.800  1.00 17.41 ? 26  TYR A OH  1 
ATOM   51   N  N   . THR A 1 9   ? -4.119  -2.328  -10.229 1.00 11.48 ? 27  THR A N   1 
ATOM   52   C  CA  . THR A 1 9   ? -4.137  -0.918  -9.871  1.00 12.06 ? 27  THR A CA  1 
ATOM   53   C  C   . THR A 1 9   ? -5.437  -0.566  -9.157  1.00 11.91 ? 27  THR A C   1 
ATOM   54   O  O   . THR A 1 9   ? -6.518  -1.010  -9.550  1.00 14.38 ? 27  THR A O   1 
ATOM   55   C  CB  . THR A 1 9   ? -3.991  -0.022  -11.119 1.00 11.16 ? 27  THR A CB  1 
ATOM   56   O  OG1 . THR A 1 9   ? -2.735  -0.290  -11.759 1.00 13.70 ? 27  THR A OG1 1 
ATOM   57   C  CG2 . THR A 1 9   ? -4.041  1.454   -10.727 1.00 12.48 ? 27  THR A CG2 1 
ATOM   58   N  N   . LEU A 1 10  ? -5.321  0.205   -8.081  1.00 11.93 ? 28  LEU A N   1 
ATOM   59   C  CA  . LEU A 1 10  ? -6.481  0.643   -7.329  1.00 11.26 ? 28  LEU A CA  1 
ATOM   60   C  C   . LEU A 1 10  ? -6.383  2.156   -7.249  1.00 11.43 ? 28  LEU A C   1 
ATOM   61   O  O   . LEU A 1 10  ? -5.328  2.733   -7.535  1.00 10.24 ? 28  LEU A O   1 
ATOM   62   C  CB  . LEU A 1 10  ? -6.514  0.004   -5.927  1.00 12.46 ? 28  LEU A CB  1 
ATOM   63   C  CG  . LEU A 1 10  ? -5.375  0.226   -4.928  1.00 13.23 ? 28  LEU A CG  1 
ATOM   64   C  CD1 . LEU A 1 10  ? -5.614  1.509   -4.138  1.00 14.77 ? 28  LEU A CD1 1 
ATOM   65   C  CD2 . LEU A 1 10  ? -5.305  -0.954  -3.972  1.00 15.73 ? 28  LEU A CD2 1 
ATOM   66   N  N   . ARG A 1 11  ? -7.482  2.798   -6.874  1.00 11.17 ? 29  ARG A N   1 
ATOM   67   C  CA  . ARG A 1 11  ? -7.525  4.249   -6.791  1.00 12.27 ? 29  ARG A CA  1 
ATOM   68   C  C   . ARG A 1 11  ? -7.869  4.753   -5.402  1.00 10.44 ? 29  ARG A C   1 
ATOM   69   O  O   . ARG A 1 11  ? -8.552  4.086   -4.633  1.00 11.77 ? 29  ARG A O   1 
ATOM   70   C  CB  . ARG A 1 11  ? -8.558  4.796   -7.781  1.00 15.41 ? 29  ARG A CB  1 
ATOM   71   C  CG  . ARG A 1 11  ? -8.218  4.559   -9.234  1.00 21.05 ? 29  ARG A CG  1 
ATOM   72   C  CD  . ARG A 1 11  ? -9.319  5.073   -10.149 1.00 26.09 ? 29  ARG A CD  1 
ATOM   73   N  NE  . ARG A 1 11  ? -8.864  5.159   -11.533 1.00 30.45 ? 29  ARG A NE  1 
ATOM   74   C  CZ  . ARG A 1 11  ? -7.986  6.052   -11.979 1.00 32.03 ? 29  ARG A CZ  1 
ATOM   75   N  NH1 . ARG A 1 11  ? -7.464  6.949   -11.148 1.00 33.23 ? 29  ARG A NH1 1 
ATOM   76   N  NH2 . ARG A 1 11  ? -7.621  6.043   -13.256 1.00 33.11 ? 29  ARG A NH2 1 
ATOM   77   N  N   . ALA A 1 12  ? -7.380  5.944   -5.089  1.00 10.60 ? 30  ALA A N   1 
ATOM   78   C  CA  . ALA A 1 12  ? -7.651  6.577   -3.806  1.00 10.19 ? 30  ALA A CA  1 
ATOM   79   C  C   . ALA A 1 12  ? -7.418  8.060   -4.023  1.00 10.14 ? 30  ALA A C   1 
ATOM   80   O  O   . ALA A 1 12  ? -7.114  8.487   -5.137  1.00 9.56  ? 30  ALA A O   1 
ATOM   81   C  CB  . ALA A 1 12  ? -6.702  6.038   -2.725  1.00 11.82 ? 30  ALA A CB  1 
ATOM   82   N  N   . ARG A 1 13  ? -7.563  8.849   -2.970  1.00 11.19 ? 31  ARG A N   1 
ATOM   83   C  CA  . ARG A 1 13  ? -7.326  10.278  -3.094  1.00 11.70 ? 31  ARG A CA  1 
ATOM   84   C  C   . ARG A 1 13  ? -6.663  10.813  -1.838  1.00 10.80 ? 31  ARG A C   1 
ATOM   85   O  O   . ARG A 1 13  ? -6.734  10.199  -0.779  1.00 12.21 ? 31  ARG A O   1 
ATOM   86   C  CB  . ARG A 1 13  ? -8.639  11.024  -3.366  1.00 14.28 ? 31  ARG A CB  1 
ATOM   87   C  CG  . ARG A 1 13  ? -9.667  11.010  -2.245  1.00 19.52 ? 31  ARG A CG  1 
ATOM   88   C  CD  . ARG A 1 13  ? -10.937 11.719  -2.722  1.00 22.95 ? 31  ARG A CD  1 
ATOM   89   N  NE  . ARG A 1 13  ? -11.925 11.950  -1.668  1.00 26.32 ? 31  ARG A NE  1 
ATOM   90   C  CZ  . ARG A 1 13  ? -13.150 12.421  -1.894  1.00 28.13 ? 31  ARG A CZ  1 
ATOM   91   N  NH1 . ARG A 1 13  ? -13.531 12.704  -3.135  1.00 29.08 ? 31  ARG A NH1 1 
ATOM   92   N  NH2 . ARG A 1 13  ? -13.993 12.620  -0.889  1.00 27.70 ? 31  ARG A NH2 1 
ATOM   93   N  N   . GLY A 1 14  ? -5.988  11.948  -1.969  1.00 9.45  ? 32  GLY A N   1 
ATOM   94   C  CA  . GLY A 1 14  ? -5.334  12.544  -0.824  1.00 9.42  ? 32  GLY A CA  1 
ATOM   95   C  C   . GLY A 1 14  ? -6.346  13.117  0.145   1.00 10.60 ? 32  GLY A C   1 
ATOM   96   O  O   . GLY A 1 14  ? -7.552  12.955  -0.029  1.00 11.29 ? 32  GLY A O   1 
ATOM   97   N  N   . HIS A 1 15  ? -5.851  13.784  1.178   1.00 11.17 ? 33  HIS A N   1 
ATOM   98   C  CA  . HIS A 1 15  ? -6.705  14.399  2.185   1.00 12.00 ? 33  HIS A CA  1 
ATOM   99   C  C   . HIS A 1 15  ? -5.882  15.511  2.821   1.00 13.90 ? 33  HIS A C   1 
ATOM   100  O  O   . HIS A 1 15  ? -4.667  15.395  2.942   1.00 9.97  ? 33  HIS A O   1 
ATOM   101  C  CB  . HIS A 1 15  ? -7.123  13.355  3.229   1.00 13.36 ? 33  HIS A CB  1 
ATOM   102  C  CG  . HIS A 1 15  ? -8.174  13.832  4.184   1.00 15.56 ? 33  HIS A CG  1 
ATOM   103  N  ND1 . HIS A 1 15  ? -7.904  14.696  5.223   1.00 15.56 ? 33  HIS A ND1 1 
ATOM   104  C  CD2 . HIS A 1 15  ? -9.501  13.567  4.253   1.00 15.69 ? 33  HIS A CD2 1 
ATOM   105  C  CE1 . HIS A 1 15  ? -9.018  14.943  5.890   1.00 16.60 ? 33  HIS A CE1 1 
ATOM   106  N  NE2 . HIS A 1 15  ? -10.001 14.269  5.322   1.00 15.29 ? 33  HIS A NE2 1 
ATOM   107  N  N   . PRO A 1 16  ? -6.531  16.615  3.215   1.00 15.01 ? 34  PRO A N   1 
ATOM   108  C  CA  . PRO A 1 16  ? -5.809  17.729  3.833   1.00 16.45 ? 34  PRO A CA  1 
ATOM   109  C  C   . PRO A 1 16  ? -5.002  17.350  5.077   1.00 16.35 ? 34  PRO A C   1 
ATOM   110  O  O   . PRO A 1 16  ? -4.022  18.017  5.407   1.00 15.96 ? 34  PRO A O   1 
ATOM   111  C  CB  . PRO A 1 16  ? -6.923  18.722  4.151   1.00 17.56 ? 34  PRO A CB  1 
ATOM   112  C  CG  . PRO A 1 16  ? -7.910  18.472  3.051   1.00 19.40 ? 34  PRO A CG  1 
ATOM   113  C  CD  . PRO A 1 16  ? -7.943  16.967  2.988   1.00 16.53 ? 34  PRO A CD  1 
ATOM   114  N  N   . ASN A 1 17  ? -5.408  16.282  5.759   1.00 14.43 ? 35  ASN A N   1 
ATOM   115  C  CA  . ASN A 1 17  ? -4.719  15.850  6.971   1.00 14.80 ? 35  ASN A CA  1 
ATOM   116  C  C   . ASN A 1 17  ? -3.583  14.849  6.763   1.00 14.48 ? 35  ASN A C   1 
ATOM   117  O  O   . ASN A 1 17  ? -3.045  14.319  7.732   1.00 15.25 ? 35  ASN A O   1 
ATOM   118  C  CB  . ASN A 1 17  ? -5.711  15.258  7.974   1.00 16.61 ? 35  ASN A CB  1 
ATOM   119  C  CG  . ASN A 1 17  ? -6.655  16.294  8.541   1.00 17.41 ? 35  ASN A CG  1 
ATOM   120  O  OD1 . ASN A 1 17  ? -6.314  17.469  8.642   1.00 19.57 ? 35  ASN A OD1 1 
ATOM   121  N  ND2 . ASN A 1 17  ? -7.842  15.861  8.936   1.00 17.86 ? 35  ASN A ND2 1 
ATOM   122  N  N   . VAL A 1 18  ? -3.227  14.579  5.512   1.00 13.53 ? 36  VAL A N   1 
ATOM   123  C  CA  . VAL A 1 18  ? -2.134  13.647  5.232   1.00 13.17 ? 36  VAL A CA  1 
ATOM   124  C  C   . VAL A 1 18  ? -0.805  14.329  5.545   1.00 12.67 ? 36  VAL A C   1 
ATOM   125  O  O   . VAL A 1 18  ? -0.554  15.439  5.080   1.00 13.70 ? 36  VAL A O   1 
ATOM   126  C  CB  . VAL A 1 18  ? -2.115  13.204  3.737   1.00 11.78 ? 36  VAL A CB  1 
ATOM   127  C  CG1 . VAL A 1 18  ? -0.812  12.491  3.417   1.00 11.98 ? 36  VAL A CG1 1 
ATOM   128  C  CG2 . VAL A 1 18  ? -3.290  12.282  3.446   1.00 10.96 ? 36  VAL A CG2 1 
ATOM   129  N  N   . THR A 1 19  ? 0.037   13.670  6.339   1.00 14.22 ? 37  THR A N   1 
ATOM   130  C  CA  . THR A 1 19  ? 1.350   14.213  6.679   1.00 13.44 ? 37  THR A CA  1 
ATOM   131  C  C   . THR A 1 19  ? 2.435   13.235  6.230   1.00 13.44 ? 37  THR A C   1 
ATOM   132  O  O   . THR A 1 19  ? 3.558   13.637  5.910   1.00 13.44 ? 37  THR A O   1 
ATOM   133  C  CB  . THR A 1 19  ? 1.492   14.476  8.203   1.00 13.89 ? 37  THR A CB  1 
ATOM   134  O  OG1 . THR A 1 19  ? 1.293   13.259  8.936   1.00 14.71 ? 37  THR A OG1 1 
ATOM   135  C  CG2 . THR A 1 19  ? 0.481   15.504  8.657   1.00 13.38 ? 37  THR A CG2 1 
ATOM   136  N  N   . ALA A 1 20  ? 2.086   11.953  6.182   1.00 12.50 ? 38  ALA A N   1 
ATOM   137  C  CA  . ALA A 1 20  ? 3.031   10.918  5.766   1.00 12.25 ? 38  ALA A CA  1 
ATOM   138  C  C   . ALA A 1 20  ? 4.337   11.009  6.554   1.00 12.77 ? 38  ALA A C   1 
ATOM   139  O  O   . ALA A 1 20  ? 5.425   11.006  5.973   1.00 12.86 ? 38  ALA A O   1 
ATOM   140  C  CB  . ALA A 1 20  ? 3.310   11.039  4.273   1.00 12.72 ? 38  ALA A CB  1 
ATOM   141  N  N   . GLY A 1 21  ? 4.223   11.083  7.876   1.00 13.30 ? 39  GLY A N   1 
ATOM   142  C  CA  . GLY A 1 21  ? 5.403   11.172  8.716   1.00 14.06 ? 39  GLY A CA  1 
ATOM   143  C  C   . GLY A 1 21  ? 5.803   9.867   9.387   1.00 13.22 ? 39  GLY A C   1 
ATOM   144  O  O   . GLY A 1 21  ? 6.868   9.790   9.995   1.00 13.41 ? 39  GLY A O   1 
ATOM   145  N  N   . HIS A 1 22  ? 4.971   8.836   9.272   1.00 14.02 ? 40  HIS A N   1 
ATOM   146  C  CA  . HIS A 1 22  ? 5.271   7.552   9.897   1.00 15.06 ? 40  HIS A CA  1 
ATOM   147  C  C   . HIS A 1 22  ? 6.573   6.962   9.367   1.00 14.95 ? 40  HIS A C   1 
ATOM   148  O  O   . HIS A 1 22  ? 6.786   6.881   8.157   1.00 13.57 ? 40  HIS A O   1 
ATOM   149  C  CB  . HIS A 1 22  ? 4.139   6.557   9.666   1.00 15.13 ? 40  HIS A CB  1 
ATOM   150  C  CG  . HIS A 1 22  ? 4.124   5.430   10.649  1.00 17.21 ? 40  HIS A CG  1 
ATOM   151  N  ND1 . HIS A 1 22  ? 3.358   5.452   11.795  1.00 16.99 ? 40  HIS A ND1 1 
ATOM   152  C  CD2 . HIS A 1 22  ? 4.806   4.261   10.675  1.00 15.04 ? 40  HIS A CD2 1 
ATOM   153  C  CE1 . HIS A 1 22  ? 3.567   4.344   12.483  1.00 17.71 ? 40  HIS A CE1 1 
ATOM   154  N  NE2 . HIS A 1 22  ? 4.442   3.606   11.825  1.00 18.56 ? 40  HIS A NE2 1 
ATOM   155  N  N   . ARG A 1 23  ? 7.426   6.526   10.290  1.00 16.12 ? 41  ARG A N   1 
ATOM   156  C  CA  . ARG A 1 23  ? 8.736   5.980   9.949   1.00 15.78 ? 41  ARG A CA  1 
ATOM   157  C  C   . ARG A 1 23  ? 8.829   4.497   9.599   1.00 15.54 ? 41  ARG A C   1 
ATOM   158  O  O   . ARG A 1 23  ? 9.866   4.059   9.099   1.00 14.95 ? 41  ARG A O   1 
ATOM   159  C  CB  . ARG A 1 23  ? 9.716   6.280   11.090  1.00 16.87 ? 41  ARG A CB  1 
ATOM   160  C  CG  . ARG A 1 23  ? 9.959   7.763   11.319  1.00 20.66 ? 41  ARG A CG  1 
ATOM   161  C  CD  . ARG A 1 23  ? 10.529  8.025   12.703  1.00 23.33 ? 41  ARG A CD  1 
ATOM   162  N  NE  . ARG A 1 23  ? 10.632  9.454   12.986  1.00 25.39 ? 41  ARG A NE  1 
ATOM   163  C  CZ  . ARG A 1 23  ? 11.489  10.273  12.387  1.00 26.89 ? 41  ARG A CZ  1 
ATOM   164  N  NH1 . ARG A 1 23  ? 12.324  9.803   11.471  1.00 28.21 ? 41  ARG A NH1 1 
ATOM   165  N  NH2 . ARG A 1 23  ? 11.509  11.561  12.698  1.00 25.76 ? 41  ARG A NH2 1 
ATOM   166  N  N   . THR A 1 24  ? 7.778   3.718   9.846   1.00 14.32 ? 42  THR A N   1 
ATOM   167  C  CA  . THR A 1 24  ? 7.844   2.287   9.537   1.00 15.30 ? 42  THR A CA  1 
ATOM   168  C  C   . THR A 1 24  ? 6.697   1.700   8.708   1.00 13.46 ? 42  THR A C   1 
ATOM   169  O  O   . THR A 1 24  ? 6.695   0.501   8.434   1.00 14.43 ? 42  THR A O   1 
ATOM   170  C  CB  . THR A 1 24  ? 7.970   1.433   10.827  1.00 16.67 ? 42  THR A CB  1 
ATOM   171  O  OG1 . THR A 1 24  ? 6.782   1.565   11.613  1.00 18.48 ? 42  THR A OG1 1 
ATOM   172  C  CG2 . THR A 1 24  ? 9.169   1.876   11.648  1.00 20.00 ? 42  THR A CG2 1 
ATOM   173  N  N   . THR A 1 25  ? 5.731   2.525   8.312   1.00 11.79 ? 43  THR A N   1 
ATOM   174  C  CA  . THR A 1 25  ? 4.607   2.042   7.509   1.00 10.26 ? 43  THR A CA  1 
ATOM   175  C  C   . THR A 1 25  ? 3.966   3.167   6.720   1.00 9.56  ? 43  THR A C   1 
ATOM   176  O  O   . THR A 1 25  ? 4.269   4.331   6.926   1.00 9.05  ? 43  THR A O   1 
ATOM   177  C  CB  . THR A 1 25  ? 3.453   1.476   8.372   1.00 10.81 ? 43  THR A CB  1 
ATOM   178  O  OG1 . THR A 1 25  ? 2.764   2.565   9.005   1.00 10.70 ? 43  THR A OG1 1 
ATOM   179  C  CG2 . THR A 1 25  ? 3.967   0.526   9.433   1.00 11.66 ? 43  THR A CG2 1 
ATOM   180  N  N   . PHE A 1 26  ? 3.087   2.789   5.797   1.00 9.40  ? 44  PHE A N   1 
ATOM   181  C  CA  . PHE A 1 26  ? 2.288   3.740   5.034   1.00 9.93  ? 44  PHE A CA  1 
ATOM   182  C  C   . PHE A 1 26  ? 1.008   2.964   4.745   1.00 9.65  ? 44  PHE A C   1 
ATOM   183  O  O   . PHE A 1 26  ? 1.030   1.732   4.603   1.00 9.35  ? 44  PHE A O   1 
ATOM   184  C  CB  . PHE A 1 26  ? 3.016   4.275   3.776   1.00 11.16 ? 44  PHE A CB  1 
ATOM   185  C  CG  . PHE A 1 26  ? 3.219   3.273   2.668   1.00 11.53 ? 44  PHE A CG  1 
ATOM   186  C  CD1 . PHE A 1 26  ? 2.180   2.952   1.796   1.00 11.56 ? 44  PHE A CD1 1 
ATOM   187  C  CD2 . PHE A 1 26  ? 4.478   2.719   2.440   1.00 11.25 ? 44  PHE A CD2 1 
ATOM   188  C  CE1 . PHE A 1 26  ? 2.397   2.101   0.712   1.00 12.52 ? 44  PHE A CE1 1 
ATOM   189  C  CE2 . PHE A 1 26  ? 4.702   1.868   1.360   1.00 10.98 ? 44  PHE A CE2 1 
ATOM   190  C  CZ  . PHE A 1 26  ? 3.661   1.560   0.495   1.00 11.21 ? 44  PHE A CZ  1 
ATOM   191  N  N   . GLU A 1 27  ? -0.114  3.672   4.705   1.00 9.53  ? 45  GLU A N   1 
ATOM   192  C  CA  . GLU A 1 27  ? -1.396  3.016   4.524   1.00 9.63  ? 45  GLU A CA  1 
ATOM   193  C  C   . GLU A 1 27  ? -2.383  3.747   3.628   1.00 9.39  ? 45  GLU A C   1 
ATOM   194  O  O   . GLU A 1 27  ? -2.350  4.974   3.496   1.00 9.34  ? 45  GLU A O   1 
ATOM   195  C  CB  . GLU A 1 27  ? -2.016  2.807   5.908   1.00 11.54 ? 45  GLU A CB  1 
ATOM   196  C  CG  . GLU A 1 27  ? -3.419  2.228   5.939   1.00 15.06 ? 45  GLU A CG  1 
ATOM   197  C  CD  . GLU A 1 27  ? -4.065  2.391   7.304   1.00 17.71 ? 45  GLU A CD  1 
ATOM   198  O  OE1 . GLU A 1 27  ? -3.330  2.360   8.315   1.00 18.46 ? 45  GLU A OE1 1 
ATOM   199  O  OE2 . GLU A 1 27  ? -5.306  2.543   7.370   1.00 19.94 ? 45  GLU A OE2 1 
ATOM   200  N  N   . VAL A 1 28  ? -3.249  2.951   3.006   1.00 8.34  ? 46  VAL A N   1 
ATOM   201  C  CA  . VAL A 1 28  ? -4.316  3.421   2.132   1.00 8.82  ? 46  VAL A CA  1 
ATOM   202  C  C   . VAL A 1 28  ? -5.585  2.865   2.782   1.00 9.30  ? 46  VAL A C   1 
ATOM   203  O  O   . VAL A 1 28  ? -5.557  1.774   3.341   1.00 9.40  ? 46  VAL A O   1 
ATOM   204  C  CB  . VAL A 1 28  ? -4.161  2.854   0.704   1.00 11.30 ? 46  VAL A CB  1 
ATOM   205  C  CG1 . VAL A 1 28  ? -5.417  3.120   -0.108  1.00 12.69 ? 46  VAL A CG1 1 
ATOM   206  C  CG2 . VAL A 1 28  ? -2.960  3.500   0.024   1.00 12.85 ? 46  VAL A CG2 1 
ATOM   207  N  N   . THR A 1 29  ? -6.683  3.614   2.741   1.00 8.81  ? 47  THR A N   1 
ATOM   208  C  CA  . THR A 1 29  ? -7.919  3.134   3.353   1.00 9.41  ? 47  THR A CA  1 
ATOM   209  C  C   . THR A 1 29  ? -9.159  3.471   2.531   1.00 10.29 ? 47  THR A C   1 
ATOM   210  O  O   . THR A 1 29  ? -9.167  4.441   1.779   1.00 9.63  ? 47  THR A O   1 
ATOM   211  C  CB  . THR A 1 29  ? -8.100  3.721   4.777   1.00 9.28  ? 47  THR A CB  1 
ATOM   212  O  OG1 . THR A 1 29  ? -9.265  3.155   5.388   1.00 10.73 ? 47  THR A OG1 1 
ATOM   213  C  CG2 . THR A 1 29  ? -8.254  5.236   4.722   1.00 8.95  ? 47  THR A CG2 1 
ATOM   214  N  N   . VAL A 1 30  ? -10.198 2.650   2.663   1.00 10.48 ? 48  VAL A N   1 
ATOM   215  C  CA  . VAL A 1 30  ? -11.443 2.900   1.948   1.00 11.59 ? 48  VAL A CA  1 
ATOM   216  C  C   . VAL A 1 30  ? -12.226 3.982   2.692   1.00 12.28 ? 48  VAL A C   1 
ATOM   217  O  O   . VAL A 1 30  ? -13.150 4.584   2.143   1.00 11.10 ? 48  VAL A O   1 
ATOM   218  C  CB  . VAL A 1 30  ? -12.321 1.622   1.842   1.00 14.39 ? 48  VAL A CB  1 
ATOM   219  C  CG1 . VAL A 1 30  ? -11.576 0.538   1.082   1.00 12.80 ? 48  VAL A CG1 1 
ATOM   220  C  CG2 . VAL A 1 30  ? -12.717 1.140   3.222   1.00 15.89 ? 48  VAL A CG2 1 
ATOM   221  N  N   . ASP A 1 31  ? -11.852 4.225   3.947   1.00 11.76 ? 49  ASP A N   1 
ATOM   222  C  CA  . ASP A 1 31  ? -12.512 5.248   4.750   1.00 12.70 ? 49  ASP A CA  1 
ATOM   223  C  C   . ASP A 1 31  ? -12.296 6.577   4.042   1.00 12.34 ? 49  ASP A C   1 
ATOM   224  O  O   . ASP A 1 31  ? -11.226 6.823   3.495   1.00 11.53 ? 49  ASP A O   1 
ATOM   225  C  CB  . ASP A 1 31  ? -11.924 5.295   6.163   1.00 13.69 ? 49  ASP A CB  1 
ATOM   226  C  CG  . ASP A 1 31  ? -12.218 4.033   6.958   1.00 15.39 ? 49  ASP A CG  1 
ATOM   227  O  OD1 . ASP A 1 31  ? -13.233 3.367   6.666   1.00 18.74 ? 49  ASP A OD1 1 
ATOM   228  O  OD2 . ASP A 1 31  ? -11.444 3.713   7.886   1.00 19.92 ? 49  ASP A OD2 1 
ATOM   229  N  N   . PRO A 1 32  ? -13.316 7.449   4.030   1.00 12.51 ? 50  PRO A N   1 
ATOM   230  C  CA  . PRO A 1 32  ? -13.162 8.743   3.352   1.00 12.74 ? 50  PRO A CA  1 
ATOM   231  C  C   . PRO A 1 32  ? -12.472 9.862   4.138   1.00 13.49 ? 50  PRO A C   1 
ATOM   232  O  O   . PRO A 1 32  ? -11.957 10.811  3.544   1.00 12.40 ? 50  PRO A O   1 
ATOM   233  C  CB  . PRO A 1 32  ? -14.596 9.098   2.987   1.00 11.48 ? 50  PRO A CB  1 
ATOM   234  C  CG  . PRO A 1 32  ? -15.358 8.569   4.173   1.00 12.51 ? 50  PRO A CG  1 
ATOM   235  C  CD  . PRO A 1 32  ? -14.722 7.210   4.401   1.00 12.34 ? 50  PRO A CD  1 
ATOM   236  N  N   . GLU A 1 33  ? -12.458 9.756   5.464   1.00 14.40 ? 51  GLU A N   1 
ATOM   237  C  CA  . GLU A 1 33  ? -11.842 10.788  6.295   1.00 16.28 ? 51  GLU A CA  1 
ATOM   238  C  C   . GLU A 1 33  ? -10.787 10.218  7.236   1.00 17.28 ? 51  GLU A C   1 
ATOM   239  O  O   . GLU A 1 33  ? -10.868 9.061   7.639   1.00 18.54 ? 51  GLU A O   1 
ATOM   240  C  CB  . GLU A 1 33  ? -12.911 11.500  7.134   1.00 17.73 ? 51  GLU A CB  1 
ATOM   241  C  CG  . GLU A 1 33  ? -13.978 12.255  6.337   1.00 21.63 ? 51  GLU A CG  1 
ATOM   242  C  CD  . GLU A 1 33  ? -13.417 13.443  5.582   1.00 24.41 ? 51  GLU A CD  1 
ATOM   243  O  OE1 . GLU A 1 33  ? -12.689 14.248  6.202   1.00 27.17 ? 51  GLU A OE1 1 
ATOM   244  O  OE2 . GLU A 1 33  ? -13.707 13.578  4.372   1.00 26.76 ? 51  GLU A OE2 1 
ATOM   245  N  N   . ILE A 1 34  ? -9.799  11.042  7.577   1.00 17.76 ? 52  ILE A N   1 
ATOM   246  C  CA  . ILE A 1 34  ? -8.739  10.643  8.498   1.00 19.86 ? 52  ILE A CA  1 
ATOM   247  C  C   . ILE A 1 34  ? -8.500  11.748  9.522   1.00 22.00 ? 52  ILE A C   1 
ATOM   248  O  O   . ILE A 1 34  ? -8.686  12.932  9.233   1.00 22.56 ? 52  ILE A O   1 
ATOM   249  C  CB  . ILE A 1 34  ? -7.395  10.366  7.783   1.00 19.16 ? 52  ILE A CB  1 
ATOM   250  C  CG1 . ILE A 1 34  ? -6.951  11.606  7.003   1.00 18.90 ? 52  ILE A CG1 1 
ATOM   251  C  CG2 . ILE A 1 34  ? -7.519  9.145   6.894   1.00 18.29 ? 52  ILE A CG2 1 
ATOM   252  C  CD1 . ILE A 1 34  ? -5.571  11.475  6.398   1.00 20.35 ? 52  ILE A CD1 1 
ATOM   253  N  N   . GLY A 1 35  ? -8.077  11.349  10.717  1.00 24.65 ? 53  GLY A N   1 
ATOM   254  C  CA  . GLY A 1 35  ? -7.823  12.309  11.774  1.00 27.34 ? 53  GLY A CA  1 
ATOM   255  C  C   . GLY A 1 35  ? -6.544  13.094  11.566  1.00 29.12 ? 53  GLY A C   1 
ATOM   256  O  O   . GLY A 1 35  ? -5.849  12.932  10.564  1.00 28.07 ? 53  GLY A O   1 
ATOM   257  N  N   . GLU A 1 36  ? -6.221  13.943  12.533  1.00 30.89 ? 54  GLU A N   1 
ATOM   258  C  CA  . GLU A 1 36  ? -5.030  14.773  12.457  1.00 32.15 ? 54  GLU A CA  1 
ATOM   259  C  C   . GLU A 1 36  ? -3.787  13.998  12.868  1.00 31.47 ? 54  GLU A C   1 
ATOM   260  O  O   . GLU A 1 36  ? -2.658  14.437  12.613  1.00 32.47 ? 54  GLU A O   1 
ATOM   261  C  CB  . GLU A 1 36  ? -5.193  16.012  13.321  1.00 35.83 ? 54  GLU A CB  1 
ATOM   262  N  N   . THR A 1 37  ? -3.975  12.839  13.493  1.00 28.96 ? 55  THR A N   1 
ATOM   263  C  CA  . THR A 1 37  ? -2.856  12.027  13.962  1.00 26.36 ? 55  THR A CA  1 
ATOM   264  C  C   . THR A 1 37  ? -2.549  10.780  13.131  1.00 23.27 ? 55  THR A C   1 
ATOM   265  O  O   . THR A 1 37  ? -1.693  9.977   13.514  1.00 22.60 ? 55  THR A O   1 
ATOM   266  C  CB  . THR A 1 37  ? -3.089  11.582  15.415  1.00 27.24 ? 55  THR A CB  1 
ATOM   267  O  OG1 . THR A 1 37  ? -4.284  10.796  15.486  1.00 28.13 ? 55  THR A OG1 1 
ATOM   268  C  CG2 . THR A 1 37  ? -3.231  12.794  16.322  1.00 27.50 ? 55  THR A CG2 1 
ATOM   269  N  N   . ALA A 1 38  ? -3.232  10.619  12.002  1.00 20.10 ? 56  ALA A N   1 
ATOM   270  C  CA  . ALA A 1 38  ? -3.014  9.460   11.135  1.00 16.60 ? 56  ALA A CA  1 
ATOM   271  C  C   . ALA A 1 38  ? -1.832  9.706   10.195  1.00 14.72 ? 56  ALA A C   1 
ATOM   272  O  O   . ALA A 1 38  ? -1.995  9.752   8.975   1.00 13.22 ? 56  ALA A O   1 
ATOM   273  C  CB  . ALA A 1 38  ? -4.274  9.174   10.327  1.00 16.34 ? 56  ALA A CB  1 
ATOM   274  N  N   . ASP A 1 39  ? -0.640  9.837   10.768  1.00 15.31 ? 57  ASP A N   1 
ATOM   275  C  CA  . ASP A 1 39  ? 0.560   10.117  9.985   1.00 14.61 ? 57  ASP A CA  1 
ATOM   276  C  C   . ASP A 1 39  ? 1.066   8.996   9.077   1.00 12.76 ? 57  ASP A C   1 
ATOM   277  O  O   . ASP A 1 39  ? 2.087   9.157   8.413   1.00 10.72 ? 57  ASP A O   1 
ATOM   278  C  CB  . ASP A 1 39  ? 1.690   10.590  10.916  1.00 17.67 ? 57  ASP A CB  1 
ATOM   279  C  CG  . ASP A 1 39  ? 2.200   9.496   11.830  1.00 19.87 ? 57  ASP A CG  1 
ATOM   280  O  OD1 . ASP A 1 39  ? 1.414   8.601   12.208  1.00 22.53 ? 57  ASP A OD1 1 
ATOM   281  O  OD2 . ASP A 1 39  ? 3.395   9.544   12.188  1.00 21.98 ? 57  ASP A OD2 1 
ATOM   282  N  N   . CYS A 1 40  ? 0.368   7.866   9.041   1.00 11.99 ? 58  CYS A N   1 
ATOM   283  C  CA  . CYS A 1 40  ? 0.801   6.769   8.177   1.00 12.62 ? 58  CYS A CA  1 
ATOM   284  C  C   . CYS A 1 40  ? -0.090  6.659   6.942   1.00 12.03 ? 58  CYS A C   1 
ATOM   285  O  O   . CYS A 1 40  ? 0.262   5.988   5.971   1.00 10.25 ? 58  CYS A O   1 
ATOM   286  C  CB  . CYS A 1 40  ? 0.785   5.433   8.934   1.00 14.93 ? 58  CYS A CB  1 
ATOM   287  S  SG  . CYS A 1 40  ? -0.860  4.704   9.158   1.00 19.97 ? 58  CYS A SG  1 
ATOM   288  N  N   . ILE A 1 41  ? -1.238  7.330   6.974   1.00 11.69 ? 59  ILE A N   1 
ATOM   289  C  CA  . ILE A 1 41  ? -2.176  7.281   5.859   1.00 12.02 ? 59  ILE A CA  1 
ATOM   290  C  C   . ILE A 1 41  ? -1.815  8.250   4.743   1.00 11.36 ? 59  ILE A C   1 
ATOM   291  O  O   . ILE A 1 41  ? -1.612  9.440   4.981   1.00 11.58 ? 59  ILE A O   1 
ATOM   292  C  CB  . ILE A 1 41  ? -3.623  7.561   6.344   1.00 13.15 ? 59  ILE A CB  1 
ATOM   293  C  CG1 . ILE A 1 41  ? -4.052  6.460   7.321   1.00 15.14 ? 59  ILE A CG1 1 
ATOM   294  C  CG2 . ILE A 1 41  ? -4.581  7.625   5.159   1.00 13.55 ? 59  ILE A CG2 1 
ATOM   295  C  CD1 . ILE A 1 41  ? -5.425  6.653   7.926   1.00 16.32 ? 59  ILE A CD1 1 
ATOM   296  N  N   . ILE A 1 42  ? -1.730  7.724   3.525   1.00 9.85  ? 60  ILE A N   1 
ATOM   297  C  CA  . ILE A 1 42  ? -1.393  8.535   2.363   1.00 9.82  ? 60  ILE A CA  1 
ATOM   298  C  C   . ILE A 1 42  ? -2.519  8.542   1.332   1.00 8.72  ? 60  ILE A C   1 
ATOM   299  O  O   . ILE A 1 42  ? -2.440  9.249   0.332   1.00 9.88  ? 60  ILE A O   1 
ATOM   300  C  CB  . ILE A 1 42  ? -0.099  8.031   1.686   1.00 8.66  ? 60  ILE A CB  1 
ATOM   301  C  CG1 . ILE A 1 42  ? -0.285  6.583   1.223   1.00 10.23 ? 60  ILE A CG1 1 
ATOM   302  C  CG2 . ILE A 1 42  ? 1.071   8.140   2.660   1.00 11.67 ? 60  ILE A CG2 1 
ATOM   303  C  CD1 . ILE A 1 42  ? 0.830   6.073   0.347   1.00 11.88 ? 60  ILE A CD1 1 
ATOM   304  N  N   . GLY A 1 43  ? -3.562  7.758   1.579   1.00 8.50  ? 61  GLY A N   1 
ATOM   305  C  CA  . GLY A 1 43  ? -4.681  7.715   0.658   1.00 6.98  ? 61  GLY A CA  1 
ATOM   306  C  C   . GLY A 1 43  ? -5.977  7.296   1.326   1.00 8.30  ? 61  GLY A C   1 
ATOM   307  O  O   . GLY A 1 43  ? -5.994  6.374   2.151   1.00 6.89  ? 61  GLY A O   1 
ATOM   308  N  N   . VAL A 1 44  ? -7.062  7.988   0.977   1.00 8.60  ? 62  VAL A N   1 
ATOM   309  C  CA  . VAL A 1 44  ? -8.387  7.695   1.516   1.00 7.96  ? 62  VAL A CA  1 
ATOM   310  C  C   . VAL A 1 44  ? -9.360  7.398   0.370   1.00 7.61  ? 62  VAL A C   1 
ATOM   311  O  O   . VAL A 1 44  ? -9.013  7.546   -0.805  1.00 7.38  ? 62  VAL A O   1 
ATOM   312  C  CB  . VAL A 1 44  ? -8.938  8.874   2.335   1.00 7.80  ? 62  VAL A CB  1 
ATOM   313  C  CG1 . VAL A 1 44  ? -8.051  9.130   3.537   1.00 8.37  ? 62  VAL A CG1 1 
ATOM   314  C  CG2 . VAL A 1 44  ? -9.021  10.116  1.460   1.00 9.51  ? 62  VAL A CG2 1 
ATOM   315  N  N   . SER A 1 45  ? -10.574 6.979   0.715   1.00 8.38  ? 63  SER A N   1 
ATOM   316  C  CA  . SER A 1 45  ? -11.585 6.658   -0.292  1.00 10.09 ? 63  SER A CA  1 
ATOM   317  C  C   . SER A 1 45  ? -11.036 5.714   -1.358  1.00 9.99  ? 63  SER A C   1 
ATOM   318  O  O   . SER A 1 45  ? -11.303 5.874   -2.554  1.00 12.15 ? 63  SER A O   1 
ATOM   319  C  CB  . SER A 1 45  ? -12.105 7.943   -0.941  1.00 9.54  ? 63  SER A CB  1 
ATOM   320  O  OG  . SER A 1 45  ? -12.876 8.690   -0.016  1.00 9.94  ? 63  SER A OG  1 
ATOM   321  N  N   . SER A 1 46  ? -10.285 4.710   -0.912  1.00 10.55 ? 64  SER A N   1 
ATOM   322  C  CA  . SER A 1 46  ? -9.693  3.734   -1.817  1.00 10.05 ? 64  SER A CA  1 
ATOM   323  C  C   . SER A 1 46  ? -10.772 2.892   -2.473  1.00 10.32 ? 64  SER A C   1 
ATOM   324  O  O   . SER A 1 46  ? -11.784 2.587   -1.848  1.00 10.88 ? 64  SER A O   1 
ATOM   325  C  CB  . SER A 1 46  ? -8.732  2.824   -1.045  1.00 10.28 ? 64  SER A CB  1 
ATOM   326  O  OG  . SER A 1 46  ? -8.174  1.834   -1.886  1.00 8.82  ? 64  SER A OG  1 
ATOM   327  N  N   . SER A 1 47  ? -10.558 2.527   -3.732  1.00 12.21 ? 65  SER A N   1 
ATOM   328  C  CA  . SER A 1 47  ? -11.521 1.703   -4.458  1.00 11.37 ? 65  SER A CA  1 
ATOM   329  C  C   . SER A 1 47  ? -11.311 0.247   -4.070  1.00 12.25 ? 65  SER A C   1 
ATOM   330  O  O   . SER A 1 47  ? -11.985 -0.654  -4.577  1.00 15.06 ? 65  SER A O   1 
ATOM   331  C  CB  . SER A 1 47  ? -11.332 1.865   -5.966  1.00 12.05 ? 65  SER A CB  1 
ATOM   332  O  OG  . SER A 1 47  ? -10.024 1.479   -6.349  1.00 11.76 ? 65  SER A OG  1 
ATOM   333  N  N   . ASP A 1 48  ? -10.365 0.021   -3.166  1.00 11.58 ? 66  ASP A N   1 
ATOM   334  C  CA  . ASP A 1 48  ? -10.067 -1.324  -2.710  1.00 11.17 ? 66  ASP A CA  1 
ATOM   335  C  C   . ASP A 1 48  ? -9.536  -1.385  -1.292  1.00 10.49 ? 66  ASP A C   1 
ATOM   336  O  O   . ASP A 1 48  ? -8.839  -0.477  -0.828  1.00 11.15 ? 66  ASP A O   1 
ATOM   337  C  CB  . ASP A 1 48  ? -9.029  -1.990  -3.629  1.00 13.30 ? 66  ASP A CB  1 
ATOM   338  C  CG  . ASP A 1 48  ? -9.643  -2.592  -4.871  1.00 12.49 ? 66  ASP A CG  1 
ATOM   339  O  OD1 . ASP A 1 48  ? -10.470 -3.521  -4.741  1.00 15.74 ? 66  ASP A OD1 1 
ATOM   340  O  OD2 . ASP A 1 48  ? -9.302  -2.139  -5.981  1.00 19.18 ? 66  ASP A OD2 1 
ATOM   341  N  N   . SER A 1 49  ? -9.899  -2.465  -0.607  1.00 10.63 ? 67  SER A N   1 
ATOM   342  C  CA  . SER A 1 49  ? -9.407  -2.746  0.733   1.00 9.25  ? 67  SER A CA  1 
ATOM   343  C  C   . SER A 1 49  ? -8.451  -3.899  0.419   1.00 9.52  ? 67  SER A C   1 
ATOM   344  O  O   . SER A 1 49  ? -8.422  -4.377  -0.719  1.00 11.05 ? 67  SER A O   1 
ATOM   345  C  CB  . SER A 1 49  ? -10.536 -3.217  1.655   1.00 12.68 ? 67  SER A CB  1 
ATOM   346  O  OG  . SER A 1 49  ? -11.124 -4.410  1.180   1.00 12.60 ? 67  SER A OG  1 
ATOM   347  N  N   . ILE A 1 50  ? -7.659  -4.348  1.380   1.00 7.71  ? 68  ILE A N   1 
ATOM   348  C  CA  . ILE A 1 50  ? -6.744  -5.443  1.072   1.00 8.82  ? 68  ILE A CA  1 
ATOM   349  C  C   . ILE A 1 50  ? -7.556  -6.693  0.732   1.00 9.36  ? 68  ILE A C   1 
ATOM   350  O  O   . ILE A 1 50  ? -7.151  -7.516  -0.094  1.00 8.47  ? 68  ILE A O   1 
ATOM   351  C  CB  . ILE A 1 50  ? -5.772  -5.717  2.258   1.00 8.97  ? 68  ILE A CB  1 
ATOM   352  C  CG1 . ILE A 1 50  ? -4.653  -6.660  1.808   1.00 9.23  ? 68  ILE A CG1 1 
ATOM   353  C  CG2 . ILE A 1 50  ? -6.529  -6.304  3.440   1.00 9.96  ? 68  ILE A CG2 1 
ATOM   354  C  CD1 . ILE A 1 50  ? -3.484  -6.724  2.772   1.00 10.66 ? 68  ILE A CD1 1 
ATOM   355  N  N   . SER A 1 51  ? -8.734  -6.804  1.338   1.00 9.56  ? 69  SER A N   1 
ATOM   356  C  CA  . SER A 1 51  ? -9.603  -7.956  1.122   1.00 10.81 ? 69  SER A CA  1 
ATOM   357  C  C   . SER A 1 51  ? -10.232 -8.049  -0.268  1.00 10.02 ? 69  SER A C   1 
ATOM   358  O  O   . SER A 1 51  ? -10.585 -9.150  -0.715  1.00 11.42 ? 69  SER A O   1 
ATOM   359  C  CB  . SER A 1 51  ? -10.726 -7.965  2.164   1.00 12.44 ? 69  SER A CB  1 
ATOM   360  O  OG  . SER A 1 51  ? -11.617 -6.878  1.960   1.00 14.51 ? 69  SER A OG  1 
ATOM   361  N  N   . THR A 1 52  ? -10.373 -6.917  -0.959  1.00 9.79  ? 70  THR A N   1 
ATOM   362  C  CA  . THR A 1 52  ? -11.005 -6.940  -2.275  1.00 10.36 ? 70  THR A CA  1 
ATOM   363  C  C   . THR A 1 52  ? -10.060 -7.086  -3.460  1.00 10.70 ? 70  THR A C   1 
ATOM   364  O  O   . THR A 1 52  ? -10.505 -7.076  -4.610  1.00 11.47 ? 70  THR A O   1 
ATOM   365  C  CB  . THR A 1 52  ? -11.898 -5.699  -2.500  1.00 10.35 ? 70  THR A CB  1 
ATOM   366  O  OG1 . THR A 1 52  ? -11.108 -4.508  -2.411  1.00 10.74 ? 70  THR A OG1 1 
ATOM   367  C  CG2 . THR A 1 52  ? -13.010 -5.652  -1.459  1.00 10.51 ? 70  THR A CG2 1 
ATOM   368  N  N   . LEU A 1 53  ? -8.764  -7.224  -3.188  1.00 8.83  ? 71  LEU A N   1 
ATOM   369  C  CA  . LEU A 1 53  ? -7.794  -7.416  -4.259  1.00 9.79  ? 71  LEU A CA  1 
ATOM   370  C  C   . LEU A 1 53  ? -8.145  -8.763  -4.888  1.00 9.99  ? 71  LEU A C   1 
ATOM   371  O  O   . LEU A 1 53  ? -8.800  -9.589  -4.254  1.00 10.48 ? 71  LEU A O   1 
ATOM   372  C  CB  . LEU A 1 53  ? -6.369  -7.450  -3.699  1.00 10.89 ? 71  LEU A CB  1 
ATOM   373  C  CG  . LEU A 1 53  ? -5.881  -6.183  -2.987  1.00 9.99  ? 71  LEU A CG  1 
ATOM   374  C  CD1 . LEU A 1 53  ? -4.436  -6.373  -2.548  1.00 10.72 ? 71  LEU A CD1 1 
ATOM   375  C  CD2 . LEU A 1 53  ? -5.998  -4.984  -3.915  1.00 10.69 ? 71  LEU A CD2 1 
ATOM   376  N  N   . PRO A 1 54  ? -7.716  -9.001  -6.136  1.00 9.91  ? 72  PRO A N   1 
ATOM   377  C  CA  . PRO A 1 54  ? -8.007  -10.260 -6.829  1.00 10.61 ? 72  PRO A CA  1 
ATOM   378  C  C   . PRO A 1 54  ? -7.493  -11.470 -6.054  1.00 10.95 ? 72  PRO A C   1 
ATOM   379  O  O   . PRO A 1 54  ? -6.388  -11.446 -5.516  1.00 8.73  ? 72  PRO A O   1 
ATOM   380  C  CB  . PRO A 1 54  ? -7.302  -10.090 -8.174  1.00 11.23 ? 72  PRO A CB  1 
ATOM   381  C  CG  . PRO A 1 54  ? -7.298  -8.605  -8.377  1.00 12.04 ? 72  PRO A CG  1 
ATOM   382  C  CD  . PRO A 1 54  ? -6.950  -8.091  -7.004  1.00 11.55 ? 72  PRO A CD  1 
ATOM   383  N  N   . ASP A 1 55  ? -8.294  -12.531 -6.006  1.00 11.13 ? 73  ASP A N   1 
ATOM   384  C  CA  . ASP A 1 55  ? -7.898  -13.736 -5.284  1.00 11.80 ? 73  ASP A CA  1 
ATOM   385  C  C   . ASP A 1 55  ? -6.595  -14.329 -5.804  1.00 10.08 ? 73  ASP A C   1 
ATOM   386  O  O   . ASP A 1 55  ? -5.800  -14.850 -5.029  1.00 10.26 ? 73  ASP A O   1 
ATOM   387  C  CB  . ASP A 1 55  ? -9.001  -14.794 -5.350  1.00 15.11 ? 73  ASP A CB  1 
ATOM   388  C  CG  . ASP A 1 55  ? -10.266 -14.362 -4.638  1.00 19.48 ? 73  ASP A CG  1 
ATOM   389  O  OD1 . ASP A 1 55  ? -10.165 -13.740 -3.557  1.00 19.90 ? 73  ASP A OD1 1 
ATOM   390  O  OD2 . ASP A 1 55  ? -11.364 -14.658 -5.152  1.00 23.45 ? 73  ASP A OD2 1 
ATOM   391  N  N   . GLU A 1 56  ? -6.371  -14.252 -7.110  1.00 10.71 ? 74  GLU A N   1 
ATOM   392  C  CA  . GLU A 1 56  ? -5.141  -14.794 -7.674  1.00 10.36 ? 74  GLU A CA  1 
ATOM   393  C  C   . GLU A 1 56  ? -3.945  -14.020 -7.134  1.00 9.93  ? 74  GLU A C   1 
ATOM   394  O  O   . GLU A 1 56  ? -2.872  -14.595 -6.920  1.00 9.88  ? 74  GLU A O   1 
ATOM   395  C  CB  . GLU A 1 56  ? -5.149  -14.725 -9.202  1.00 12.71 ? 74  GLU A CB  1 
ATOM   396  C  CG  . GLU A 1 56  ? -4.344  -15.861 -9.855  1.00 16.79 ? 74  GLU A CG  1 
ATOM   397  C  CD  . GLU A 1 56  ? -4.033  -15.609 -11.321 1.00 17.56 ? 74  GLU A CD  1 
ATOM   398  O  OE1 . GLU A 1 56  ? -4.868  -14.987 -12.010 1.00 19.09 ? 74  GLU A OE1 1 
ATOM   399  O  OE2 . GLU A 1 56  ? -2.957  -16.046 -11.786 1.00 19.54 ? 74  GLU A OE2 1 
HETATM 400  N  N   . MSE A 1 57  ? -4.117  -12.716 -6.922  1.00 8.46  ? 75  MSE A N   1 
HETATM 401  C  CA  . MSE A 1 57  ? -3.025  -11.908 -6.388  1.00 9.46  ? 75  MSE A CA  1 
HETATM 402  C  C   . MSE A 1 57  ? -2.832  -12.201 -4.903  1.00 9.15  ? 75  MSE A C   1 
HETATM 403  O  O   . MSE A 1 57  ? -1.700  -12.289 -4.424  1.00 8.07  ? 75  MSE A O   1 
HETATM 404  C  CB  . MSE A 1 57  ? -3.290  -10.412 -6.590  1.00 11.72 ? 75  MSE A CB  1 
HETATM 405  C  CG  . MSE A 1 57  ? -2.243  -9.516  -5.943  1.00 11.80 ? 75  MSE A CG  1 
HETATM 406  SE SE  . MSE A 1 57  ? -2.469  -7.645  -6.411  1.00 20.55 ? 75  MSE A SE  1 
HETATM 407  C  CE  . MSE A 1 57  ? -1.292  -7.641  -7.954  1.00 16.37 ? 75  MSE A CE  1 
ATOM   408  N  N   . LYS A 1 58  ? -3.934  -12.361 -4.170  1.00 9.37  ? 76  LYS A N   1 
ATOM   409  C  CA  . LYS A 1 58  ? -3.826  -12.656 -2.751  1.00 9.23  ? 76  LYS A CA  1 
ATOM   410  C  C   . LYS A 1 58  ? -3.097  -13.976 -2.538  1.00 9.03  ? 76  LYS A C   1 
ATOM   411  O  O   . LYS A 1 58  ? -2.307  -14.106 -1.607  1.00 10.04 ? 76  LYS A O   1 
ATOM   412  C  CB  . LYS A 1 58  ? -5.211  -12.687 -2.091  1.00 9.76  ? 76  LYS A CB  1 
ATOM   413  C  CG  . LYS A 1 58  ? -5.891  -11.330 -2.109  1.00 12.25 ? 76  LYS A CG  1 
ATOM   414  C  CD  . LYS A 1 58  ? -7.053  -11.224 -1.127  1.00 14.74 ? 76  LYS A CD  1 
ATOM   415  C  CE  . LYS A 1 58  ? -8.234  -12.068 -1.543  1.00 16.73 ? 76  LYS A CE  1 
ATOM   416  N  NZ  . LYS A 1 58  ? -9.405  -11.784 -0.664  1.00 13.58 ? 76  LYS A NZ  1 
ATOM   417  N  N   . ARG A 1 59  ? -3.351  -14.946 -3.410  1.00 8.45  ? 77  ARG A N   1 
ATOM   418  C  CA  . ARG A 1 59  ? -2.694  -16.246 -3.299  1.00 8.90  ? 77  ARG A CA  1 
ATOM   419  C  C   . ARG A 1 59  ? -1.197  -16.121 -3.588  1.00 9.62  ? 77  ARG A C   1 
ATOM   420  O  O   . ARG A 1 59  ? -0.373  -16.758 -2.926  1.00 11.02 ? 77  ARG A O   1 
ATOM   421  C  CB  . ARG A 1 59  ? -3.323  -17.252 -4.272  1.00 9.55  ? 77  ARG A CB  1 
ATOM   422  C  CG  . ARG A 1 59  ? -4.777  -17.626 -3.942  1.00 11.46 ? 77  ARG A CG  1 
ATOM   423  C  CD  . ARG A 1 59  ? -5.228  -18.879 -4.715  1.00 16.16 ? 77  ARG A CD  1 
ATOM   424  N  NE  . ARG A 1 59  ? -5.348  -18.665 -6.159  1.00 17.50 ? 77  ARG A NE  1 
ATOM   425  C  CZ  . ARG A 1 59  ? -6.431  -18.178 -6.763  1.00 19.70 ? 77  ARG A CZ  1 
ATOM   426  N  NH1 . ARG A 1 59  ? -7.504  -17.854 -6.053  1.00 21.21 ? 77  ARG A NH1 1 
ATOM   427  N  NH2 . ARG A 1 59  ? -6.440  -18.007 -8.079  1.00 20.21 ? 77  ARG A NH2 1 
ATOM   428  N  N   . ALA A 1 60  ? -0.855  -15.302 -4.579  1.00 7.81  ? 78  ALA A N   1 
ATOM   429  C  CA  . ALA A 1 60  ? 0.538   -15.087 -4.977  1.00 7.16  ? 78  ALA A CA  1 
ATOM   430  C  C   . ALA A 1 60  ? 1.348   -14.357 -3.911  1.00 8.14  ? 78  ALA A C   1 
ATOM   431  O  O   . ALA A 1 60  ? 2.513   -14.679 -3.671  1.00 8.85  ? 78  ALA A O   1 
ATOM   432  C  CB  . ALA A 1 60  ? 0.586   -14.297 -6.284  1.00 8.67  ? 78  ALA A CB  1 
ATOM   433  N  N   . ILE A 1 61  ? 0.731   -13.363 -3.280  1.00 7.98  ? 79  ILE A N   1 
ATOM   434  C  CA  . ILE A 1 61  ? 1.399   -12.591 -2.244  1.00 7.37  ? 79  ILE A CA  1 
ATOM   435  C  C   . ILE A 1 61  ? 1.668   -13.413 -0.985  1.00 8.73  ? 79  ILE A C   1 
ATOM   436  O  O   . ILE A 1 61  ? 2.762   -13.346 -0.419  1.00 8.25  ? 79  ILE A O   1 
ATOM   437  C  CB  . ILE A 1 61  ? 0.563   -11.338 -1.871  1.00 6.80  ? 79  ILE A CB  1 
ATOM   438  C  CG1 . ILE A 1 61  ? 0.602   -10.332 -3.028  1.00 7.37  ? 79  ILE A CG1 1 
ATOM   439  C  CG2 . ILE A 1 61  ? 1.088   -10.713 -0.581  1.00 9.59  ? 79  ILE A CG2 1 
ATOM   440  C  CD1 . ILE A 1 61  ? -0.372  -9.166  -2.871  1.00 7.77  ? 79  ILE A CD1 1 
ATOM   441  N  N   . ALA A 1 62  ? 0.684   -14.200 -0.559  1.00 8.63  ? 80  ALA A N   1 
ATOM   442  C  CA  . ALA A 1 62  ? 0.828   -15.005 0.648   1.00 9.71  ? 80  ALA A CA  1 
ATOM   443  C  C   . ALA A 1 62  ? 1.605   -16.305 0.473   1.00 10.54 ? 80  ALA A C   1 
ATOM   444  O  O   . ALA A 1 62  ? 1.035   -17.393 0.524   1.00 12.71 ? 80  ALA A O   1 
ATOM   445  C  CB  . ALA A 1 62  ? -0.544  -15.301 1.240   1.00 9.63  ? 80  ALA A CB  1 
ATOM   446  N  N   . ARG A 1 63  ? 2.912   -16.190 0.273   1.00 11.60 ? 81  ARG A N   1 
ATOM   447  C  CA  . ARG A 1 63  ? 3.758   -17.369 0.128   1.00 14.01 ? 81  ARG A CA  1 
ATOM   448  C  C   . ARG A 1 63  ? 5.220   -17.003 0.325   1.00 14.72 ? 81  ARG A C   1 
ATOM   449  O  O   . ARG A 1 63  ? 5.581   -15.828 0.291   1.00 14.95 ? 81  ARG A O   1 
ATOM   450  C  CB  . ARG A 1 63  ? 3.549   -18.036 -1.239  1.00 16.18 ? 81  ARG A CB  1 
ATOM   451  C  CG  . ARG A 1 63  ? 3.832   -17.163 -2.444  1.00 18.05 ? 81  ARG A CG  1 
ATOM   452  C  CD  . ARG A 1 63  ? 3.518   -17.921 -3.727  1.00 20.02 ? 81  ARG A CD  1 
ATOM   453  N  NE  . ARG A 1 63  ? 2.120   -18.343 -3.774  1.00 22.75 ? 81  ARG A NE  1 
ATOM   454  C  CZ  . ARG A 1 63  ? 1.587   -19.076 -4.748  1.00 25.50 ? 81  ARG A CZ  1 
ATOM   455  N  NH1 . ARG A 1 63  ? 2.332   -19.477 -5.768  1.00 26.10 ? 81  ARG A NH1 1 
ATOM   456  N  NH2 . ARG A 1 63  ? 0.303   -19.410 -4.702  1.00 24.60 ? 81  ARG A NH2 1 
ATOM   457  N  N   . GLU A 1 64  ? 6.050   -18.014 0.555   1.00 15.42 ? 82  GLU A N   1 
ATOM   458  C  CA  . GLU A 1 64  ? 7.482   -17.809 0.777   1.00 18.10 ? 82  GLU A CA  1 
ATOM   459  C  C   . GLU A 1 64  ? 8.142   -17.109 -0.407  1.00 17.88 ? 82  GLU A C   1 
ATOM   460  O  O   . GLU A 1 64  ? 7.940   -17.499 -1.559  1.00 16.18 ? 82  GLU A O   1 
ATOM   461  C  CB  . GLU A 1 64  ? 8.181   -19.151 1.015   1.00 19.90 ? 82  GLU A CB  1 
ATOM   462  C  CG  . GLU A 1 64  ? 7.745   -19.908 2.261   1.00 24.31 ? 82  GLU A CG  1 
ATOM   463  C  CD  . GLU A 1 64  ? 6.338   -20.472 2.156   1.00 26.65 ? 82  GLU A CD  1 
ATOM   464  O  OE1 . GLU A 1 64  ? 5.845   -20.655 1.022   1.00 28.90 ? 82  GLU A OE1 1 
ATOM   465  O  OE2 . GLU A 1 64  ? 5.730   -20.748 3.211   1.00 28.54 ? 82  GLU A OE2 1 
ATOM   466  N  N   . SER A 1 66  ? 7.681   -14.616 -2.230  1.00 13.86 ? 84  SER A N   1 
ATOM   467  C  CA  . SER A 1 66  ? 7.161   -13.703 -3.239  1.00 12.08 ? 84  SER A CA  1 
ATOM   468  C  C   . SER A 1 66  ? 7.648   -12.283 -2.975  1.00 11.29 ? 84  SER A C   1 
ATOM   469  O  O   . SER A 1 66  ? 7.936   -11.915 -1.835  1.00 11.57 ? 84  SER A O   1 
ATOM   470  C  CB  . SER A 1 66  ? 5.633   -13.726 -3.224  1.00 13.55 ? 84  SER A CB  1 
ATOM   471  O  OG  . SER A 1 66  ? 5.148   -13.294 -1.970  1.00 15.37 ? 84  SER A OG  1 
ATOM   472  N  N   . LEU A 1 67  ? 7.739   -11.492 -4.041  1.00 8.46  ? 85  LEU A N   1 
ATOM   473  C  CA  . LEU A 1 67  ? 8.183   -10.109 -3.941  1.00 8.41  ? 85  LEU A CA  1 
ATOM   474  C  C   . LEU A 1 67  ? 6.994   -9.200  -4.220  1.00 8.68  ? 85  LEU A C   1 
ATOM   475  O  O   . LEU A 1 67  ? 6.226   -9.457  -5.142  1.00 10.58 ? 85  LEU A O   1 
ATOM   476  C  CB  . LEU A 1 67  ? 9.284   -9.840  -4.972  1.00 8.68  ? 85  LEU A CB  1 
ATOM   477  C  CG  . LEU A 1 67  ? 10.527  -10.729 -4.840  1.00 11.14 ? 85  LEU A CG  1 
ATOM   478  C  CD1 . LEU A 1 67  ? 11.422  -10.550 -6.056  1.00 13.32 ? 85  LEU A CD1 1 
ATOM   479  C  CD2 . LEU A 1 67  ? 11.277  -10.379 -3.556  1.00 13.08 ? 85  LEU A CD2 1 
ATOM   480  N  N   . VAL A 1 68  ? 6.834   -8.145  -3.429  1.00 7.66  ? 86  VAL A N   1 
ATOM   481  C  CA  . VAL A 1 68  ? 5.732   -7.224  -3.657  1.00 7.18  ? 86  VAL A CA  1 
ATOM   482  C  C   . VAL A 1 68  ? 6.287   -5.826  -3.895  1.00 7.60  ? 86  VAL A C   1 
ATOM   483  O  O   . VAL A 1 68  ? 7.117   -5.345  -3.134  1.00 8.18  ? 86  VAL A O   1 
ATOM   484  C  CB  . VAL A 1 68  ? 4.755   -7.184  -2.462  1.00 5.48  ? 86  VAL A CB  1 
ATOM   485  C  CG1 . VAL A 1 68  ? 3.591   -6.254  -2.779  1.00 5.75  ? 86  VAL A CG1 1 
ATOM   486  C  CG2 . VAL A 1 68  ? 4.243   -8.584  -2.164  1.00 7.31  ? 86  VAL A CG2 1 
ATOM   487  N  N   . ARG A 1 69  ? 5.842   -5.188  -4.969  1.00 7.67  ? 87  ARG A N   1 
ATOM   488  C  CA  . ARG A 1 69  ? 6.306   -3.842  -5.287  1.00 7.24  ? 87  ARG A CA  1 
ATOM   489  C  C   . ARG A 1 69  ? 5.093   -2.946  -5.478  1.00 7.92  ? 87  ARG A C   1 
ATOM   490  O  O   . ARG A 1 69  ? 4.120   -3.340  -6.116  1.00 8.26  ? 87  ARG A O   1 
ATOM   491  C  CB  . ARG A 1 69  ? 7.156   -3.851  -6.568  1.00 11.45 ? 87  ARG A CB  1 
ATOM   492  C  CG  . ARG A 1 69  ? 7.632   -2.480  -6.994  1.00 17.00 ? 87  ARG A CG  1 
ATOM   493  C  CD  . ARG A 1 69  ? 8.662   -2.542  -8.121  1.00 20.18 ? 87  ARG A CD  1 
ATOM   494  N  NE  . ARG A 1 69  ? 8.334   -3.550  -9.128  1.00 24.16 ? 87  ARG A NE  1 
ATOM   495  C  CZ  . ARG A 1 69  ? 8.413   -3.352  -10.441 1.00 25.63 ? 87  ARG A CZ  1 
ATOM   496  N  NH1 . ARG A 1 69  ? 8.804   -2.175  -10.911 1.00 26.51 ? 87  ARG A NH1 1 
ATOM   497  N  NH2 . ARG A 1 69  ? 8.111   -4.335  -11.281 1.00 25.71 ? 87  ARG A NH2 1 
ATOM   498  N  N   . VAL A 1 70  ? 5.150   -1.750  -4.904  1.00 5.30  ? 88  VAL A N   1 
ATOM   499  C  CA  . VAL A 1 70  ? 4.048   -0.797  -5.028  1.00 5.95  ? 88  VAL A CA  1 
ATOM   500  C  C   . VAL A 1 70  ? 4.558   0.485   -5.659  1.00 6.69  ? 88  VAL A C   1 
ATOM   501  O  O   . VAL A 1 70  ? 5.595   1.013   -5.263  1.00 7.67  ? 88  VAL A O   1 
ATOM   502  C  CB  . VAL A 1 70  ? 3.426   -0.459  -3.653  1.00 5.64  ? 88  VAL A CB  1 
ATOM   503  C  CG1 . VAL A 1 70  ? 2.575   0.810   -3.750  1.00 9.30  ? 88  VAL A CG1 1 
ATOM   504  C  CG2 . VAL A 1 70  ? 2.568   -1.619  -3.175  1.00 7.46  ? 88  VAL A CG2 1 
ATOM   505  N  N   . ILE A 1 71  ? 3.835   0.966   -6.661  1.00 7.47  ? 89  ILE A N   1 
ATOM   506  C  CA  . ILE A 1 71  ? 4.199   2.208   -7.324  1.00 8.04  ? 89  ILE A CA  1 
ATOM   507  C  C   . ILE A 1 71  ? 3.087   3.205   -7.025  1.00 8.28  ? 89  ILE A C   1 
ATOM   508  O  O   . ILE A 1 71  ? 1.920   2.948   -7.314  1.00 7.54  ? 89  ILE A O   1 
ATOM   509  C  CB  . ILE A 1 71  ? 4.326   2.025   -8.847  1.00 8.93  ? 89  ILE A CB  1 
ATOM   510  C  CG1 . ILE A 1 71  ? 5.325   0.908   -9.153  1.00 11.66 ? 89  ILE A CG1 1 
ATOM   511  C  CG2 . ILE A 1 71  ? 4.794   3.332   -9.490  1.00 8.97  ? 89  ILE A CG2 1 
ATOM   512  C  CD1 . ILE A 1 71  ? 5.479   0.626   -10.626 1.00 13.55 ? 89  ILE A CD1 1 
ATOM   513  N  N   . LEU A 1 72  ? 3.456   4.338   -6.435  1.00 6.79  ? 90  LEU A N   1 
ATOM   514  C  CA  . LEU A 1 72  ? 2.483   5.373   -6.085  1.00 6.29  ? 90  LEU A CA  1 
ATOM   515  C  C   . LEU A 1 72  ? 2.600   6.522   -7.081  1.00 6.33  ? 90  LEU A C   1 
ATOM   516  O  O   . LEU A 1 72  ? 3.707   6.956   -7.407  1.00 7.52  ? 90  LEU A O   1 
ATOM   517  C  CB  . LEU A 1 72  ? 2.751   5.889   -4.668  1.00 6.94  ? 90  LEU A CB  1 
ATOM   518  C  CG  . LEU A 1 72  ? 2.794   4.840   -3.549  1.00 8.11  ? 90  LEU A CG  1 
ATOM   519  C  CD1 . LEU A 1 72  ? 3.289   5.500   -2.259  1.00 9.66  ? 90  LEU A CD1 1 
ATOM   520  C  CD2 . LEU A 1 72  ? 1.413   4.222   -3.351  1.00 8.28  ? 90  LEU A CD2 1 
ATOM   521  N  N   . ARG A 1 73  ? 1.459   7.004   -7.570  1.00 6.58  ? 91  ARG A N   1 
ATOM   522  C  CA  . ARG A 1 73  ? 1.459   8.097   -8.532  1.00 7.62  ? 91  ARG A CA  1 
ATOM   523  C  C   . ARG A 1 73  ? 0.339   9.098   -8.336  1.00 8.52  ? 91  ARG A C   1 
ATOM   524  O  O   . ARG A 1 73  ? -0.797  8.724   -8.056  1.00 9.58  ? 91  ARG A O   1 
ATOM   525  C  CB  . ARG A 1 73  ? 1.324   7.563   -9.958  1.00 8.67  ? 91  ARG A CB  1 
ATOM   526  C  CG  . ARG A 1 73  ? 2.448   6.681   -10.459 1.00 7.38  ? 91  ARG A CG  1 
ATOM   527  C  CD  . ARG A 1 73  ? 2.170   6.345   -11.914 1.00 9.97  ? 91  ARG A CD  1 
ATOM   528  N  NE  . ARG A 1 73  ? 3.221   5.563   -12.558 1.00 12.80 ? 91  ARG A NE  1 
ATOM   529  C  CZ  . ARG A 1 73  ? 3.271   4.233   -12.581 1.00 13.46 ? 91  ARG A CZ  1 
ATOM   530  N  NH1 . ARG A 1 73  ? 2.329   3.511   -11.986 1.00 16.42 ? 91  ARG A NH1 1 
ATOM   531  N  NH2 . ARG A 1 73  ? 4.260   3.625   -13.225 1.00 14.47 ? 91  ARG A NH2 1 
ATOM   532  N  N   . THR A 1 74  ? 0.683   10.374  -8.494  1.00 9.69  ? 92  THR A N   1 
ATOM   533  C  CA  . THR A 1 74  ? -0.276  11.472  -8.450  1.00 9.55  ? 92  THR A CA  1 
ATOM   534  C  C   . THR A 1 74  ? 0.104   12.286  -9.693  1.00 11.37 ? 92  THR A C   1 
ATOM   535  O  O   . THR A 1 74  ? 1.098   11.966  -10.350 1.00 12.17 ? 92  THR A O   1 
ATOM   536  C  CB  . THR A 1 74  ? -0.134  12.329  -7.176  1.00 9.13  ? 92  THR A CB  1 
ATOM   537  O  OG1 . THR A 1 74  ? 1.206   12.819  -7.065  1.00 9.01  ? 92  THR A OG1 1 
ATOM   538  C  CG2 . THR A 1 74  ? -0.487  11.511  -5.947  1.00 7.87  ? 92  THR A CG2 1 
ATOM   539  N  N   . GLU A 1 75  ? -0.656  13.320  -10.038 1.00 13.83 ? 93  GLU A N   1 
ATOM   540  C  CA  . GLU A 1 75  ? -0.323  14.074  -11.248 1.00 16.32 ? 93  GLU A CA  1 
ATOM   541  C  C   . GLU A 1 75  ? 1.117   14.591  -11.315 1.00 15.81 ? 93  GLU A C   1 
ATOM   542  O  O   . GLU A 1 75  ? 1.719   14.609  -12.390 1.00 16.33 ? 93  GLU A O   1 
ATOM   543  C  CB  . GLU A 1 75  ? -1.306  15.235  -11.463 1.00 21.04 ? 93  GLU A CB  1 
ATOM   544  C  CG  . GLU A 1 75  ? -1.346  16.279  -10.367 1.00 26.99 ? 93  GLU A CG  1 
ATOM   545  C  CD  . GLU A 1 75  ? -2.221  17.469  -10.735 1.00 29.43 ? 93  GLU A CD  1 
ATOM   546  O  OE1 . GLU A 1 75  ? -2.436  18.341  -9.872  1.00 33.00 ? 93  GLU A OE1 1 
ATOM   547  O  OE2 . GLU A 1 75  ? -2.691  17.540  -11.891 1.00 32.83 ? 93  GLU A OE2 1 
ATOM   548  N  N   . ASN A 1 76  ? 1.671   14.999  -10.175 1.00 14.91 ? 94  ASN A N   1 
ATOM   549  C  CA  . ASN A 1 76  ? 3.042   15.514  -10.136 1.00 17.23 ? 94  ASN A CA  1 
ATOM   550  C  C   . ASN A 1 76  ? 3.962   14.704  -9.220  1.00 16.12 ? 94  ASN A C   1 
ATOM   551  O  O   . ASN A 1 76  ? 5.092   15.116  -8.958  1.00 17.08 ? 94  ASN A O   1 
ATOM   552  C  CB  . ASN A 1 76  ? 3.051   16.966  -9.649  1.00 20.94 ? 94  ASN A CB  1 
ATOM   553  C  CG  . ASN A 1 76  ? 2.036   17.833  -10.363 1.00 25.24 ? 94  ASN A CG  1 
ATOM   554  O  OD1 . ASN A 1 76  ? 2.120   18.043  -11.574 1.00 26.62 ? 94  ASN A OD1 1 
ATOM   555  N  ND2 . ASN A 1 76  ? 1.065   18.347  -9.610  1.00 25.80 ? 94  ASN A ND2 1 
ATOM   556  N  N   . GLY A 1 77  ? 3.492   13.559  -8.736  1.00 13.34 ? 95  GLY A N   1 
ATOM   557  C  CA  . GLY A 1 77  ? 4.312   12.761  -7.837  1.00 12.92 ? 95  GLY A CA  1 
ATOM   558  C  C   . GLY A 1 77  ? 4.469   11.296  -8.206  1.00 12.36 ? 95  GLY A C   1 
ATOM   559  O  O   . GLY A 1 77  ? 3.635   10.721  -8.905  1.00 11.85 ? 95  GLY A O   1 
ATOM   560  N  N   . TYR A 1 78  ? 5.539   10.680  -7.714  1.00 11.41 ? 96  TYR A N   1 
ATOM   561  C  CA  . TYR A 1 78  ? 5.808   9.281   -8.023  1.00 10.49 ? 96  TYR A CA  1 
ATOM   562  C  C   . TYR A 1 78  ? 6.788   8.663   -7.042  1.00 10.15 ? 96  TYR A C   1 
ATOM   563  O  O   . TYR A 1 78  ? 7.748   9.308   -6.613  1.00 9.23  ? 96  TYR A O   1 
ATOM   564  C  CB  . TYR A 1 78  ? 6.396   9.189   -9.437  1.00 12.15 ? 96  TYR A CB  1 
ATOM   565  C  CG  . TYR A 1 78  ? 6.923   7.824   -9.836  1.00 14.06 ? 96  TYR A CG  1 
ATOM   566  C  CD1 . TYR A 1 78  ? 6.165   6.971   -10.635 1.00 15.62 ? 96  TYR A CD1 1 
ATOM   567  C  CD2 . TYR A 1 78  ? 8.181   7.387   -9.415  1.00 15.62 ? 96  TYR A CD2 1 
ATOM   568  C  CE1 . TYR A 1 78  ? 6.647   5.711   -11.009 1.00 16.85 ? 96  TYR A CE1 1 
ATOM   569  C  CE2 . TYR A 1 78  ? 8.671   6.127   -9.780  1.00 17.41 ? 96  TYR A CE2 1 
ATOM   570  C  CZ  . TYR A 1 78  ? 7.900   5.299   -10.578 1.00 17.96 ? 96  TYR A CZ  1 
ATOM   571  O  OH  . TYR A 1 78  ? 8.382   4.062   -10.945 1.00 20.40 ? 96  TYR A OH  1 
ATOM   572  N  N   . ASP A 1 79  ? 6.549   7.408   -6.682  1.00 10.10 ? 97  ASP A N   1 
ATOM   573  C  CA  . ASP A 1 79  ? 7.475   6.707   -5.806  1.00 10.14 ? 97  ASP A CA  1 
ATOM   574  C  C   . ASP A 1 79  ? 7.269   5.214   -5.947  1.00 10.62 ? 97  ASP A C   1 
ATOM   575  O  O   . ASP A 1 79  ? 6.187   4.765   -6.308  1.00 10.32 ? 97  ASP A O   1 
ATOM   576  C  CB  . ASP A 1 79  ? 7.306   7.124   -4.347  1.00 14.06 ? 97  ASP A CB  1 
ATOM   577  C  CG  . ASP A 1 79  ? 8.633   7.188   -3.617  1.00 13.49 ? 97  ASP A CG  1 
ATOM   578  O  OD1 . ASP A 1 79  ? 9.567   6.465   -4.030  1.00 14.77 ? 97  ASP A OD1 1 
ATOM   579  O  OD2 . ASP A 1 79  ? 8.741   7.947   -2.637  1.00 15.12 ? 97  ASP A OD2 1 
ATOM   580  N  N   . GLU A 1 80  ? 8.314   4.448   -5.658  1.00 10.45 ? 98  GLU A N   1 
ATOM   581  C  CA  . GLU A 1 80  ? 8.252   2.999   -5.769  1.00 11.52 ? 98  GLU A CA  1 
ATOM   582  C  C   . GLU A 1 80  ? 8.739   2.376   -4.471  1.00 10.29 ? 98  GLU A C   1 
ATOM   583  O  O   . GLU A 1 80  ? 9.774   2.776   -3.930  1.00 11.61 ? 98  GLU A O   1 
ATOM   584  C  CB  . GLU A 1 80  ? 9.132   2.524   -6.928  1.00 14.55 ? 98  GLU A CB  1 
ATOM   585  C  CG  . GLU A 1 80  ? 9.058   1.036   -7.200  1.00 21.69 ? 98  GLU A CG  1 
ATOM   586  C  CD  . GLU A 1 80  ? 10.009  0.609   -8.295  1.00 25.15 ? 98  GLU A CD  1 
ATOM   587  O  OE1 . GLU A 1 80  ? 9.925   1.171   -9.407  1.00 29.26 ? 98  GLU A OE1 1 
ATOM   588  O  OE2 . GLU A 1 80  ? 10.840  -0.287  -8.047  1.00 27.54 ? 98  GLU A OE2 1 
ATOM   589  N  N   . ILE A 1 81  ? 7.987   1.410   -3.965  1.00 8.14  ? 99  ILE A N   1 
ATOM   590  C  CA  . ILE A 1 81  ? 8.361   0.736   -2.731  1.00 6.86  ? 99  ILE A CA  1 
ATOM   591  C  C   . ILE A 1 81  ? 8.503   -0.754  -3.025  1.00 6.59  ? 99  ILE A C   1 
ATOM   592  O  O   . ILE A 1 81  ? 7.645   -1.354  -3.683  1.00 5.94  ? 99  ILE A O   1 
ATOM   593  C  CB  . ILE A 1 81  ? 7.294   0.913   -1.633  1.00 6.57  ? 99  ILE A CB  1 
ATOM   594  C  CG1 . ILE A 1 81  ? 7.009   2.401   -1.406  1.00 6.96  ? 99  ILE A CG1 1 
ATOM   595  C  CG2 . ILE A 1 81  ? 7.769   0.253   -0.333  1.00 6.35  ? 99  ILE A CG2 1 
ATOM   596  C  CD1 . ILE A 1 81  ? 5.973   2.989   -2.361  1.00 7.46  ? 99  ILE A CD1 1 
ATOM   597  N  N   . ARG A 1 82  ? 9.589   -1.343  -2.539  1.00 7.19  ? 100 ARG A N   1 
ATOM   598  C  CA  . ARG A 1 82  ? 9.852   -2.759  -2.752  1.00 6.64  ? 100 ARG A CA  1 
ATOM   599  C  C   . ARG A 1 82  ? 9.832   -3.528  -1.432  1.00 7.81  ? 100 ARG A C   1 
ATOM   600  O  O   . ARG A 1 82  ? 10.500  -3.152  -0.475  1.00 7.05  ? 100 ARG A O   1 
ATOM   601  C  CB  . ARG A 1 82  ? 11.206  -2.930  -3.432  1.00 9.32  ? 100 ARG A CB  1 
ATOM   602  C  CG  . ARG A 1 82  ? 11.268  -2.309  -4.810  1.00 13.18 ? 100 ARG A CG  1 
ATOM   603  C  CD  . ARG A 1 82  ? 12.698  -2.219  -5.323  1.00 19.19 ? 100 ARG A CD  1 
ATOM   604  N  NE  . ARG A 1 82  ? 12.731  -1.950  -6.760  1.00 23.89 ? 100 ARG A NE  1 
ATOM   605  C  CZ  . ARG A 1 82  ? 12.284  -2.798  -7.682  1.00 26.39 ? 100 ARG A CZ  1 
ATOM   606  N  NH1 . ARG A 1 82  ? 11.773  -3.969  -7.311  1.00 28.67 ? 100 ARG A NH1 1 
ATOM   607  N  NH2 . ARG A 1 82  ? 12.353  -2.484  -8.972  1.00 26.76 ? 100 ARG A NH2 1 
ATOM   608  N  N   . GLY A 1 83  ? 9.063   -4.611  -1.394  1.00 5.40  ? 101 GLY A N   1 
ATOM   609  C  CA  . GLY A 1 83  ? 8.967   -5.395  -0.178  1.00 7.13  ? 101 GLY A CA  1 
ATOM   610  C  C   . GLY A 1 83  ? 8.818   -6.871  -0.466  1.00 7.69  ? 101 GLY A C   1 
ATOM   611  O  O   . GLY A 1 83  ? 9.093   -7.329  -1.576  1.00 7.71  ? 101 GLY A O   1 
ATOM   612  N  N   . TYR A 1 84  ? 8.364   -7.618  0.531   1.00 7.21  ? 102 TYR A N   1 
ATOM   613  C  CA  . TYR A 1 84  ? 8.216   -9.061  0.386   1.00 6.31  ? 102 TYR A CA  1 
ATOM   614  C  C   . TYR A 1 84  ? 6.864   -9.543  0.872   1.00 7.43  ? 102 TYR A C   1 
ATOM   615  O  O   . TYR A 1 84  ? 6.208   -8.883  1.678   1.00 8.00  ? 102 TYR A O   1 
ATOM   616  C  CB  . TYR A 1 84  ? 9.306   -9.773  1.197   1.00 7.20  ? 102 TYR A CB  1 
ATOM   617  C  CG  . TYR A 1 84  ? 10.709  -9.322  0.860   1.00 7.32  ? 102 TYR A CG  1 
ATOM   618  C  CD1 . TYR A 1 84  ? 11.445  -9.965  -0.135  1.00 10.00 ? 102 TYR A CD1 1 
ATOM   619  C  CD2 . TYR A 1 84  ? 11.286  -8.232  1.515   1.00 9.50  ? 102 TYR A CD2 1 
ATOM   620  C  CE1 . TYR A 1 84  ? 12.724  -9.535  -0.473  1.00 12.07 ? 102 TYR A CE1 1 
ATOM   621  C  CE2 . TYR A 1 84  ? 12.564  -7.793  1.186   1.00 11.89 ? 102 TYR A CE2 1 
ATOM   622  C  CZ  . TYR A 1 84  ? 13.277  -8.450  0.190   1.00 13.05 ? 102 TYR A CZ  1 
ATOM   623  O  OH  . TYR A 1 84  ? 14.538  -8.014  -0.142  1.00 15.27 ? 102 TYR A OH  1 
ATOM   624  N  N   . GLY A 1 85  ? 6.455   -10.696 0.364   1.00 8.23  ? 103 GLY A N   1 
ATOM   625  C  CA  . GLY A 1 85  ? 5.208   -11.293 0.796   1.00 6.25  ? 103 GLY A CA  1 
ATOM   626  C  C   . GLY A 1 85  ? 5.590   -12.225 1.927   1.00 7.83  ? 103 GLY A C   1 
ATOM   627  O  O   . GLY A 1 85  ? 6.750   -12.237 2.343   1.00 10.16 ? 103 GLY A O   1 
ATOM   628  N  N   . HIS A 1 86  ? 4.637   -12.999 2.428   1.00 7.10  ? 104 HIS A N   1 
ATOM   629  C  CA  . HIS A 1 86  ? 4.901   -13.939 3.519   1.00 8.12  ? 104 HIS A CA  1 
ATOM   630  C  C   . HIS A 1 86  ? 3.754   -14.952 3.538   1.00 8.79  ? 104 HIS A C   1 
ATOM   631  O  O   . HIS A 1 86  ? 2.616   -14.595 3.294   1.00 7.37  ? 104 HIS A O   1 
ATOM   632  C  CB  . HIS A 1 86  ? 4.983   -13.178 4.849   1.00 9.79  ? 104 HIS A CB  1 
ATOM   633  C  CG  . HIS A 1 86  ? 5.448   -14.015 6.004   1.00 9.83  ? 104 HIS A CG  1 
ATOM   634  N  ND1 . HIS A 1 86  ? 4.678   -15.013 6.560   1.00 11.97 ? 104 HIS A ND1 1 
ATOM   635  C  CD2 . HIS A 1 86  ? 6.603   -13.996 6.710   1.00 10.82 ? 104 HIS A CD2 1 
ATOM   636  C  CE1 . HIS A 1 86  ? 5.337   -15.571 7.560   1.00 10.74 ? 104 HIS A CE1 1 
ATOM   637  N  NE2 . HIS A 1 86  ? 6.508   -14.972 7.672   1.00 10.77 ? 104 HIS A NE2 1 
ATOM   638  N  N   . PRO A 1 87  ? 4.047   -16.230 3.826   1.00 9.42  ? 105 PRO A N   1 
ATOM   639  C  CA  . PRO A 1 87  ? 2.986   -17.245 3.853   1.00 10.74 ? 105 PRO A CA  1 
ATOM   640  C  C   . PRO A 1 87  ? 1.851   -17.007 4.851   1.00 10.97 ? 105 PRO A C   1 
ATOM   641  O  O   . PRO A 1 87  ? 0.747   -17.523 4.668   1.00 12.22 ? 105 PRO A O   1 
ATOM   642  C  CB  . PRO A 1 87  ? 3.753   -18.539 4.137   1.00 11.03 ? 105 PRO A CB  1 
ATOM   643  C  CG  . PRO A 1 87  ? 4.930   -18.069 4.917   1.00 11.05 ? 105 PRO A CG  1 
ATOM   644  C  CD  . PRO A 1 87  ? 5.347   -16.827 4.174   1.00 9.83  ? 105 PRO A CD  1 
ATOM   645  N  N   . GLU A 1 88  ? 2.116   -16.221 5.892   1.00 10.71 ? 106 GLU A N   1 
ATOM   646  C  CA  . GLU A 1 88  ? 1.105   -15.938 6.910   1.00 13.19 ? 106 GLU A CA  1 
ATOM   647  C  C   . GLU A 1 88  ? 0.249   -14.685 6.705   1.00 12.73 ? 106 GLU A C   1 
ATOM   648  O  O   . GLU A 1 88  ? -0.543  -14.332 7.577   1.00 12.97 ? 106 GLU A O   1 
ATOM   649  C  CB  . GLU A 1 88  ? 1.761   -15.877 8.289   1.00 16.01 ? 106 GLU A CB  1 
ATOM   650  C  CG  . GLU A 1 88  ? 2.134   -17.247 8.844   1.00 22.29 ? 106 GLU A CG  1 
ATOM   651  C  CD  . GLU A 1 88  ? 2.874   -17.167 10.168  1.00 26.21 ? 106 GLU A CD  1 
ATOM   652  O  OE1 . GLU A 1 88  ? 4.053   -16.752 10.173  1.00 29.00 ? 106 GLU A OE1 1 
ATOM   653  O  OE2 . GLU A 1 88  ? 2.272   -17.515 11.207  1.00 30.25 ? 106 GLU A OE2 1 
ATOM   654  N  N   . LEU A 1 89  ? 0.412   -14.002 5.573   1.00 11.93 ? 107 LEU A N   1 
ATOM   655  C  CA  . LEU A 1 89  ? -0.405  -12.820 5.310   1.00 11.49 ? 107 LEU A CA  1 
ATOM   656  C  C   . LEU A 1 89  ? -1.818  -13.312 4.980   1.00 12.61 ? 107 LEU A C   1 
ATOM   657  O  O   . LEU A 1 89  ? -1.993  -14.207 4.154   1.00 14.64 ? 107 LEU A O   1 
ATOM   658  C  CB  . LEU A 1 89  ? 0.160   -12.006 4.130   1.00 11.42 ? 107 LEU A CB  1 
ATOM   659  C  CG  . LEU A 1 89  ? 1.552   -11.371 4.259   1.00 11.46 ? 107 LEU A CG  1 
ATOM   660  C  CD1 . LEU A 1 89  ? 1.920   -10.688 2.954   1.00 13.17 ? 107 LEU A CD1 1 
ATOM   661  C  CD2 . LEU A 1 89  ? 1.565   -10.368 5.399   1.00 12.41 ? 107 LEU A CD2 1 
ATOM   662  N  N   . THR A 1 90  ? -2.826  -12.741 5.638   1.00 12.78 ? 108 THR A N   1 
ATOM   663  C  CA  . THR A 1 90  ? -4.208  -13.154 5.401   1.00 12.70 ? 108 THR A CA  1 
ATOM   664  C  C   . THR A 1 90  ? -4.959  -12.230 4.451   1.00 12.37 ? 108 THR A C   1 
ATOM   665  O  O   . THR A 1 90  ? -5.990  -12.614 3.885   1.00 12.88 ? 108 THR A O   1 
ATOM   666  C  CB  . THR A 1 90  ? -4.988  -13.258 6.724   1.00 13.38 ? 108 THR A CB  1 
ATOM   667  O  OG1 . THR A 1 90  ? -4.762  -12.081 7.507   1.00 12.36 ? 108 THR A OG1 1 
ATOM   668  C  CG2 . THR A 1 90  ? -4.539  -14.492 7.508   1.00 13.79 ? 108 THR A CG2 1 
ATOM   669  N  N   . LEU A 1 91  ? -4.437  -11.021 4.270   1.00 11.40 ? 109 LEU A N   1 
ATOM   670  C  CA  . LEU A 1 91  ? -5.047  -10.049 3.373   1.00 10.52 ? 109 LEU A CA  1 
ATOM   671  C  C   . LEU A 1 91  ? -6.571  -10.070 3.455   1.00 11.10 ? 109 LEU A C   1 
ATOM   672  O  O   . LEU A 1 91  ? -7.258  -10.243 2.446   1.00 11.21 ? 109 LEU A O   1 
ATOM   673  C  CB  . LEU A 1 91  ? -4.604  -10.327 1.932   1.00 11.26 ? 109 LEU A CB  1 
ATOM   674  C  CG  . LEU A 1 91  ? -3.091  -10.343 1.663   1.00 9.78  ? 109 LEU A CG  1 
ATOM   675  C  CD1 . LEU A 1 91  ? -2.604  -11.780 1.575   1.00 10.26 ? 109 LEU A CD1 1 
ATOM   676  C  CD2 . LEU A 1 91  ? -2.790  -9.618  0.357   1.00 12.73 ? 109 LEU A CD2 1 
ATOM   677  N  N   . ASP A 1 92  ? -7.108  -9.879  4.653   1.00 12.10 ? 110 ASP A N   1 
ATOM   678  C  CA  . ASP A 1 92  ? -8.559  -9.910  4.793   1.00 12.22 ? 110 ASP A CA  1 
ATOM   679  C  C   . ASP A 1 92  ? -9.195  -8.747  5.542   1.00 13.82 ? 110 ASP A C   1 
ATOM   680  O  O   . ASP A 1 92  ? -10.392 -8.784  5.852   1.00 13.66 ? 110 ASP A O   1 
ATOM   681  C  CB  . ASP A 1 92  ? -8.995  -11.252 5.400   1.00 15.25 ? 110 ASP A CB  1 
ATOM   682  C  CG  . ASP A 1 92  ? -8.305  -11.567 6.718   1.00 17.90 ? 110 ASP A CG  1 
ATOM   683  O  OD1 . ASP A 1 92  ? -7.164  -11.120 6.939   1.00 21.88 ? 110 ASP A OD1 1 
ATOM   684  O  OD2 . ASP A 1 92  ? -8.903  -12.296 7.538   1.00 23.46 ? 110 ASP A OD2 1 
ATOM   685  N  N   . HIS A 1 93  ? -8.419  -7.699  5.821   1.00 12.22 ? 111 HIS A N   1 
ATOM   686  C  CA  . HIS A 1 93  ? -8.997  -6.549  6.507   1.00 12.61 ? 111 HIS A CA  1 
ATOM   687  C  C   . HIS A 1 93  ? -10.019 -5.922  5.558   1.00 13.08 ? 111 HIS A C   1 
ATOM   688  O  O   . HIS A 1 93  ? -9.764  -5.773  4.358   1.00 10.99 ? 111 HIS A O   1 
ATOM   689  C  CB  . HIS A 1 93  ? -7.936  -5.511  6.872   1.00 13.46 ? 111 HIS A CB  1 
ATOM   690  C  CG  . HIS A 1 93  ? -8.436  -4.468  7.822   1.00 15.11 ? 111 HIS A CG  1 
ATOM   691  N  ND1 . HIS A 1 93  ? -8.565  -4.698  9.175   1.00 17.33 ? 111 HIS A ND1 1 
ATOM   692  C  CD2 . HIS A 1 93  ? -8.905  -3.216  7.607   1.00 14.50 ? 111 HIS A CD2 1 
ATOM   693  C  CE1 . HIS A 1 93  ? -9.093  -3.633  9.752   1.00 15.89 ? 111 HIS A CE1 1 
ATOM   694  N  NE2 . HIS A 1 93  ? -9.309  -2.719  8.823   1.00 16.67 ? 111 HIS A NE2 1 
ATOM   695  N  N   . PRO A 1 94  ? -11.188 -5.528  6.089   1.00 12.47 ? 112 PRO A N   1 
ATOM   696  C  CA  . PRO A 1 94  ? -12.246 -4.928  5.275   1.00 13.47 ? 112 PRO A CA  1 
ATOM   697  C  C   . PRO A 1 94  ? -12.103 -3.469  4.833   1.00 12.63 ? 112 PRO A C   1 
ATOM   698  O  O   . PRO A 1 94  ? -12.908 -2.995  4.032   1.00 13.50 ? 112 PRO A O   1 
ATOM   699  C  CB  . PRO A 1 94  ? -13.490 -5.147  6.132   1.00 14.17 ? 112 PRO A CB  1 
ATOM   700  C  CG  . PRO A 1 94  ? -12.962 -4.957  7.507   1.00 13.58 ? 112 PRO A CG  1 
ATOM   701  C  CD  . PRO A 1 94  ? -11.651 -5.734  7.476   1.00 13.93 ? 112 PRO A CD  1 
ATOM   702  N  N   . THR A 1 95  ? -11.104 -2.747  5.332   1.00 11.44 ? 113 THR A N   1 
ATOM   703  C  CA  . THR A 1 95  ? -10.976 -1.353  4.917   1.00 11.14 ? 113 THR A CA  1 
ATOM   704  C  C   . THR A 1 95  ? -9.576  -0.862  4.599   1.00 11.42 ? 113 THR A C   1 
ATOM   705  O  O   . THR A 1 95  ? -9.405  0.035   3.776   1.00 11.37 ? 113 THR A O   1 
ATOM   706  C  CB  . THR A 1 95  ? -11.558 -0.369  5.979   1.00 11.62 ? 113 THR A CB  1 
ATOM   707  O  OG1 . THR A 1 95  ? -10.719 -0.343  7.141   1.00 9.57  ? 113 THR A OG1 1 
ATOM   708  C  CG2 . THR A 1 95  ? -12.961 -0.781  6.377   1.00 12.14 ? 113 THR A CG2 1 
ATOM   709  N  N   . ASP A 1 96  ? -8.569  -1.462  5.217   1.00 11.87 ? 114 ASP A N   1 
ATOM   710  C  CA  . ASP A 1 96  ? -7.218  -0.965  5.016   1.00 11.41 ? 114 ASP A CA  1 
ATOM   711  C  C   . ASP A 1 96  ? -6.218  -1.850  4.286   1.00 10.89 ? 114 ASP A C   1 
ATOM   712  O  O   . ASP A 1 96  ? -6.405  -3.051  4.150   1.00 10.13 ? 114 ASP A O   1 
ATOM   713  C  CB  . ASP A 1 96  ? -6.632  -0.565  6.372   1.00 11.91 ? 114 ASP A CB  1 
ATOM   714  C  CG  . ASP A 1 96  ? -7.616  0.216   7.227   1.00 15.05 ? 114 ASP A CG  1 
ATOM   715  O  OD1 . ASP A 1 96  ? -8.348  1.063   6.676   1.00 17.69 ? 114 ASP A OD1 1 
ATOM   716  O  OD2 . ASP A 1 96  ? -7.652  -0.014  8.451   1.00 17.14 ? 114 ASP A OD2 1 
ATOM   717  N  N   . ILE A 1 97  ? -5.158  -1.203  3.809   1.00 10.19 ? 115 ILE A N   1 
ATOM   718  C  CA  . ILE A 1 97  ? -4.041  -1.854  3.123   1.00 8.79  ? 115 ILE A CA  1 
ATOM   719  C  C   . ILE A 1 97  ? -2.809  -1.170  3.717   1.00 8.04  ? 115 ILE A C   1 
ATOM   720  O  O   . ILE A 1 97  ? -2.663  0.044   3.592   1.00 8.84  ? 115 ILE A O   1 
ATOM   721  C  CB  . ILE A 1 97  ? -4.040  -1.582  1.612   1.00 9.31  ? 115 ILE A CB  1 
ATOM   722  C  CG1 . ILE A 1 97  ? -5.326  -2.111  0.979   1.00 9.93  ? 115 ILE A CG1 1 
ATOM   723  C  CG2 . ILE A 1 97  ? -2.837  -2.260  0.978   1.00 8.83  ? 115 ILE A CG2 1 
ATOM   724  C  CD1 . ILE A 1 97  ? -5.416  -1.880  -0.510  1.00 10.37 ? 115 ILE A CD1 1 
ATOM   725  N  N   . VAL A 1 98  ? -1.943  -1.939  4.371   1.00 7.70  ? 116 VAL A N   1 
ATOM   726  C  CA  . VAL A 1 98  ? -0.747  -1.390  5.004   1.00 7.93  ? 116 VAL A CA  1 
ATOM   727  C  C   . VAL A 1 98  ? 0.536   -2.062  4.525   1.00 6.43  ? 116 VAL A C   1 
ATOM   728  O  O   . VAL A 1 98  ? 0.584   -3.277  4.351   1.00 7.81  ? 116 VAL A O   1 
ATOM   729  C  CB  . VAL A 1 98  ? -0.812  -1.551  6.553   1.00 7.67  ? 116 VAL A CB  1 
ATOM   730  C  CG1 . VAL A 1 98  ? 0.479   -1.062  7.197   1.00 8.55  ? 116 VAL A CG1 1 
ATOM   731  C  CG2 . VAL A 1 98  ? -2.010  -0.789  7.111   1.00 7.47  ? 116 VAL A CG2 1 
ATOM   732  N  N   . CYS A 1 99  ? 1.576   -1.260  4.308   1.00 6.87  ? 117 CYS A N   1 
ATOM   733  C  CA  . CYS A 1 99  ? 2.879   -1.793  3.905   1.00 7.07  ? 117 CYS A CA  1 
ATOM   734  C  C   . CYS A 1 99  ? 3.831   -1.456  5.040   1.00 7.50  ? 117 CYS A C   1 
ATOM   735  O  O   . CYS A 1 99  ? 3.911   -0.298  5.461   1.00 8.21  ? 117 CYS A O   1 
ATOM   736  C  CB  . CYS A 1 99  ? 3.361   -1.154  2.603   1.00 7.00  ? 117 CYS A CB  1 
ATOM   737  S  SG  . CYS A 1 99  ? 2.370   -1.624  1.156   1.00 8.12  ? 117 CYS A SG  1 
ATOM   738  N  N   . ARG A 1 100 ? 4.561   -2.461  5.524   1.00 7.06  ? 118 ARG A N   1 
ATOM   739  C  CA  . ARG A 1 100 ? 5.469   -2.277  6.662   1.00 9.16  ? 118 ARG A CA  1 
ATOM   740  C  C   . ARG A 1 100 ? 6.945   -2.557  6.407   1.00 8.57  ? 118 ARG A C   1 
ATOM   741  O  O   . ARG A 1 100 ? 7.299   -3.363  5.549   1.00 8.95  ? 118 ARG A O   1 
ATOM   742  C  CB  . ARG A 1 100 ? 5.046   -3.182  7.814   1.00 11.04 ? 118 ARG A CB  1 
ATOM   743  C  CG  . ARG A 1 100 ? 3.589   -3.115  8.196   1.00 11.02 ? 118 ARG A CG  1 
ATOM   744  C  CD  . ARG A 1 100 ? 3.269   -4.226  9.183   1.00 12.64 ? 118 ARG A CD  1 
ATOM   745  N  NE  . ARG A 1 100 ? 1.861   -4.223  9.554   1.00 14.85 ? 118 ARG A NE  1 
ATOM   746  C  CZ  . ARG A 1 100 ? 1.295   -3.309  10.332  1.00 15.43 ? 118 ARG A CZ  1 
ATOM   747  N  NH1 . ARG A 1 100 ? 2.019   -2.321  10.837  1.00 16.55 ? 118 ARG A NH1 1 
ATOM   748  N  NH2 . ARG A 1 100 ? -0.004  -3.377  10.590  1.00 17.77 ? 118 ARG A NH2 1 
ATOM   749  N  N   . LYS A 1 101 ? 7.794   -1.898  7.197   1.00 10.82 ? 119 LYS A N   1 
ATOM   750  C  CA  . LYS A 1 101 ? 9.240   -2.092  7.114   1.00 11.20 ? 119 LYS A CA  1 
ATOM   751  C  C   . LYS A 1 101 ? 9.678   -3.232  8.027   1.00 12.40 ? 119 LYS A C   1 
ATOM   752  O  O   . LYS A 1 101 ? 10.754  -3.806  7.850   1.00 11.35 ? 119 LYS A O   1 
ATOM   753  C  CB  . LYS A 1 101 ? 9.983   -0.814  7.514   1.00 12.05 ? 119 LYS A CB  1 
ATOM   754  C  CG  . LYS A 1 101 ? 9.844   0.315   6.510   1.00 14.60 ? 119 LYS A CG  1 
ATOM   755  C  CD  . LYS A 1 101 ? 10.791  1.444   6.840   1.00 16.81 ? 119 LYS A CD  1 
ATOM   756  C  CE  . LYS A 1 101 ? 12.236  1.001   6.719   1.00 21.22 ? 119 LYS A CE  1 
ATOM   757  N  NZ  . LYS A 1 101 ? 13.163  2.057   7.200   1.00 22.69 ? 119 LYS A NZ  1 
ATOM   758  N  N   . SER A 1 102 ? 8.852   -3.544  9.021   1.00 12.75 ? 120 SER A N   1 
ATOM   759  C  CA  . SER A 1 102 ? 9.152   -4.632  9.947   1.00 14.51 ? 120 SER A CA  1 
ATOM   760  C  C   . SER A 1 102 ? 8.623   -5.940  9.370   1.00 14.04 ? 120 SER A C   1 
ATOM   761  O  O   . SER A 1 102 ? 8.154   -5.987  8.233   1.00 14.43 ? 120 SER A O   1 
ATOM   762  C  CB  . SER A 1 102 ? 8.491   -4.377  11.302  1.00 14.42 ? 120 SER A CB  1 
ATOM   763  O  OG  . SER A 1 102 ? 7.087   -4.532  11.199  1.00 15.94 ? 120 SER A OG  1 
ATOM   764  N  N   . ASP A 1 103 ? 8.697   -7.008  10.158  1.00 15.12 ? 121 ASP A N   1 
ATOM   765  C  CA  . ASP A 1 103 ? 8.214   -8.302  9.702   1.00 16.56 ? 121 ASP A CA  1 
ATOM   766  C  C   . ASP A 1 103 ? 6.933   -8.632  10.459  1.00 14.81 ? 121 ASP A C   1 
ATOM   767  O  O   . ASP A 1 103 ? 6.486   -9.780  10.497  1.00 13.91 ? 121 ASP A O   1 
ATOM   768  C  CB  . ASP A 1 103 ? 9.277   -9.378  9.935   1.00 18.09 ? 121 ASP A CB  1 
ATOM   769  C  CG  . ASP A 1 103 ? 9.260   -9.929  11.343  1.00 21.18 ? 121 ASP A CG  1 
ATOM   770  O  OD1 . ASP A 1 103 ? 9.100   -9.143  12.299  1.00 22.47 ? 121 ASP A OD1 1 
ATOM   771  O  OD2 . ASP A 1 103 ? 9.420   -11.158 11.490  1.00 23.76 ? 121 ASP A OD2 1 
ATOM   772  N  N   . TYR A 1 104 ? 6.349   -7.598  11.065  1.00 14.73 ? 122 TYR A N   1 
ATOM   773  C  CA  . TYR A 1 104 ? 5.104   -7.731  11.809  1.00 13.97 ? 122 TYR A CA  1 
ATOM   774  C  C   . TYR A 1 104 ? 3.967   -7.992  10.816  1.00 14.32 ? 122 TYR A C   1 
ATOM   775  O  O   . TYR A 1 104 ? 3.896   -7.350  9.773   1.00 14.30 ? 122 TYR A O   1 
ATOM   776  C  CB  . TYR A 1 104 ? 4.823   -6.442  12.585  1.00 14.93 ? 122 TYR A CB  1 
ATOM   777  C  CG  . TYR A 1 104 ? 3.478   -6.412  13.274  1.00 16.26 ? 122 TYR A CG  1 
ATOM   778  C  CD1 . TYR A 1 104 ? 3.282   -7.061  14.491  1.00 17.63 ? 122 TYR A CD1 1 
ATOM   779  C  CD2 . TYR A 1 104 ? 2.392   -5.748  12.699  1.00 17.24 ? 122 TYR A CD2 1 
ATOM   780  C  CE1 . TYR A 1 104 ? 2.038   -7.051  15.120  1.00 18.08 ? 122 TYR A CE1 1 
ATOM   781  C  CE2 . TYR A 1 104 ? 1.146   -5.733  13.316  1.00 18.15 ? 122 TYR A CE2 1 
ATOM   782  C  CZ  . TYR A 1 104 ? 0.976   -6.385  14.528  1.00 19.87 ? 122 TYR A CZ  1 
ATOM   783  O  OH  . TYR A 1 104 ? -0.253  -6.371  15.148  1.00 22.44 ? 122 TYR A OH  1 
ATOM   784  N  N   . ILE A 1 105 ? 3.072   -8.918  11.144  1.00 13.18 ? 123 ILE A N   1 
ATOM   785  C  CA  . ILE A 1 105 ? 1.966   -9.232  10.247  1.00 14.01 ? 123 ILE A CA  1 
ATOM   786  C  C   . ILE A 1 105 ? 0.587   -9.159  10.893  1.00 14.43 ? 123 ILE A C   1 
ATOM   787  O  O   . ILE A 1 105 ? 0.384   -9.615  12.017  1.00 13.79 ? 123 ILE A O   1 
ATOM   788  C  CB  . ILE A 1 105 ? 2.139   -10.645 9.630   1.00 15.36 ? 123 ILE A CB  1 
ATOM   789  C  CG1 . ILE A 1 105 ? 3.364   -10.672 8.718   1.00 15.51 ? 123 ILE A CG1 1 
ATOM   790  C  CG2 . ILE A 1 105 ? 0.895   -11.033 8.847   1.00 15.76 ? 123 ILE A CG2 1 
ATOM   791  C  CD1 . ILE A 1 105 ? 3.674   -12.042 8.154   1.00 15.46 ? 123 ILE A CD1 1 
ATOM   792  N  N   . CYS A 1 106 ? -0.358  -8.576  10.160  1.00 14.06 ? 124 CYS A N   1 
ATOM   793  C  CA  . CYS A 1 106 ? -1.742  -8.453  10.597  1.00 12.86 ? 124 CYS A CA  1 
ATOM   794  C  C   . CYS A 1 106 ? -2.585  -8.566  9.331   1.00 13.40 ? 124 CYS A C   1 
ATOM   795  O  O   . CYS A 1 106 ? -2.042  -8.628  8.224   1.00 11.55 ? 124 CYS A O   1 
ATOM   796  C  CB  . CYS A 1 106 ? -1.996  -7.109  11.279  1.00 13.60 ? 124 CYS A CB  1 
ATOM   797  S  SG  . CYS A 1 106 ? -1.952  -5.695  10.166  1.00 13.48 ? 124 CYS A SG  1 
ATOM   798  N  N   . SER A 1 107 ? -3.905  -8.595  9.490   1.00 10.83 ? 125 SER A N   1 
ATOM   799  C  CA  . SER A 1 107 ? -4.803  -8.739  8.353   1.00 10.21 ? 125 SER A CA  1 
ATOM   800  C  C   . SER A 1 107 ? -4.764  -7.581  7.363   1.00 8.60  ? 125 SER A C   1 
ATOM   801  O  O   . SER A 1 107 ? -5.299  -7.699  6.263   1.00 8.51  ? 125 SER A O   1 
ATOM   802  C  CB  . SER A 1 107 ? -6.243  -8.943  8.842   1.00 9.96  ? 125 SER A CB  1 
ATOM   803  O  OG  . SER A 1 107 ? -6.693  -7.838  9.613   1.00 11.80 ? 125 SER A OG  1 
ATOM   804  N  N   . ARG A 1 108 ? -4.133  -6.471  7.743   1.00 8.48  ? 126 ARG A N   1 
ATOM   805  C  CA  . ARG A 1 108 ? -4.055  -5.304  6.863   1.00 7.90  ? 126 ARG A CA  1 
ATOM   806  C  C   . ARG A 1 108 ? -2.780  -5.295  6.042   1.00 7.43  ? 126 ARG A C   1 
ATOM   807  O  O   . ARG A 1 108 ? -2.675  -4.579  5.048   1.00 7.99  ? 126 ARG A O   1 
ATOM   808  C  CB  . ARG A 1 108 ? -4.063  -4.007  7.673   1.00 11.25 ? 126 ARG A CB  1 
ATOM   809  C  CG  . ARG A 1 108 ? -5.196  -3.873  8.643   1.00 14.45 ? 126 ARG A CG  1 
ATOM   810  C  CD  . ARG A 1 108 ? -4.905  -2.779  9.645   1.00 20.08 ? 126 ARG A CD  1 
ATOM   811  N  NE  . ARG A 1 108 ? -5.287  -3.208  10.987  1.00 22.72 ? 126 ARG A NE  1 
ATOM   812  C  CZ  . ARG A 1 108 ? -6.103  -2.534  11.790  1.00 23.84 ? 126 ARG A CZ  1 
ATOM   813  N  NH1 . ARG A 1 108 ? -6.636  -1.382  11.394  1.00 26.97 ? 126 ARG A NH1 1 
ATOM   814  N  NH2 . ARG A 1 108 ? -6.388  -3.016  12.992  1.00 23.66 ? 126 ARG A NH2 1 
ATOM   815  N  N   . THR A 1 109 ? -1.811  -6.087  6.474   1.00 8.10  ? 127 THR A N   1 
ATOM   816  C  CA  . THR A 1 109 ? -0.508  -6.135  5.834   1.00 6.29  ? 127 THR A CA  1 
ATOM   817  C  C   . THR A 1 109 ? -0.406  -6.771  4.454   1.00 6.09  ? 127 THR A C   1 
ATOM   818  O  O   . THR A 1 109 ? -0.692  -7.951  4.272   1.00 7.45  ? 127 THR A O   1 
ATOM   819  C  CB  . THR A 1 109 ? 0.504   -6.814  6.774   1.00 6.23  ? 127 THR A CB  1 
ATOM   820  O  OG1 . THR A 1 109 ? 0.464   -6.165  8.051   1.00 8.24  ? 127 THR A OG1 1 
ATOM   821  C  CG2 . THR A 1 109 ? 1.903   -6.709  6.215   1.00 7.50  ? 127 THR A CG2 1 
ATOM   822  N  N   . LEU A 1 110 ? 0.045   -5.960  3.499   1.00 7.53  ? 128 LEU A N   1 
ATOM   823  C  CA  . LEU A 1 110 ? 0.228   -6.356  2.109   1.00 6.43  ? 128 LEU A CA  1 
ATOM   824  C  C   . LEU A 1 110 ? 1.692   -6.691  1.813   1.00 6.50  ? 128 LEU A C   1 
ATOM   825  O  O   . LEU A 1 110 ? 1.992   -7.504  0.932   1.00 8.09  ? 128 LEU A O   1 
ATOM   826  C  CB  . LEU A 1 110 ? -0.187  -5.201  1.188   1.00 8.31  ? 128 LEU A CB  1 
ATOM   827  C  CG  . LEU A 1 110 ? 0.022   -5.392  -0.315  1.00 7.63  ? 128 LEU A CG  1 
ATOM   828  C  CD1 . LEU A 1 110 ? -1.088  -6.282  -0.850  1.00 11.37 ? 128 LEU A CD1 1 
ATOM   829  C  CD2 . LEU A 1 110 ? 0.019   -4.048  -1.031  1.00 9.73  ? 128 LEU A CD2 1 
HETATM 830  N  N   . MSE A 1 111 ? 2.594   -6.077  2.575   1.00 7.51  ? 129 MSE A N   1 
HETATM 831  C  CA  . MSE A 1 111 ? 4.021   -6.222  2.349   1.00 7.99  ? 129 MSE A CA  1 
HETATM 832  C  C   . MSE A 1 111 ? 4.804   -6.041  3.646   1.00 8.18  ? 129 MSE A C   1 
HETATM 833  O  O   . MSE A 1 111 ? 4.443   -5.208  4.476   1.00 7.93  ? 129 MSE A O   1 
HETATM 834  C  CB  . MSE A 1 111 ? 4.427   -5.135  1.338   1.00 10.66 ? 129 MSE A CB  1 
HETATM 835  C  CG  . MSE A 1 111 ? 5.904   -4.917  1.103   1.00 15.09 ? 129 MSE A CG  1 
HETATM 836  SE SE  . MSE A 1 111 ? 6.215   -3.114  0.430   1.00 19.23 ? 129 MSE A SE  1 
HETATM 837  C  CE  . MSE A 1 111 ? 5.214   -3.226  -1.206  1.00 15.45 ? 129 MSE A CE  1 
ATOM   838  N  N   . ILE A 1 112 ? 5.860   -6.834  3.818   1.00 7.49  ? 130 ILE A N   1 
ATOM   839  C  CA  . ILE A 1 112 ? 6.727   -6.717  4.988   1.00 7.30  ? 130 ILE A CA  1 
ATOM   840  C  C   . ILE A 1 112 ? 8.145   -6.401  4.513   1.00 8.75  ? 130 ILE A C   1 
ATOM   841  O  O   . ILE A 1 112 ? 8.463   -6.570  3.333   1.00 7.65  ? 130 ILE A O   1 
ATOM   842  C  CB  . ILE A 1 112 ? 6.762   -8.013  5.844   1.00 8.80  ? 130 ILE A CB  1 
ATOM   843  C  CG1 . ILE A 1 112 ? 7.236   -9.197  5.011   1.00 7.08  ? 130 ILE A CG1 1 
ATOM   844  C  CG2 . ILE A 1 112 ? 5.391   -8.287  6.424   1.00 8.48  ? 130 ILE A CG2 1 
ATOM   845  C  CD1 . ILE A 1 112 ? 7.562   -10.420 5.840   1.00 9.58  ? 130 ILE A CD1 1 
ATOM   846  N  N   . ARG A 1 113 ? 8.982   -5.942  5.439   1.00 6.98  ? 131 ARG A N   1 
ATOM   847  C  CA  . ARG A 1 113 ? 10.364  -5.568  5.144   1.00 9.34  ? 131 ARG A CA  1 
ATOM   848  C  C   . ARG A 1 113 ? 10.486  -4.622  3.948   1.00 8.91  ? 131 ARG A C   1 
ATOM   849  O  O   . ARG A 1 113 ? 11.402  -4.735  3.135   1.00 9.63  ? 131 ARG A O   1 
ATOM   850  C  CB  . ARG A 1 113 ? 11.219  -6.821  4.927   1.00 11.06 ? 131 ARG A CB  1 
ATOM   851  C  CG  . ARG A 1 113 ? 11.482  -7.600  6.218   1.00 15.52 ? 131 ARG A CG  1 
ATOM   852  C  CD  . ARG A 1 113 ? 12.480  -8.732  6.010   1.00 19.81 ? 131 ARG A CD  1 
ATOM   853  N  NE  . ARG A 1 113 ? 11.903  -9.885  5.322   1.00 21.29 ? 131 ARG A NE  1 
ATOM   854  C  CZ  . ARG A 1 113 ? 12.321  -10.344 4.146   1.00 21.56 ? 131 ARG A CZ  1 
ATOM   855  N  NH1 . ARG A 1 113 ? 13.321  -9.743  3.517   1.00 22.48 ? 131 ARG A NH1 1 
ATOM   856  N  NH2 . ARG A 1 113 ? 11.750  -11.413 3.608   1.00 21.13 ? 131 ARG A NH2 1 
ATOM   857  N  N   . ALA A 1 114 ? 9.554   -3.675  3.866   1.00 8.50  ? 132 ALA A N   1 
ATOM   858  C  CA  . ALA A 1 114 ? 9.537   -2.686  2.795   1.00 6.98  ? 132 ALA A CA  1 
ATOM   859  C  C   . ALA A 1 114 ? 10.776  -1.804  2.896   1.00 6.76  ? 132 ALA A C   1 
ATOM   860  O  O   . ALA A 1 114 ? 11.323  -1.623  3.984   1.00 7.92  ? 132 ALA A O   1 
ATOM   861  C  CB  . ALA A 1 114 ? 8.289   -1.830  2.914   1.00 7.85  ? 132 ALA A CB  1 
ATOM   862  N  N   . ASP A 1 115 ? 11.213  -1.239  1.776   1.00 6.06  ? 133 ASP A N   1 
ATOM   863  C  CA  . ASP A 1 115 ? 12.394  -0.388  1.805   1.00 6.38  ? 133 ASP A CA  1 
ATOM   864  C  C   . ASP A 1 115 ? 12.056  1.051   2.157   1.00 8.02  ? 133 ASP A C   1 
ATOM   865  O  O   . ASP A 1 115 ? 12.938  1.834   2.507   1.00 9.45  ? 133 ASP A O   1 
ATOM   866  C  CB  . ASP A 1 115 ? 13.154  -0.462  0.469   1.00 6.34  ? 133 ASP A CB  1 
ATOM   867  C  CG  . ASP A 1 115 ? 12.319  -0.017  -0.727  1.00 7.32  ? 133 ASP A CG  1 
ATOM   868  O  OD1 . ASP A 1 115 ? 11.101  0.211   -0.574  1.00 7.03  ? 133 ASP A OD1 1 
ATOM   869  O  OD2 . ASP A 1 115 ? 12.891  0.098   -1.837  1.00 9.11  ? 133 ASP A OD2 1 
ATOM   870  N  N   . LYS A 1 116 ? 10.770  1.385   2.094   1.00 6.81  ? 134 LYS A N   1 
ATOM   871  C  CA  . LYS A 1 116 ? 10.308  2.736   2.398   1.00 7.44  ? 134 LYS A CA  1 
ATOM   872  C  C   . LYS A 1 116 ? 9.014   2.782   3.210   1.00 7.03  ? 134 LYS A C   1 
ATOM   873  O  O   . LYS A 1 116 ? 8.147   1.913   3.077   1.00 8.37  ? 134 LYS A O   1 
ATOM   874  C  CB  . LYS A 1 116 ? 10.067  3.519   1.105   1.00 7.47  ? 134 LYS A CB  1 
ATOM   875  C  CG  . LYS A 1 116 ? 11.296  3.700   0.240   1.00 9.22  ? 134 LYS A CG  1 
ATOM   876  C  CD  . LYS A 1 116 ? 10.989  4.539   -0.981  1.00 12.48 ? 134 LYS A CD  1 
ATOM   877  C  CE  . LYS A 1 116 ? 12.250  4.748   -1.812  1.00 15.27 ? 134 LYS A CE  1 
ATOM   878  N  NZ  . LYS A 1 116 ? 11.986  5.626   -2.994  1.00 18.18 ? 134 LYS A NZ  1 
ATOM   879  N  N   . ALA A 1 117 ? 8.898   3.818   4.038   1.00 7.39  ? 135 ALA A N   1 
ATOM   880  C  CA  . ALA A 1 117 ? 7.715   4.061   4.853   1.00 7.63  ? 135 ALA A CA  1 
ATOM   881  C  C   . ALA A 1 117 ? 7.144   5.399   4.373   1.00 7.94  ? 135 ALA A C   1 
ATOM   882  O  O   . ALA A 1 117 ? 7.685   6.007   3.454   1.00 8.43  ? 135 ALA A O   1 
ATOM   883  C  CB  . ALA A 1 117 ? 8.095   4.143   6.329   1.00 7.42  ? 135 ALA A CB  1 
ATOM   884  N  N   . ALA A 1 118 ? 6.046   5.848   4.972   1.00 7.79  ? 136 ALA A N   1 
ATOM   885  C  CA  . ALA A 1 118 ? 5.445   7.124   4.583   1.00 7.03  ? 136 ALA A CA  1 
ATOM   886  C  C   . ALA A 1 118 ? 6.513   8.223   4.622   1.00 8.26  ? 136 ALA A C   1 
ATOM   887  O  O   . ALA A 1 118 ? 6.617   9.057   3.720   1.00 9.30  ? 136 ALA A O   1 
ATOM   888  C  CB  . ALA A 1 118 ? 4.308   7.472   5.539   1.00 6.54  ? 136 ALA A CB  1 
ATOM   889  N  N   . PHE A 1 119 ? 7.289   8.196   5.696   1.00 10.13 ? 137 PHE A N   1 
ATOM   890  C  CA  . PHE A 1 119 ? 8.375   9.126   5.964   1.00 11.90 ? 137 PHE A CA  1 
ATOM   891  C  C   . PHE A 1 119 ? 9.333   9.350   4.794   1.00 11.71 ? 137 PHE A C   1 
ATOM   892  O  O   . PHE A 1 119 ? 9.885   10.438  4.641   1.00 11.59 ? 137 PHE A O   1 
ATOM   893  C  CB  . PHE A 1 119 ? 9.170   8.595   7.167   1.00 14.99 ? 137 PHE A CB  1 
ATOM   894  C  CG  . PHE A 1 119 ? 10.435  9.354   7.459   1.00 17.69 ? 137 PHE A CG  1 
ATOM   895  C  CD1 . PHE A 1 119 ? 10.397  10.568  8.136   1.00 20.10 ? 137 PHE A CD1 1 
ATOM   896  C  CD2 . PHE A 1 119 ? 11.669  8.846   7.063   1.00 19.15 ? 137 PHE A CD2 1 
ATOM   897  C  CE1 . PHE A 1 119 ? 11.571  11.265  8.416   1.00 21.48 ? 137 PHE A CE1 1 
ATOM   898  C  CE2 . PHE A 1 119 ? 12.848  9.535   7.337   1.00 20.10 ? 137 PHE A CE2 1 
ATOM   899  C  CZ  . PHE A 1 119 ? 12.798  10.746  8.015   1.00 19.98 ? 137 PHE A CZ  1 
ATOM   900  N  N   . ASP A 1 120 ? 9.524   8.317   3.977   1.00 9.31  ? 138 ASP A N   1 
ATOM   901  C  CA  . ASP A 1 120 ? 10.464  8.360   2.857   1.00 10.20 ? 138 ASP A CA  1 
ATOM   902  C  C   . ASP A 1 120 ? 9.890   8.759   1.509   1.00 8.97  ? 138 ASP A C   1 
ATOM   903  O  O   . ASP A 1 120 ? 10.631  8.916   0.540   1.00 10.61 ? 138 ASP A O   1 
ATOM   904  C  CB  . ASP A 1 120 ? 11.116  6.987   2.698   1.00 10.38 ? 138 ASP A CB  1 
ATOM   905  C  CG  . ASP A 1 120 ? 11.756  6.502   3.979   1.00 9.94  ? 138 ASP A CG  1 
ATOM   906  O  OD1 . ASP A 1 120 ? 12.731  7.139   4.426   1.00 11.72 ? 138 ASP A OD1 1 
ATOM   907  O  OD2 . ASP A 1 120 ? 11.284  5.493   4.540   1.00 11.21 ? 138 ASP A OD2 1 
ATOM   908  N  N   . LEU A 1 121 ? 8.576   8.924   1.447   1.00 8.60  ? 139 LEU A N   1 
ATOM   909  C  CA  . LEU A 1 121 ? 7.928   9.236   0.184   1.00 9.19  ? 139 LEU A CA  1 
ATOM   910  C  C   . LEU A 1 121 ? 8.261   10.572  -0.452  1.00 9.52  ? 139 LEU A C   1 
ATOM   911  O  O   . LEU A 1 121 ? 8.598   11.543  0.224   1.00 11.26 ? 139 LEU A O   1 
ATOM   912  C  CB  . LEU A 1 121 ? 6.414   9.087   0.328   1.00 9.62  ? 139 LEU A CB  1 
ATOM   913  C  CG  . LEU A 1 121 ? 5.960   7.672   0.714   1.00 9.29  ? 139 LEU A CG  1 
ATOM   914  C  CD1 . LEU A 1 121 ? 4.450   7.641   0.794   1.00 10.27 ? 139 LEU A CD1 1 
ATOM   915  C  CD2 . LEU A 1 121 ? 6.461   6.646   -0.298  1.00 9.02  ? 139 LEU A CD2 1 
ATOM   916  N  N   . ASP A 1 122 ? 8.157   10.583  -1.775  1.00 8.96  ? 140 ASP A N   1 
ATOM   917  C  CA  . ASP A 1 122 ? 8.427   11.750  -2.606  1.00 10.37 ? 140 ASP A CA  1 
ATOM   918  C  C   . ASP A 1 122 ? 7.664   12.982  -2.124  1.00 10.59 ? 140 ASP A C   1 
ATOM   919  O  O   . ASP A 1 122 ? 6.462   12.915  -1.878  1.00 11.04 ? 140 ASP A O   1 
ATOM   920  C  CB  . ASP A 1 122 ? 8.059   11.419  -4.054  1.00 13.48 ? 140 ASP A CB  1 
ATOM   921  C  CG  . ASP A 1 122 ? 8.268   12.583  -4.990  1.00 16.80 ? 140 ASP A CG  1 
ATOM   922  O  OD1 . ASP A 1 122 ? 9.344   13.208  -4.925  1.00 21.38 ? 140 ASP A OD1 1 
ATOM   923  O  OD2 . ASP A 1 122 ? 7.362   12.868  -5.800  1.00 19.63 ? 140 ASP A OD2 1 
ATOM   924  N  N   . GLU A 1 123 ? 8.371   14.104  -1.994  1.00 10.34 ? 141 GLU A N   1 
ATOM   925  C  CA  . GLU A 1 123 ? 7.751   15.345  -1.526  1.00 11.75 ? 141 GLU A CA  1 
ATOM   926  C  C   . GLU A 1 123 ? 6.676   15.827  -2.485  1.00 10.64 ? 141 GLU A C   1 
ATOM   927  O  O   . GLU A 1 123 ? 5.677   16.409  -2.063  1.00 10.46 ? 141 GLU A O   1 
ATOM   928  C  CB  . GLU A 1 123 ? 8.799   16.459  -1.330  1.00 14.59 ? 141 GLU A CB  1 
ATOM   929  C  CG  . GLU A 1 123 ? 9.530   16.902  -2.599  1.00 22.54 ? 141 GLU A CG  1 
ATOM   930  C  CD  . GLU A 1 123 ? 10.125  18.316  -2.500  1.00 26.17 ? 141 GLU A CD  1 
ATOM   931  O  OE1 . GLU A 1 123 ? 10.751  18.646  -1.469  1.00 27.87 ? 141 GLU A OE1 1 
ATOM   932  O  OE2 . GLU A 1 123 ? 9.971   19.098  -3.465  1.00 29.55 ? 141 GLU A OE2 1 
ATOM   933  N  N   . ASN A 1 124 ? 6.881   15.594  -3.777  1.00 10.78 ? 142 ASN A N   1 
ATOM   934  C  CA  . ASN A 1 124 ? 5.897   15.999  -4.778  1.00 11.96 ? 142 ASN A CA  1 
ATOM   935  C  C   . ASN A 1 124 ? 4.625   15.176  -4.609  1.00 11.58 ? 142 ASN A C   1 
ATOM   936  O  O   . ASN A 1 124 ? 3.514   15.668  -4.822  1.00 10.75 ? 142 ASN A O   1 
ATOM   937  C  CB  . ASN A 1 124 ? 6.470   15.810  -6.181  1.00 14.75 ? 142 ASN A CB  1 
ATOM   938  C  CG  . ASN A 1 124 ? 7.238   17.026  -6.657  1.00 18.12 ? 142 ASN A CG  1 
ATOM   939  O  OD1 . ASN A 1 124 ? 7.875   17.717  -5.867  1.00 20.39 ? 142 ASN A OD1 1 
ATOM   940  N  ND2 . ASN A 1 124 ? 7.191   17.284  -7.959  1.00 22.14 ? 142 ASN A ND2 1 
ATOM   941  N  N   . LEU A 1 125 ? 4.792   13.915  -4.224  1.00 11.64 ? 143 LEU A N   1 
ATOM   942  C  CA  . LEU A 1 125 ? 3.647   13.043  -4.012  1.00 11.63 ? 143 LEU A CA  1 
ATOM   943  C  C   . LEU A 1 125 ? 2.853   13.565  -2.815  1.00 12.62 ? 143 LEU A C   1 
ATOM   944  O  O   . LEU A 1 125 ? 1.643   13.789  -2.909  1.00 11.76 ? 143 LEU A O   1 
ATOM   945  C  CB  . LEU A 1 125 ? 4.105   11.604  -3.742  1.00 12.01 ? 143 LEU A CB  1 
ATOM   946  C  CG  . LEU A 1 125 ? 3.009   10.532  -3.808  1.00 10.26 ? 143 LEU A CG  1 
ATOM   947  C  CD1 . LEU A 1 125 ? 2.818   10.097  -5.254  1.00 11.54 ? 143 LEU A CD1 1 
ATOM   948  C  CD2 . LEU A 1 125 ? 3.397   9.338   -2.953  1.00 12.22 ? 143 LEU A CD2 1 
ATOM   949  N  N   . VAL A 1 126 ? 3.532   13.776  -1.689  1.00 11.72 ? 144 VAL A N   1 
ATOM   950  C  CA  . VAL A 1 126 ? 2.871   14.261  -0.484  1.00 13.54 ? 144 VAL A CA  1 
ATOM   951  C  C   . VAL A 1 126 ? 2.187   15.599  -0.741  1.00 11.95 ? 144 VAL A C   1 
ATOM   952  O  O   . VAL A 1 126 ? 1.096   15.840  -0.214  1.00 13.07 ? 144 VAL A O   1 
ATOM   953  C  CB  . VAL A 1 126 ? 3.859   14.386  0.689   1.00 13.74 ? 144 VAL A CB  1 
ATOM   954  C  CG1 . VAL A 1 126 ? 3.175   15.006  1.898   1.00 16.54 ? 144 VAL A CG1 1 
ATOM   955  C  CG2 . VAL A 1 126 ? 4.445   13.027  1.038   1.00 14.62 ? 144 VAL A CG2 1 
ATOM   956  N  N   . ARG A 1 127 ? 2.803   16.472  -1.529  1.00 11.35 ? 145 ARG A N   1 
ATOM   957  C  CA  . ARG A 1 127 ? 2.199   17.772  -1.817  1.00 10.37 ? 145 ARG A CA  1 
ATOM   958  C  C   . ARG A 1 127 ? 0.850   17.593  -2.509  1.00 9.29  ? 145 ARG A C   1 
ATOM   959  O  O   . ARG A 1 127 ? -0.130  18.233  -2.133  1.00 10.25 ? 145 ARG A O   1 
ATOM   960  C  CB  . ARG A 1 127 ? 3.135   18.631  -2.682  1.00 10.45 ? 145 ARG A CB  1 
ATOM   961  C  CG  . ARG A 1 127 ? 4.282   19.258  -1.896  1.00 14.20 ? 145 ARG A CG  1 
ATOM   962  C  CD  . ARG A 1 127 ? 5.338   19.879  -2.810  1.00 14.83 ? 145 ARG A CD  1 
ATOM   963  N  NE  . ARG A 1 127 ? 6.352   20.602  -2.046  1.00 16.61 ? 145 ARG A NE  1 
ATOM   964  C  CZ  . ARG A 1 127 ? 7.542   20.954  -2.523  1.00 17.75 ? 145 ARG A CZ  1 
ATOM   965  N  NH1 . ARG A 1 127 ? 7.879   20.645  -3.765  1.00 20.95 ? 145 ARG A NH1 1 
ATOM   966  N  NH2 . ARG A 1 127 ? 8.394   21.625  -1.760  1.00 20.17 ? 145 ARG A NH2 1 
ATOM   967  N  N   . ASP A 1 128 ? 0.790   16.714  -3.508  1.00 9.07  ? 146 ASP A N   1 
ATOM   968  C  CA  . ASP A 1 128 ? -0.472  16.474  -4.208  1.00 8.82  ? 146 ASP A CA  1 
ATOM   969  C  C   . ASP A 1 128 ? -1.514  15.847  -3.283  1.00 8.74  ? 146 ASP A C   1 
ATOM   970  O  O   . ASP A 1 128 ? -2.688  16.194  -3.337  1.00 9.46  ? 146 ASP A O   1 
ATOM   971  C  CB  . ASP A 1 128 ? -0.286  15.536  -5.402  1.00 8.10  ? 146 ASP A CB  1 
ATOM   972  C  CG  . ASP A 1 128 ? 0.475   16.171  -6.544  1.00 9.86  ? 146 ASP A CG  1 
ATOM   973  O  OD1 . ASP A 1 128 ? 0.373   17.401  -6.736  1.00 10.60 ? 146 ASP A OD1 1 
ATOM   974  O  OD2 . ASP A 1 128 ? 1.159   15.424  -7.268  1.00 11.37 ? 146 ASP A OD2 1 
ATOM   975  N  N   . LEU A 1 129 ? -1.083  14.914  -2.443  1.00 8.42  ? 147 LEU A N   1 
ATOM   976  C  CA  . LEU A 1 129 ? -2.007  14.253  -1.533  1.00 9.48  ? 147 LEU A CA  1 
ATOM   977  C  C   . LEU A 1 129 ? -2.602  15.231  -0.537  1.00 10.72 ? 147 LEU A C   1 
ATOM   978  O  O   . LEU A 1 129 ? -3.784  15.151  -0.212  1.00 10.38 ? 147 LEU A O   1 
ATOM   979  C  CB  . LEU A 1 129 ? -1.304  13.109  -0.797  1.00 9.61  ? 147 LEU A CB  1 
ATOM   980  C  CG  . LEU A 1 129 ? -0.828  11.983  -1.727  1.00 10.07 ? 147 LEU A CG  1 
ATOM   981  C  CD1 . LEU A 1 129 ? -0.012  10.978  -0.931  1.00 9.88  ? 147 LEU A CD1 1 
ATOM   982  C  CD2 . LEU A 1 129 ? -2.025  11.299  -2.381  1.00 8.62  ? 147 LEU A CD2 1 
ATOM   983  N  N   . ARG A 1 130 ? -1.786  16.163  -0.061  1.00 11.24 ? 148 ARG A N   1 
ATOM   984  C  CA  . ARG A 1 130 ? -2.267  17.154  0.890   1.00 12.79 ? 148 ARG A CA  1 
ATOM   985  C  C   . ARG A 1 130 ? -3.280  18.091  0.240   1.00 12.10 ? 148 ARG A C   1 
ATOM   986  O  O   . ARG A 1 130 ? -4.026  18.777  0.935   1.00 12.82 ? 148 ARG A O   1 
ATOM   987  C  CB  . ARG A 1 130 ? -1.099  17.959  1.460   1.00 15.94 ? 148 ARG A CB  1 
ATOM   988  C  CG  . ARG A 1 130 ? -0.283  17.194  2.486   1.00 20.26 ? 148 ARG A CG  1 
ATOM   989  C  CD  . ARG A 1 130 ? 0.891   18.023  2.968   1.00 26.00 ? 148 ARG A CD  1 
ATOM   990  N  NE  . ARG A 1 130 ? 1.670   17.323  3.984   1.00 30.48 ? 148 ARG A NE  1 
ATOM   991  C  CZ  . ARG A 1 130 ? 2.845   17.742  4.442   1.00 32.23 ? 148 ARG A CZ  1 
ATOM   992  N  NH1 . ARG A 1 130 ? 3.383   18.862  3.972   1.00 32.76 ? 148 ARG A NH1 1 
ATOM   993  N  NH2 . ARG A 1 130 ? 3.484   17.040  5.369   1.00 32.99 ? 148 ARG A NH2 1 
ATOM   994  N  N   . LYS A 1 131 ? -3.297  18.126  -1.091  1.00 11.56 ? 149 LYS A N   1 
ATOM   995  C  CA  . LYS A 1 131 ? -4.244  18.963  -1.820  1.00 12.01 ? 149 LYS A CA  1 
ATOM   996  C  C   . LYS A 1 131 ? -5.482  18.135  -2.180  1.00 12.61 ? 149 LYS A C   1 
ATOM   997  O  O   . LYS A 1 131 ? -6.370  18.603  -2.896  1.00 13.46 ? 149 LYS A O   1 
ATOM   998  C  CB  . LYS A 1 131 ? -3.612  19.527  -3.096  1.00 12.35 ? 149 LYS A CB  1 
ATOM   999  C  CG  . LYS A 1 131 ? -2.481  20.519  -2.855  1.00 12.81 ? 149 LYS A CG  1 
ATOM   1000 C  CD  . LYS A 1 131 ? -2.024  21.140  -4.165  1.00 15.83 ? 149 LYS A CD  1 
ATOM   1001 C  CE  . LYS A 1 131 ? -0.855  22.094  -3.955  1.00 18.67 ? 149 LYS A CE  1 
ATOM   1002 N  NZ  . LYS A 1 131 ? -0.521  22.821  -5.212  1.00 21.76 ? 149 LYS A NZ  1 
ATOM   1003 N  N   . GLY A 1 132 ? -5.524  16.902  -1.675  1.00 11.97 ? 150 GLY A N   1 
ATOM   1004 C  CA  . GLY A 1 132 ? -6.648  16.016  -1.921  1.00 13.14 ? 150 GLY A CA  1 
ATOM   1005 C  C   . GLY A 1 132 ? -6.747  15.441  -3.320  1.00 12.41 ? 150 GLY A C   1 
ATOM   1006 O  O   . GLY A 1 132 ? -7.803  14.950  -3.714  1.00 13.17 ? 150 GLY A O   1 
ATOM   1007 N  N   . ARG A 1 133 ? -5.645  15.472  -4.065  1.00 11.50 ? 151 ARG A N   1 
ATOM   1008 C  CA  . ARG A 1 133 ? -5.631  14.968  -5.434  1.00 12.15 ? 151 ARG A CA  1 
ATOM   1009 C  C   . ARG A 1 133 ? -5.673  13.453  -5.527  1.00 11.39 ? 151 ARG A C   1 
ATOM   1010 O  O   . ARG A 1 133 ? -5.374  12.748  -4.559  1.00 9.51  ? 151 ARG A O   1 
ATOM   1011 C  CB  . ARG A 1 133 ? -4.413  15.519  -6.175  1.00 12.75 ? 151 ARG A CB  1 
ATOM   1012 C  CG  . ARG A 1 133 ? -4.473  17.029  -6.302  1.00 15.67 ? 151 ARG A CG  1 
ATOM   1013 C  CD  . ARG A 1 133 ? -3.243  17.621  -6.950  1.00 18.66 ? 151 ARG A CD  1 
ATOM   1014 N  NE  . ARG A 1 133 ? -3.426  19.053  -7.171  1.00 21.21 ? 151 ARG A NE  1 
ATOM   1015 C  CZ  . ARG A 1 133 ? -2.463  19.877  -7.567  1.00 22.75 ? 151 ARG A CZ  1 
ATOM   1016 N  NH1 . ARG A 1 133 ? -1.239  19.413  -7.786  1.00 22.76 ? 151 ARG A NH1 1 
ATOM   1017 N  NH2 . ARG A 1 133 ? -2.726  21.163  -7.748  1.00 23.24 ? 151 ARG A NH2 1 
ATOM   1018 N  N   . GLU A 1 134 ? -6.054  12.965  -6.702  1.00 11.28 ? 152 GLU A N   1 
ATOM   1019 C  CA  . GLU A 1 134 ? -6.170  11.530  -6.933  1.00 13.20 ? 152 GLU A CA  1 
ATOM   1020 C  C   . GLU A 1 134 ? -4.846  10.801  -6.793  1.00 11.97 ? 152 GLU A C   1 
ATOM   1021 O  O   . GLU A 1 134 ? -3.783  11.343  -7.096  1.00 12.10 ? 152 GLU A O   1 
ATOM   1022 C  CB  . GLU A 1 134 ? -6.762  11.254  -8.323  1.00 16.93 ? 152 GLU A CB  1 
ATOM   1023 C  CG  . GLU A 1 134 ? -8.182  11.791  -8.513  1.00 23.78 ? 152 GLU A CG  1 
ATOM   1024 C  CD  . GLU A 1 134 ? -8.231  13.190  -9.120  1.00 28.60 ? 152 GLU A CD  1 
ATOM   1025 O  OE1 . GLU A 1 134 ? -7.402  14.055  -8.746  1.00 31.75 ? 152 GLU A OE1 1 
ATOM   1026 O  OE2 . GLU A 1 134 ? -9.120  13.429  -9.970  1.00 30.76 ? 152 GLU A OE2 1 
ATOM   1027 N  N   . LEU A 1 135 ? -4.926  9.563   -6.319  1.00 10.80 ? 153 LEU A N   1 
ATOM   1028 C  CA  . LEU A 1 135 ? -3.753  8.722   -6.141  1.00 9.63  ? 153 LEU A CA  1 
ATOM   1029 C  C   . LEU A 1 135 ? -3.986  7.399   -6.864  1.00 9.45  ? 153 LEU A C   1 
ATOM   1030 O  O   . LEU A 1 135 ? -5.033  6.779   -6.702  1.00 9.15  ? 153 LEU A O   1 
ATOM   1031 C  CB  . LEU A 1 135 ? -3.508  8.451   -4.654  1.00 9.83  ? 153 LEU A CB  1 
ATOM   1032 C  CG  . LEU A 1 135 ? -2.443  7.395   -4.342  1.00 9.93  ? 153 LEU A CG  1 
ATOM   1033 C  CD1 . LEU A 1 135 ? -1.078  7.891   -4.795  1.00 10.53 ? 153 LEU A CD1 1 
ATOM   1034 C  CD2 . LEU A 1 135 ? -2.435  7.097   -2.856  1.00 10.21 ? 153 LEU A CD2 1 
ATOM   1035 N  N   . LYS A 1 136 ? -3.016  6.989   -7.678  1.00 8.72  ? 154 LYS A N   1 
ATOM   1036 C  CA  . LYS A 1 136 ? -3.087  5.722   -8.404  1.00 9.93  ? 154 LYS A CA  1 
ATOM   1037 C  C   . LYS A 1 136 ? -2.104  4.803   -7.704  1.00 9.25  ? 154 LYS A C   1 
ATOM   1038 O  O   . LYS A 1 136 ? -0.934  5.151   -7.577  1.00 9.86  ? 154 LYS A O   1 
ATOM   1039 C  CB  . LYS A 1 136 ? -2.657  5.902   -9.863  1.00 13.96 ? 154 LYS A CB  1 
ATOM   1040 C  CG  . LYS A 1 136 ? -3.672  6.631   -10.718 1.00 17.76 ? 154 LYS A CG  1 
ATOM   1041 C  CD  . LYS A 1 136 ? -4.909  5.775   -10.936 1.00 24.31 ? 154 LYS A CD  1 
ATOM   1042 C  CE  . LYS A 1 136 ? -4.876  5.038   -12.278 1.00 26.97 ? 154 LYS A CE  1 
ATOM   1043 N  NZ  . LYS A 1 136 ? -3.706  4.123   -12.430 1.00 29.40 ? 154 LYS A NZ  1 
ATOM   1044 N  N   . VAL A 1 137 ? -2.573  3.644   -7.249  1.00 8.38  ? 155 VAL A N   1 
ATOM   1045 C  CA  . VAL A 1 137 ? -1.711  2.686   -6.552  1.00 9.20  ? 155 VAL A CA  1 
ATOM   1046 C  C   . VAL A 1 137 ? -1.593  1.376   -7.317  1.00 9.36  ? 155 VAL A C   1 
ATOM   1047 O  O   . VAL A 1 137 ? -2.576  0.661   -7.486  1.00 12.27 ? 155 VAL A O   1 
ATOM   1048 C  CB  . VAL A 1 137 ? -2.259  2.375   -5.141  1.00 9.44  ? 155 VAL A CB  1 
ATOM   1049 C  CG1 . VAL A 1 137 ? -1.346  1.371   -4.437  1.00 8.64  ? 155 VAL A CG1 1 
ATOM   1050 C  CG2 . VAL A 1 137 ? -2.379  3.657   -4.329  1.00 10.17 ? 155 VAL A CG2 1 
ATOM   1051 N  N   . GLU A 1 138 ? -0.389  1.057   -7.781  1.00 7.43  ? 156 GLU A N   1 
ATOM   1052 C  CA  . GLU A 1 138 ? -0.185  -0.180  -8.524  1.00 9.21  ? 156 GLU A CA  1 
ATOM   1053 C  C   . GLU A 1 138 ? 0.605   -1.181  -7.696  1.00 7.61  ? 156 GLU A C   1 
ATOM   1054 O  O   . GLU A 1 138 ? 1.631   -0.847  -7.098  1.00 9.50  ? 156 GLU A O   1 
ATOM   1055 C  CB  . GLU A 1 138 ? 0.543   0.095   -9.836  1.00 8.94  ? 156 GLU A CB  1 
ATOM   1056 C  CG  . GLU A 1 138 ? 0.802   -1.155  -10.659 1.00 12.12 ? 156 GLU A CG  1 
ATOM   1057 C  CD  . GLU A 1 138 ? 1.485   -0.846  -11.968 1.00 14.92 ? 156 GLU A CD  1 
ATOM   1058 O  OE1 . GLU A 1 138 ? 2.285   0.114   -12.001 1.00 17.75 ? 156 GLU A OE1 1 
ATOM   1059 O  OE2 . GLU A 1 138 ? 1.231   -1.563  -12.959 1.00 15.69 ? 156 GLU A OE2 1 
ATOM   1060 N  N   . ILE A 1 139 ? 0.104   -2.411  -7.664  1.00 7.34  ? 157 ILE A N   1 
ATOM   1061 C  CA  . ILE A 1 139 ? 0.717   -3.498  -6.913  1.00 7.63  ? 157 ILE A CA  1 
ATOM   1062 C  C   . ILE A 1 139 ? 1.251   -4.513  -7.905  1.00 7.76  ? 157 ILE A C   1 
ATOM   1063 O  O   . ILE A 1 139 ? 0.520   -4.966  -8.786  1.00 7.54  ? 157 ILE A O   1 
ATOM   1064 C  CB  . ILE A 1 139 ? -0.324  -4.188  -6.009  1.00 7.47  ? 157 ILE A CB  1 
ATOM   1065 C  CG1 . ILE A 1 139 ? -1.015  -3.138  -5.131  1.00 8.51  ? 157 ILE A CG1 1 
ATOM   1066 C  CG2 . ILE A 1 139 ? 0.353   -5.262  -5.161  1.00 8.73  ? 157 ILE A CG2 1 
ATOM   1067 C  CD1 . ILE A 1 139 ? -2.214  -3.658  -4.359  1.00 8.38  ? 157 ILE A CD1 1 
ATOM   1068 N  N   . ILE A 1 140 ? 2.534   -4.842  -7.772  1.00 6.54  ? 158 ILE A N   1 
ATOM   1069 C  CA  . ILE A 1 140 ? 3.190   -5.798  -8.655  1.00 8.29  ? 158 ILE A CA  1 
ATOM   1070 C  C   . ILE A 1 140 ? 3.769   -6.903  -7.787  1.00 7.39  ? 158 ILE A C   1 
ATOM   1071 O  O   . ILE A 1 140 ? 4.534   -6.637  -6.851  1.00 9.30  ? 158 ILE A O   1 
ATOM   1072 C  CB  . ILE A 1 140 ? 4.327   -5.126  -9.439  1.00 7.30  ? 158 ILE A CB  1 
ATOM   1073 C  CG1 . ILE A 1 140 ? 3.799   -3.868  -10.125 1.00 10.25 ? 158 ILE A CG1 1 
ATOM   1074 C  CG2 . ILE A 1 140 ? 4.904   -6.092  -10.464 1.00 9.40  ? 158 ILE A CG2 1 
ATOM   1075 C  CD1 . ILE A 1 140 ? 4.886   -2.938  -10.609 1.00 13.02 ? 158 ILE A CD1 1 
ATOM   1076 N  N   . VAL A 1 141 ? 3.397   -8.141  -8.095  1.00 7.28  ? 159 VAL A N   1 
ATOM   1077 C  CA  . VAL A 1 141 ? 3.865   -9.297  -7.348  1.00 7.10  ? 159 VAL A CA  1 
ATOM   1078 C  C   . VAL A 1 141 ? 4.569   -10.285 -8.278  1.00 7.20  ? 159 VAL A C   1 
ATOM   1079 O  O   . VAL A 1 141 ? 4.019   -10.679 -9.308  1.00 7.47  ? 159 VAL A O   1 
ATOM   1080 C  CB  . VAL A 1 141 ? 2.685   -10.042 -6.662  1.00 6.84  ? 159 VAL A CB  1 
ATOM   1081 C  CG1 . VAL A 1 141 ? 3.217   -11.071 -5.668  1.00 8.98  ? 159 VAL A CG1 1 
ATOM   1082 C  CG2 . VAL A 1 141 ? 1.759   -9.044  -5.973  1.00 10.84 ? 159 VAL A CG2 1 
ATOM   1083 N  N   . GLU A 1 142 ? 5.792   -10.661 -7.915  1.00 6.69  ? 160 GLU A N   1 
ATOM   1084 C  CA  . GLU A 1 142 ? 6.564   -11.634 -8.685  1.00 8.22  ? 160 GLU A CA  1 
ATOM   1085 C  C   . GLU A 1 142 ? 6.649   -12.817 -7.727  1.00 8.56  ? 160 GLU A C   1 
ATOM   1086 O  O   . GLU A 1 142 ? 7.020   -12.652 -6.573  1.00 9.49  ? 160 GLU A O   1 
ATOM   1087 C  CB  . GLU A 1 142 ? 7.952   -11.082 -9.021  1.00 10.97 ? 160 GLU A CB  1 
ATOM   1088 C  CG  . GLU A 1 142 ? 8.780   -11.974 -9.952  1.00 15.57 ? 160 GLU A CG  1 
ATOM   1089 C  CD  . GLU A 1 142 ? 9.919   -11.212 -10.620 1.00 18.95 ? 160 GLU A CD  1 
ATOM   1090 O  OE1 . GLU A 1 142 ? 10.645  -10.479 -9.914  1.00 22.13 ? 160 GLU A OE1 1 
ATOM   1091 O  OE2 . GLU A 1 142 ? 10.088  -11.343 -11.853 1.00 20.41 ? 160 GLU A OE2 1 
ATOM   1092 N  N   . TYR A 1 143 ? 6.291   -14.004 -8.201  1.00 7.58  ? 161 TYR A N   1 
ATOM   1093 C  CA  . TYR A 1 143 ? 6.262   -15.162 -7.317  1.00 8.30  ? 161 TYR A CA  1 
ATOM   1094 C  C   . TYR A 1 143 ? 6.577   -16.491 -7.984  1.00 9.22  ? 161 TYR A C   1 
ATOM   1095 O  O   . TYR A 1 143 ? 6.598   -16.603 -9.205  1.00 9.61  ? 161 TYR A O   1 
ATOM   1096 C  CB  . TYR A 1 143 ? 4.863   -15.238 -6.700  1.00 7.88  ? 161 TYR A CB  1 
ATOM   1097 C  CG  . TYR A 1 143 ? 3.768   -15.351 -7.748  1.00 10.16 ? 161 TYR A CG  1 
ATOM   1098 C  CD1 . TYR A 1 143 ? 3.187   -16.585 -8.053  1.00 10.64 ? 161 TYR A CD1 1 
ATOM   1099 C  CD2 . TYR A 1 143 ? 3.362   -14.234 -8.486  1.00 8.73  ? 161 TYR A CD2 1 
ATOM   1100 C  CE1 . TYR A 1 143 ? 2.236   -16.705 -9.066  1.00 11.63 ? 161 TYR A CE1 1 
ATOM   1101 C  CE2 . TYR A 1 143 ? 2.412   -14.344 -9.503  1.00 9.65  ? 161 TYR A CE2 1 
ATOM   1102 C  CZ  . TYR A 1 143 ? 1.856   -15.581 -9.787  1.00 10.24 ? 161 TYR A CZ  1 
ATOM   1103 O  OH  . TYR A 1 143 ? 0.925   -15.702 -10.796 1.00 11.85 ? 161 TYR A OH  1 
ATOM   1104 N  N   . GLU A 1 144 ? 6.834   -17.498 -7.154  1.00 9.71  ? 162 GLU A N   1 
ATOM   1105 C  CA  . GLU A 1 144 ? 7.078   -18.846 -7.631  1.00 13.00 ? 162 GLU A CA  1 
ATOM   1106 C  C   . GLU A 1 144 ? 5.699   -19.507 -7.674  1.00 13.31 ? 162 GLU A C   1 
ATOM   1107 O  O   . GLU A 1 144 ? 4.941   -19.433 -6.710  1.00 13.16 ? 162 GLU A O   1 
ATOM   1108 C  CB  . GLU A 1 144 ? 8.001   -19.597 -6.670  1.00 15.93 ? 162 GLU A CB  1 
ATOM   1109 C  CG  . GLU A 1 144 ? 9.484   -19.424 -6.971  1.00 20.82 ? 162 GLU A CG  1 
ATOM   1110 C  CD  . GLU A 1 144 ? 9.883   -20.054 -8.293  1.00 23.24 ? 162 GLU A CD  1 
ATOM   1111 O  OE1 . GLU A 1 144 ? 9.406   -21.175 -8.581  1.00 26.08 ? 162 GLU A OE1 1 
ATOM   1112 O  OE2 . GLU A 1 144 ? 10.680  -19.440 -9.039  1.00 27.23 ? 162 GLU A OE2 1 
ATOM   1113 N  N   . GLY A 1 145 ? 5.377   -20.140 -8.797  1.00 14.24 ? 163 GLY A N   1 
ATOM   1114 C  CA  . GLY A 1 145 ? 4.081   -20.776 -8.953  1.00 16.22 ? 163 GLY A CA  1 
ATOM   1115 C  C   . GLY A 1 145 ? 3.692   -21.853 -7.956  1.00 16.72 ? 163 GLY A C   1 
ATOM   1116 O  O   . GLY A 1 145 ? 2.544   -21.888 -7.509  1.00 16.01 ? 163 GLY A O   1 
ATOM   1117 N  N   . HIS A 1 146 ? 4.626   -22.732 -7.607  1.00 18.52 ? 164 HIS A N   1 
ATOM   1118 C  CA  . HIS A 1 146 ? 4.340   -23.815 -6.661  1.00 22.05 ? 164 HIS A CA  1 
ATOM   1119 C  C   . HIS A 1 146 ? 4.835   -23.482 -5.252  1.00 24.17 ? 164 HIS A C   1 
ATOM   1120 O  O   . HIS A 1 146 ? 5.999   -23.113 -5.066  1.00 25.96 ? 164 HIS A O   1 
ATOM   1121 C  CB  . HIS A 1 146 ? 5.021   -25.121 -7.100  1.00 21.90 ? 164 HIS A CB  1 
ATOM   1122 C  CG  . HIS A 1 146 ? 4.815   -25.473 -8.540  1.00 21.27 ? 164 HIS A CG  1 
ATOM   1123 N  ND1 . HIS A 1 146 ? 3.569   -25.681 -9.088  1.00 20.62 ? 164 HIS A ND1 1 
ATOM   1124 C  CD2 . HIS A 1 146 ? 5.706   -25.688 -9.537  1.00 20.53 ? 164 HIS A CD2 1 
ATOM   1125 C  CE1 . HIS A 1 146 ? 3.700   -26.009 -10.361 1.00 18.76 ? 164 HIS A CE1 1 
ATOM   1126 N  NE2 . HIS A 1 146 ? 4.986   -26.021 -10.658 1.00 21.45 ? 164 HIS A NE2 1 
ATOM   1127 N  N   . HIS A 1 147 ? 3.962   -23.636 -4.261  1.00 25.99 ? 165 HIS A N   1 
ATOM   1128 C  CA  . HIS A 1 147 ? 4.329   -23.361 -2.872  1.00 27.03 ? 165 HIS A CA  1 
ATOM   1129 C  C   . HIS A 1 147 ? 3.607   -24.336 -1.947  1.00 25.13 ? 165 HIS A C   1 
ATOM   1130 O  O   . HIS A 1 147 ? 2.866   -25.183 -2.478  1.00 22.54 ? 165 HIS A O   1 
ATOM   1131 C  CB  . HIS A 1 147 ? 3.949   -21.927 -2.494  1.00 31.78 ? 165 HIS A CB  1 
ATOM   1132 C  CG  . HIS A 1 147 ? 2.498   -21.753 -2.171  1.00 35.58 ? 165 HIS A CG  1 
ATOM   1133 N  ND1 . HIS A 1 147 ? 1.492   -22.188 -3.008  1.00 37.65 ? 165 HIS A ND1 1 
ATOM   1134 C  CD2 . HIS A 1 147 ? 1.884   -21.196 -1.100  1.00 36.79 ? 165 HIS A CD2 1 
ATOM   1135 C  CE1 . HIS A 1 147 ? 0.320   -21.907 -2.466  1.00 38.82 ? 165 HIS A CE1 1 
ATOM   1136 N  NE2 . HIS A 1 147 ? 0.529   -21.304 -1.309  1.00 38.87 ? 165 HIS A NE2 1 
HETATM 1137 O  O   . HOH B 2 .   ? -0.570  10.932  7.064   1.00 11.36 ? 170 HOH A O   1 
HETATM 1138 O  O   . HOH B 2 .   ? -2.378  -9.670  5.659   1.00 10.82 ? 171 HOH A O   1 
HETATM 1139 O  O   . HOH B 2 .   ? -8.310  -13.828 -9.037  1.00 13.23 ? 172 HOH A O   1 
HETATM 1140 O  O   . HOH B 2 .   ? -3.089  13.540  -8.679  1.00 14.54 ? 173 HOH A O   1 
HETATM 1141 O  O   . HOH B 2 .   ? -1.683  -17.048 -7.599  1.00 14.13 ? 174 HOH A O   1 
HETATM 1142 O  O   . HOH B 2 .   ? 6.503   0.809   4.915   1.00 11.41 ? 175 HOH A O   1 
HETATM 1143 O  O   . HOH B 2 .   ? 12.778  -2.818  6.033   1.00 11.49 ? 176 HOH A O   1 
HETATM 1144 O  O   . HOH B 2 .   ? 11.906  1.306   -4.026  1.00 17.01 ? 177 HOH A O   1 
HETATM 1145 O  O   . HOH B 2 .   ? 0.845   2.056   10.962  1.00 13.27 ? 178 HOH A O   1 
HETATM 1146 O  O   . HOH B 2 .   ? 0.409   3.923   -10.167 1.00 16.24 ? 179 HOH A O   1 
HETATM 1147 O  O   . HOH B 2 .   ? -1.630  -8.977  -13.945 1.00 15.80 ? 180 HOH A O   1 
HETATM 1148 O  O   . HOH B 2 .   ? 0.453   20.774  -0.881  1.00 14.56 ? 181 HOH A O   1 
HETATM 1149 O  O   . HOH B 2 .   ? 3.026   -14.256 -15.125 1.00 15.05 ? 182 HOH A O   1 
HETATM 1150 O  O   . HOH B 2 .   ? -10.745 -12.811 -7.808  1.00 17.29 ? 183 HOH A O   1 
HETATM 1151 O  O   . HOH B 2 .   ? -13.873 4.086   -0.512  1.00 13.40 ? 184 HOH A O   1 
HETATM 1152 O  O   . HOH B 2 .   ? 15.142  6.449   5.387   1.00 14.13 ? 185 HOH A O   1 
HETATM 1153 O  O   . HOH B 2 .   ? -5.819  21.046  0.273   1.00 23.57 ? 186 HOH A O   1 
HETATM 1154 O  O   . HOH B 2 .   ? -3.115  -19.563 -7.587  1.00 21.10 ? 187 HOH A O   1 
HETATM 1155 O  O   . HOH B 2 .   ? 5.647   21.391  0.276   1.00 19.91 ? 188 HOH A O   1 
HETATM 1156 O  O   . HOH B 2 .   ? -10.990 7.684   -5.843  1.00 31.12 ? 189 HOH A O   1 
HETATM 1157 O  O   . HOH B 2 .   ? -13.114 -8.003  -5.518  1.00 15.88 ? 190 HOH A O   1 
HETATM 1158 O  O   . HOH B 2 .   ? 13.133  -3.899  -0.277  1.00 17.53 ? 191 HOH A O   1 
HETATM 1159 O  O   . HOH B 2 .   ? -5.832  -3.611  -12.595 1.00 18.75 ? 192 HOH A O   1 
HETATM 1160 O  O   . HOH B 2 .   ? 7.879   -16.449 9.648   1.00 20.35 ? 193 HOH A O   1 
HETATM 1161 O  O   . HOH B 2 .   ? 7.471   -7.459  -7.596  1.00 15.04 ? 194 HOH A O   1 
HETATM 1162 O  O   . HOH B 2 .   ? -15.119 12.381  1.906   1.00 19.85 ? 195 HOH A O   1 
HETATM 1163 O  O   . HOH B 2 .   ? -12.420 11.094  0.787   1.00 24.37 ? 196 HOH A O   1 
HETATM 1164 O  O   . HOH B 2 .   ? 6.377   6.329   13.162  1.00 22.39 ? 197 HOH A O   1 
HETATM 1165 O  O   . HOH B 2 .   ? -10.154 -6.645  -7.390  1.00 23.50 ? 198 HOH A O   1 
HETATM 1166 O  O   . HOH B 2 .   ? 13.937  -3.995  2.236   1.00 20.98 ? 199 HOH A O   1 
HETATM 1167 O  O   . HOH B 2 .   ? -9.471  14.423  -5.809  1.00 19.45 ? 200 HOH A O   1 
HETATM 1168 O  O   . HOH B 2 .   ? 0.394   -19.575 -8.071  1.00 17.79 ? 201 HOH A O   1 
HETATM 1169 O  O   . HOH B 2 .   ? 15.457  -5.858  1.390   1.00 20.21 ? 202 HOH A O   1 
HETATM 1170 O  O   . HOH B 2 .   ? 0.380   14.916  -14.771 1.00 24.01 ? 203 HOH A O   1 
HETATM 1171 O  O   . HOH B 2 .   ? -11.844 1.179   9.323   1.00 17.72 ? 204 HOH A O   1 
HETATM 1172 O  O   . HOH B 2 .   ? -1.720  -2.365  -12.990 1.00 22.65 ? 205 HOH A O   1 
HETATM 1173 O  O   . HOH B 2 .   ? -6.571  21.253  -3.781  1.00 25.64 ? 206 HOH A O   1 
HETATM 1174 O  O   . HOH B 2 .   ? 14.040  -11.527 1.742   1.00 20.43 ? 207 HOH A O   1 
HETATM 1175 O  O   . HOH B 2 .   ? 10.581  22.065  -4.479  1.00 21.86 ? 208 HOH A O   1 
HETATM 1176 O  O   . HOH B 2 .   ? 14.015  4.110   2.919   1.00 18.98 ? 209 HOH A O   1 
HETATM 1177 O  O   . HOH B 2 .   ? -13.940 7.816   7.481   1.00 23.11 ? 210 HOH A O   1 
HETATM 1178 O  O   . HOH B 2 .   ? -15.340 -2.104  4.163   1.00 21.78 ? 211 HOH A O   1 
HETATM 1179 O  O   . HOH B 2 .   ? -1.071  -18.657 -0.888  1.00 22.12 ? 212 HOH A O   1 
HETATM 1180 O  O   . HOH B 2 .   ? -1.208  -21.320 -6.276  1.00 24.62 ? 213 HOH A O   1 
HETATM 1181 O  O   . HOH B 2 .   ? 0.788   -15.334 -13.495 1.00 22.14 ? 214 HOH A O   1 
HETATM 1182 O  O   . HOH B 2 .   ? -10.287 -17.444 -7.125  1.00 21.93 ? 215 HOH A O   1 
HETATM 1183 O  O   . HOH B 2 .   ? 0.407   25.450  -3.923  1.00 17.73 ? 216 HOH A O   1 
HETATM 1184 O  O   . HOH B 2 .   ? 7.062   -1.574  10.089  1.00 18.91 ? 217 HOH A O   1 
HETATM 1185 O  O   . HOH B 2 .   ? 4.649   -7.037  -15.472 1.00 25.86 ? 218 HOH A O   1 
HETATM 1186 O  O   . HOH B 2 .   ? 2.338   20.641  1.140   1.00 26.80 ? 219 HOH A O   1 
HETATM 1187 O  O   . HOH B 2 .   ? 10.417  -6.305  -4.215  1.00 25.71 ? 220 HOH A O   1 
HETATM 1188 O  O   . HOH B 2 .   ? 12.713  4.079   5.993   1.00 23.83 ? 221 HOH A O   1 
HETATM 1189 O  O   . HOH B 2 .   ? -14.010 0.468   -2.144  1.00 24.69 ? 222 HOH A O   1 
HETATM 1190 O  O   . HOH B 2 .   ? -7.360  -12.275 -11.469 1.00 34.79 ? 223 HOH A O   1 
HETATM 1191 O  O   . HOH B 2 .   ? -5.486  -8.330  11.844  1.00 24.91 ? 224 HOH A O   1 
HETATM 1192 O  O   . HOH B 2 .   ? -13.586 -3.284  1.195   1.00 28.16 ? 225 HOH A O   1 
HETATM 1193 O  O   . HOH B 2 .   ? -9.515  -0.821  -8.454  1.00 30.53 ? 226 HOH A O   1 
HETATM 1194 O  O   . HOH B 2 .   ? 11.423  3.749   -8.851  1.00 28.35 ? 227 HOH A O   1 
HETATM 1195 O  O   . HOH B 2 .   ? 12.763  6.864   10.209  1.00 29.22 ? 228 HOH A O   1 
HETATM 1196 O  O   . HOH B 2 .   ? 0.750   -23.517 -4.996  1.00 28.85 ? 229 HOH A O   1 
HETATM 1197 O  O   . HOH B 2 .   ? 11.183  9.544   -3.032  1.00 25.75 ? 230 HOH A O   1 
HETATM 1198 O  O   . HOH B 2 .   ? -6.902  -16.720 -12.319 1.00 26.74 ? 231 HOH A O   1 
HETATM 1199 O  O   . HOH B 2 .   ? -9.957  6.696   9.442   1.00 28.34 ? 232 HOH A O   1 
HETATM 1200 O  O   . HOH B 2 .   ? 9.604   13.143  6.381   1.00 28.65 ? 233 HOH A O   1 
HETATM 1201 O  O   . HOH B 2 .   ? 4.120   0.820   -13.874 1.00 18.70 ? 234 HOH A O   1 
HETATM 1202 O  O   . HOH B 2 .   ? -8.254  18.301  -5.212  1.00 25.13 ? 235 HOH A O   1 
HETATM 1203 O  O   . HOH B 2 .   ? -3.878  -9.290  -10.312 1.00 24.30 ? 236 HOH A O   1 
HETATM 1204 O  O   . HOH B 2 .   ? 1.278   19.829  -5.540  1.00 23.06 ? 237 HOH A O   1 
HETATM 1205 O  O   . HOH B 2 .   ? 9.235   -6.769  -12.470 1.00 30.80 ? 238 HOH A O   1 
HETATM 1206 O  O   . HOH B 2 .   ? 3.250   -10.647 13.387  1.00 24.78 ? 239 HOH A O   1 
HETATM 1207 O  O   . HOH B 2 .   ? -0.251  6.454   12.576  1.00 26.81 ? 240 HOH A O   1 
HETATM 1208 O  O   . HOH B 2 .   ? 3.678   17.854  -6.043  1.00 27.68 ? 241 HOH A O   1 
HETATM 1209 O  O   . HOH B 2 .   ? 4.627   8.034   14.222  1.00 24.19 ? 242 HOH A O   1 
HETATM 1210 O  O   . HOH B 2 .   ? -2.036  -17.040 4.831   1.00 22.14 ? 243 HOH A O   1 
HETATM 1211 O  O   . HOH B 2 .   ? 10.895  8.245   -6.156  1.00 33.08 ? 244 HOH A O   1 
HETATM 1212 O  O   . HOH B 2 .   ? -5.612  -15.687 0.240   1.00 29.04 ? 245 HOH A O   1 
HETATM 1213 O  O   . HOH B 2 .   ? -12.038 5.399   -6.037  1.00 33.16 ? 246 HOH A O   1 
HETATM 1214 O  O   . HOH B 2 .   ? -3.799  16.247  -13.655 1.00 30.05 ? 247 HOH A O   1 
HETATM 1215 O  O   . HOH B 2 .   ? 14.824  -1.688  -2.383  1.00 21.86 ? 248 HOH A O   1 
HETATM 1216 O  O   . HOH B 2 .   ? 5.552   -18.977 8.555   1.00 29.81 ? 249 HOH A O   1 
HETATM 1217 O  O   . HOH B 2 .   ? -11.963 -15.244 -7.763  1.00 29.26 ? 250 HOH A O   1 
HETATM 1218 O  O   . HOH B 2 .   ? 8.337   -18.749 -3.925  1.00 32.21 ? 251 HOH A O   1 
HETATM 1219 O  O   . HOH B 2 .   ? 5.587   20.373  -6.587  1.00 35.70 ? 252 HOH A O   1 
HETATM 1220 O  O   . HOH B 2 .   ? -10.608 -3.943  -9.958  1.00 29.83 ? 253 HOH A O   1 
HETATM 1221 O  O   . HOH B 2 .   ? -5.561  21.518  -9.063  1.00 31.33 ? 254 HOH A O   1 
HETATM 1222 O  O   . HOH B 2 .   ? -2.214  -4.206  14.088  1.00 32.24 ? 255 HOH A O   1 
HETATM 1223 O  O   . HOH B 2 .   ? -8.253  -13.083 1.928   1.00 24.66 ? 256 HOH A O   1 
HETATM 1224 O  O   . HOH B 2 .   ? -1.653  18.109  6.005   1.00 27.59 ? 257 HOH A O   1 
HETATM 1225 O  O   . HOH B 2 .   ? -10.061 16.840  9.688   1.00 32.97 ? 258 HOH A O   1 
HETATM 1226 O  O   . HOH B 2 .   ? -4.919  14.950  -10.441 1.00 31.76 ? 259 HOH A O   1 
HETATM 1227 O  O   . HOH B 2 .   ? -9.422  -17.111 -11.677 1.00 20.28 ? 260 HOH A O   1 
HETATM 1228 O  O   . HOH B 2 .   ? 14.252  -4.850  5.889   1.00 17.83 ? 261 HOH A O   1 
HETATM 1229 O  O   . HOH B 2 .   ? 3.086   21.870  -5.244  1.00 23.89 ? 262 HOH A O   1 
HETATM 1230 O  O   . HOH B 2 .   ? 6.780   -16.634 -4.113  1.00 13.23 ? 263 HOH A O   1 
HETATM 1231 O  O   . HOH B 2 .   ? -15.710 -5.574  1.224   1.00 24.83 ? 264 HOH A O   1 
HETATM 1232 O  O   . HOH B 2 .   ? -10.651 12.486  -7.157  1.00 24.66 ? 265 HOH A O   1 
HETATM 1233 O  O   . HOH B 2 .   ? 8.453   -7.018  14.317  1.00 28.93 ? 266 HOH A O   1 
HETATM 1234 O  O   . HOH B 2 .   ? -11.930 -10.497 -9.383  1.00 23.21 ? 267 HOH A O   1 
HETATM 1235 O  O   . HOH B 2 .   ? -7.319  -15.547 -2.408  1.00 26.59 ? 268 HOH A O   1 
HETATM 1236 O  O   . HOH B 2 .   ? 8.018   -21.245 -2.672  1.00 27.06 ? 269 HOH A O   1 
HETATM 1237 O  O   . HOH B 2 .   ? -2.218  -20.480 -3.017  1.00 28.46 ? 270 HOH A O   1 
HETATM 1238 O  O   . HOH B 2 .   ? -11.543 16.493  7.044   1.00 28.27 ? 271 HOH A O   1 
HETATM 1239 O  O   . HOH B 2 .   ? -1.150  2.638   -12.081 1.00 27.09 ? 272 HOH A O   1 
HETATM 1240 O  O   . HOH B 2 .   ? 9.102   -21.531 -11.437 1.00 26.94 ? 273 HOH A O   1 
HETATM 1241 O  O   . HOH B 2 .   ? -8.457  2.715   9.401   1.00 28.44 ? 274 HOH A O   1 
HETATM 1242 O  O   . HOH B 2 .   ? -4.367  -7.426  14.077  1.00 22.56 ? 275 HOH A O   1 
HETATM 1243 O  O   . HOH B 2 .   ? 10.490  15.528  5.233   1.00 24.45 ? 276 HOH A O   1 
HETATM 1244 O  O   . HOH B 2 .   ? 7.451   -14.117 0.167   1.00 25.28 ? 277 HOH A O   1 
HETATM 1245 O  O   . HOH B 2 .   ? -2.970  -18.301 1.341   1.00 29.28 ? 278 HOH A O   1 
HETATM 1246 O  O   . HOH B 2 .   ? 9.716   -17.816 -14.844 1.00 21.74 ? 279 HOH A O   1 
HETATM 1247 O  O   . HOH B 2 .   ? -10.156 20.494  -5.511  1.00 26.53 ? 280 HOH A O   1 
HETATM 1248 O  O   . HOH B 2 .   ? -0.222  3.795   12.785  1.00 22.57 ? 281 HOH A O   1 
HETATM 1249 O  O   . HOH B 2 .   ? 2.738   -8.631  -16.207 1.00 27.05 ? 282 HOH A O   1 
HETATM 1250 O  O   . HOH B 2 .   ? 10.007  10.815  -8.146  1.00 23.86 ? 283 HOH A O   1 
HETATM 1251 O  O   . HOH B 2 .   ? -7.618  -18.683 -2.009  1.00 23.02 ? 284 HOH A O   1 
HETATM 1252 O  O   . HOH B 2 .   ? 3.230   5.506   15.561  1.00 23.37 ? 285 HOH A O   1 
HETATM 1253 O  O   . HOH B 2 .   ? 0.781   21.298  -7.338  1.00 28.61 ? 286 HOH A O   1 
HETATM 1254 O  O   . HOH B 2 .   ? -7.380  6.267   10.258  1.00 28.56 ? 287 HOH A O   1 
HETATM 1255 O  O   . HOH B 2 .   ? -6.912  22.297  2.541   1.00 24.15 ? 288 HOH A O   1 
HETATM 1256 O  O   . HOH B 2 .   ? 3.007   -12.168 -16.722 1.00 29.92 ? 289 HOH A O   1 
HETATM 1257 O  O   . HOH B 2 .   ? 6.847   -20.482 -11.027 1.00 24.13 ? 290 HOH A O   1 
HETATM 1258 O  O   . HOH B 2 .   ? -8.951  -16.420 -9.334  1.00 15.67 ? 291 HOH A O   1 
HETATM 1259 O  O   . HOH B 2 .   ? -1.153  12.990  9.421   1.00 18.99 ? 292 HOH A O   1 
HETATM 1260 O  O   . HOH B 2 .   ? 8.917   -7.470  -9.906  1.00 19.32 ? 293 HOH A O   1 
HETATM 1261 O  O   . HOH B 2 .   ? -1.570  -15.584 -13.982 1.00 19.91 ? 294 HOH A O   1 
HETATM 1262 O  O   . HOH B 2 .   ? -13.427 4.833   -3.939  1.00 21.53 ? 295 HOH A O   1 
# 
